data_1WQ9
# 
_entry.id   1WQ9 
# 
_audit_conform.dict_name       mmcif_pdbx.dic 
_audit_conform.dict_version    5.397 
_audit_conform.dict_location   http://mmcif.pdb.org/dictionaries/ascii/mmcif_pdbx.dic 
# 
loop_
_database_2.database_id 
_database_2.database_code 
_database_2.pdbx_database_accession 
_database_2.pdbx_DOI 
PDB   1WQ9         pdb_00001wq9 10.2210/pdb1wq9/pdb 
RCSB  RCSB023876   ?            ?                   
WWPDB D_1000023876 ?            ?                   
# 
loop_
_pdbx_audit_revision_history.ordinal 
_pdbx_audit_revision_history.data_content_type 
_pdbx_audit_revision_history.major_revision 
_pdbx_audit_revision_history.minor_revision 
_pdbx_audit_revision_history.revision_date 
1 'Structure model' 1 0 2004-12-07 
2 'Structure model' 1 1 2008-04-30 
3 'Structure model' 1 2 2011-07-13 
4 'Structure model' 2 0 2019-12-25 
5 'Structure model' 2 1 2024-10-23 
# 
_pdbx_audit_revision_details.ordinal             1 
_pdbx_audit_revision_details.revision_ordinal    1 
_pdbx_audit_revision_details.data_content_type   'Structure model' 
_pdbx_audit_revision_details.provider            repository 
_pdbx_audit_revision_details.type                'Initial release' 
_pdbx_audit_revision_details.description         ? 
_pdbx_audit_revision_details.details             ? 
# 
loop_
_pdbx_audit_revision_group.ordinal 
_pdbx_audit_revision_group.revision_ordinal 
_pdbx_audit_revision_group.data_content_type 
_pdbx_audit_revision_group.group 
1 2 'Structure model' 'Version format compliance' 
2 3 'Structure model' 'Version format compliance' 
3 4 'Structure model' 'Derived calculations'      
4 4 'Structure model' 'Polymer sequence'          
5 5 'Structure model' 'Data collection'           
6 5 'Structure model' 'Database references'       
7 5 'Structure model' 'Structure summary'         
# 
loop_
_pdbx_audit_revision_category.ordinal 
_pdbx_audit_revision_category.revision_ordinal 
_pdbx_audit_revision_category.data_content_type 
_pdbx_audit_revision_category.category 
1 4 'Structure model' entity_poly               
2 4 'Structure model' pdbx_struct_mod_residue   
3 4 'Structure model' struct_conn               
4 5 'Structure model' chem_comp_atom            
5 5 'Structure model' chem_comp_bond            
6 5 'Structure model' database_2                
7 5 'Structure model' pdbx_entry_details        
8 5 'Structure model' pdbx_modification_feature 
# 
loop_
_pdbx_audit_revision_item.ordinal 
_pdbx_audit_revision_item.revision_ordinal 
_pdbx_audit_revision_item.data_content_type 
_pdbx_audit_revision_item.item 
1 4 'Structure model' '_entity_poly.pdbx_seq_one_letter_code_can' 
2 4 'Structure model' '_pdbx_struct_mod_residue.parent_comp_id'   
3 4 'Structure model' '_struct_conn.pdbx_leaving_atom_flag'       
4 5 'Structure model' '_database_2.pdbx_DOI'                      
5 5 'Structure model' '_database_2.pdbx_database_accession'       
# 
_pdbx_database_status.status_code                     REL 
_pdbx_database_status.entry_id                        1WQ9 
_pdbx_database_status.recvd_initial_deposition_date   2004-09-24 
_pdbx_database_status.deposit_site                    PDBJ 
_pdbx_database_status.process_site                    PDBJ 
_pdbx_database_status.status_code_sf                  REL 
_pdbx_database_status.SG_entry                        . 
_pdbx_database_status.pdb_format_compatible           Y 
_pdbx_database_status.status_code_mr                  ? 
_pdbx_database_status.status_code_cs                  ? 
_pdbx_database_status.methods_development_category    ? 
_pdbx_database_status.status_code_nmr_data            ? 
# 
_pdbx_database_related.db_name        PDB 
_pdbx_database_related.db_id          1WQ8 
_pdbx_database_related.details        'Vammin, a VEGF-F from a snake venom' 
_pdbx_database_related.content_type   unspecified 
# 
loop_
_audit_author.name 
_audit_author.pdbx_ordinal 
'Suto, K.'     1 
'Yamazaki, Y.' 2 
'Morita, T.'   3 
'Mizuno, H.'   4 
# 
loop_
_citation.id 
_citation.title 
_citation.journal_abbrev 
_citation.journal_volume 
_citation.page_first 
_citation.page_last 
_citation.year 
_citation.journal_id_ASTM 
_citation.country 
_citation.journal_id_ISSN 
_citation.journal_id_CSD 
_citation.book_publisher 
_citation.pdbx_database_id_PubMed 
_citation.pdbx_database_id_DOI 
primary 
;Crystal structures of novel vascular endothelial growth factors (VEGF) from snake venoms: insight into selective VEGF binding to kinase insert domain-containing receptor but not to fms-like tyrosine kinase-1.
;
J.Biol.Chem. 280 2126  2131  2005 JBCHA3 US 0021-9258 0071 ? 15542594 10.1074/jbc.M411395200 
1       
;Snake venom vascular endothelial growth factors (VEGFs) exhibit potent activity through their specific recognition of KDR (VEGF receptor 2)
;
J.Biol.Chem. 278 51985 51988 2003 JBCHA3 US 0021-9258 0071 ? 14600159 10.1074/jbc.C300454200 
# 
loop_
_citation_author.citation_id 
_citation_author.name 
_citation_author.ordinal 
_citation_author.identifier_ORCID 
primary 'Suto, K.'     1 ? 
primary 'Yamazaki, Y.' 2 ? 
primary 'Morita, T.'   3 ? 
primary 'Mizuno, H.'   4 ? 
1       'Yamazaki, Y.' 5 ? 
1       'Takani, K.'   6 ? 
1       'Atoda, H.'    7 ? 
1       'Morita, T.'   8 ? 
# 
loop_
_entity.id 
_entity.type 
_entity.src_method 
_entity.pdbx_description 
_entity.formula_weight 
_entity.pdbx_number_of_molecules 
_entity.pdbx_ec 
_entity.pdbx_mutation 
_entity.pdbx_fragment 
_entity.details 
1 polymer nat 'Vascular endothelial growth factor' 10965.716 1   ? ? ? ? 
2 polymer nat 'Vascular endothelial growth factor' 10947.701 1   ? ? ? ? 
3 water   nat water                                18.015    143 ? ? ? ? 
# 
loop_
_entity_name_com.entity_id 
_entity_name_com.name 
1 'VR-1, VEGF-F' 
2 'VR-1, VEGF-F' 
# 
loop_
_entity_poly.entity_id 
_entity_poly.type 
_entity_poly.nstd_linkage 
_entity_poly.nstd_monomer 
_entity_poly.pdbx_seq_one_letter_code 
_entity_poly.pdbx_seq_one_letter_code_can 
_entity_poly.pdbx_strand_id 
_entity_poly.pdbx_target_identifier 
1 'polypeptide(L)' no no  
;EVRPFLDVYQRSACQTRETLVSILQEHPDEISDIFRPSCVAVLRCSGCCTDESMKCTPVGKHTADIQIMRMNPRTHSSKM
EVMKFMEHTACECRPA
;
;EVRPFLDVYQRSACQTRETLVSILQEHPDEISDIFRPSCVAVLRCSGCCTDESMKCTPVGKHTADIQIMRMNPRTHSSKM
EVMKFMEHTACECRPA
;
A ? 
2 'polypeptide(L)' no yes 
;(PCA)VRPFLDVYQRSACQTRETLVSILQEHPDEISDIFRPSCVAVLRCSGCCTDESMKCTPVGKHTADIQIMRMNPRTH
SSKMEVMKFMEHTACECRPA
;
;QVRPFLDVYQRSACQTRETLVSILQEHPDEISDIFRPSCVAVLRCSGCCTDESMKCTPVGKHTADIQIMRMNPRTHSSKM
EVMKFMEHTACECRPA
;
B ? 
# 
_pdbx_entity_nonpoly.entity_id   3 
_pdbx_entity_nonpoly.name        water 
_pdbx_entity_nonpoly.comp_id     HOH 
# 
loop_
_entity_poly_seq.entity_id 
_entity_poly_seq.num 
_entity_poly_seq.mon_id 
_entity_poly_seq.hetero 
1 1  GLU n 
1 2  VAL n 
1 3  ARG n 
1 4  PRO n 
1 5  PHE n 
1 6  LEU n 
1 7  ASP n 
1 8  VAL n 
1 9  TYR n 
1 10 GLN n 
1 11 ARG n 
1 12 SER n 
1 13 ALA n 
1 14 CYS n 
1 15 GLN n 
1 16 THR n 
1 17 ARG n 
1 18 GLU n 
1 19 THR n 
1 20 LEU n 
1 21 VAL n 
1 22 SER n 
1 23 ILE n 
1 24 LEU n 
1 25 GLN n 
1 26 GLU n 
1 27 HIS n 
1 28 PRO n 
1 29 ASP n 
1 30 GLU n 
1 31 ILE n 
1 32 SER n 
1 33 ASP n 
1 34 ILE n 
1 35 PHE n 
1 36 ARG n 
1 37 PRO n 
1 38 SER n 
1 39 CYS n 
1 40 VAL n 
1 41 ALA n 
1 42 VAL n 
1 43 LEU n 
1 44 ARG n 
1 45 CYS n 
1 46 SER n 
1 47 GLY n 
1 48 CYS n 
1 49 CYS n 
1 50 THR n 
1 51 ASP n 
1 52 GLU n 
1 53 SER n 
1 54 MET n 
1 55 LYS n 
1 56 CYS n 
1 57 THR n 
1 58 PRO n 
1 59 VAL n 
1 60 GLY n 
1 61 LYS n 
1 62 HIS n 
1 63 THR n 
1 64 ALA n 
1 65 ASP n 
1 66 ILE n 
1 67 GLN n 
1 68 ILE n 
1 69 MET n 
1 70 ARG n 
1 71 MET n 
1 72 ASN n 
1 73 PRO n 
1 74 ARG n 
1 75 THR n 
1 76 HIS n 
1 77 SER n 
1 78 SER n 
1 79 LYS n 
1 80 MET n 
1 81 GLU n 
1 82 VAL n 
1 83 MET n 
1 84 LYS n 
1 85 PHE n 
1 86 MET n 
1 87 GLU n 
1 88 HIS n 
1 89 THR n 
1 90 ALA n 
1 91 CYS n 
1 92 GLU n 
1 93 CYS n 
1 94 ARG n 
1 95 PRO n 
1 96 ALA n 
2 1  PCA n 
2 2  VAL n 
2 3  ARG n 
2 4  PRO n 
2 5  PHE n 
2 6  LEU n 
2 7  ASP n 
2 8  VAL n 
2 9  TYR n 
2 10 GLN n 
2 11 ARG n 
2 12 SER n 
2 13 ALA n 
2 14 CYS n 
2 15 GLN n 
2 16 THR n 
2 17 ARG n 
2 18 GLU n 
2 19 THR n 
2 20 LEU n 
2 21 VAL n 
2 22 SER n 
2 23 ILE n 
2 24 LEU n 
2 25 GLN n 
2 26 GLU n 
2 27 HIS n 
2 28 PRO n 
2 29 ASP n 
2 30 GLU n 
2 31 ILE n 
2 32 SER n 
2 33 ASP n 
2 34 ILE n 
2 35 PHE n 
2 36 ARG n 
2 37 PRO n 
2 38 SER n 
2 39 CYS n 
2 40 VAL n 
2 41 ALA n 
2 42 VAL n 
2 43 LEU n 
2 44 ARG n 
2 45 CYS n 
2 46 SER n 
2 47 GLY n 
2 48 CYS n 
2 49 CYS n 
2 50 THR n 
2 51 ASP n 
2 52 GLU n 
2 53 SER n 
2 54 MET n 
2 55 LYS n 
2 56 CYS n 
2 57 THR n 
2 58 PRO n 
2 59 VAL n 
2 60 GLY n 
2 61 LYS n 
2 62 HIS n 
2 63 THR n 
2 64 ALA n 
2 65 ASP n 
2 66 ILE n 
2 67 GLN n 
2 68 ILE n 
2 69 MET n 
2 70 ARG n 
2 71 MET n 
2 72 ASN n 
2 73 PRO n 
2 74 ARG n 
2 75 THR n 
2 76 HIS n 
2 77 SER n 
2 78 SER n 
2 79 LYS n 
2 80 MET n 
2 81 GLU n 
2 82 VAL n 
2 83 MET n 
2 84 LYS n 
2 85 PHE n 
2 86 MET n 
2 87 GLU n 
2 88 HIS n 
2 89 THR n 
2 90 ALA n 
2 91 CYS n 
2 92 GLU n 
2 93 CYS n 
2 94 ARG n 
2 95 PRO n 
2 96 ALA n 
# 
loop_
_entity_src_nat.entity_id 
_entity_src_nat.pdbx_src_id 
_entity_src_nat.pdbx_alt_source_flag 
_entity_src_nat.pdbx_beg_seq_num 
_entity_src_nat.pdbx_end_seq_num 
_entity_src_nat.common_name 
_entity_src_nat.pdbx_organism_scientific 
_entity_src_nat.pdbx_ncbi_taxonomy_id 
_entity_src_nat.genus 
_entity_src_nat.species 
_entity_src_nat.strain 
_entity_src_nat.tissue 
_entity_src_nat.tissue_fraction 
_entity_src_nat.pdbx_secretion 
_entity_src_nat.pdbx_fragment 
_entity_src_nat.pdbx_variant 
_entity_src_nat.pdbx_cell_line 
_entity_src_nat.pdbx_atcc 
_entity_src_nat.pdbx_cellular_location 
_entity_src_nat.pdbx_organ 
_entity_src_nat.pdbx_organelle 
_entity_src_nat.pdbx_cell 
_entity_src_nat.pdbx_plasmid_name 
_entity_src_nat.pdbx_plasmid_details 
_entity_src_nat.details 
1 1 sample ? ? ? 'Daboia russellii russellii' 31159 Daboia 'Daboia russellii' russellii ? ? venom ? ? ? ? ? ? ? ? ? ? ? 
2 1 sample ? ? ? 'Daboia russellii russellii' 31159 Daboia 'Daboia russellii' russellii ? ? venom ? ? ? ? ? ? ? ? ? ? ? 
# 
loop_
_chem_comp.id 
_chem_comp.type 
_chem_comp.mon_nstd_flag 
_chem_comp.name 
_chem_comp.pdbx_synonyms 
_chem_comp.formula 
_chem_comp.formula_weight 
ALA 'L-peptide linking' y ALANINE             ? 'C3 H7 N O2'     89.093  
ARG 'L-peptide linking' y ARGININE            ? 'C6 H15 N4 O2 1' 175.209 
ASN 'L-peptide linking' y ASPARAGINE          ? 'C4 H8 N2 O3'    132.118 
ASP 'L-peptide linking' y 'ASPARTIC ACID'     ? 'C4 H7 N O4'     133.103 
CYS 'L-peptide linking' y CYSTEINE            ? 'C3 H7 N O2 S'   121.158 
GLN 'L-peptide linking' y GLUTAMINE           ? 'C5 H10 N2 O3'   146.144 
GLU 'L-peptide linking' y 'GLUTAMIC ACID'     ? 'C5 H9 N O4'     147.129 
GLY 'peptide linking'   y GLYCINE             ? 'C2 H5 N O2'     75.067  
HIS 'L-peptide linking' y HISTIDINE           ? 'C6 H10 N3 O2 1' 156.162 
HOH non-polymer         . WATER               ? 'H2 O'           18.015  
ILE 'L-peptide linking' y ISOLEUCINE          ? 'C6 H13 N O2'    131.173 
LEU 'L-peptide linking' y LEUCINE             ? 'C6 H13 N O2'    131.173 
LYS 'L-peptide linking' y LYSINE              ? 'C6 H15 N2 O2 1' 147.195 
MET 'L-peptide linking' y METHIONINE          ? 'C5 H11 N O2 S'  149.211 
PCA 'L-peptide linking' n 'PYROGLUTAMIC ACID' ? 'C5 H7 N O3'     129.114 
PHE 'L-peptide linking' y PHENYLALANINE       ? 'C9 H11 N O2'    165.189 
PRO 'L-peptide linking' y PROLINE             ? 'C5 H9 N O2'     115.130 
SER 'L-peptide linking' y SERINE              ? 'C3 H7 N O3'     105.093 
THR 'L-peptide linking' y THREONINE           ? 'C4 H9 N O3'     119.119 
TYR 'L-peptide linking' y TYROSINE            ? 'C9 H11 N O3'    181.189 
VAL 'L-peptide linking' y VALINE              ? 'C5 H11 N O2'    117.146 
# 
loop_
_pdbx_poly_seq_scheme.asym_id 
_pdbx_poly_seq_scheme.entity_id 
_pdbx_poly_seq_scheme.seq_id 
_pdbx_poly_seq_scheme.mon_id 
_pdbx_poly_seq_scheme.ndb_seq_num 
_pdbx_poly_seq_scheme.pdb_seq_num 
_pdbx_poly_seq_scheme.auth_seq_num 
_pdbx_poly_seq_scheme.pdb_mon_id 
_pdbx_poly_seq_scheme.auth_mon_id 
_pdbx_poly_seq_scheme.pdb_strand_id 
_pdbx_poly_seq_scheme.pdb_ins_code 
_pdbx_poly_seq_scheme.hetero 
A 1 1  GLU 1  1  1  GLU GLU A . n 
A 1 2  VAL 2  2  2  VAL VAL A . n 
A 1 3  ARG 3  3  3  ARG ARG A . n 
A 1 4  PRO 4  4  4  PRO PRO A . n 
A 1 5  PHE 5  5  5  PHE PHE A . n 
A 1 6  LEU 6  6  6  LEU LEU A . n 
A 1 7  ASP 7  7  7  ASP ASP A . n 
A 1 8  VAL 8  8  8  VAL VAL A . n 
A 1 9  TYR 9  9  9  TYR TYR A . n 
A 1 10 GLN 10 10 10 GLN GLN A . n 
A 1 11 ARG 11 11 11 ARG ARG A . n 
A 1 12 SER 12 12 12 SER SER A . n 
A 1 13 ALA 13 13 13 ALA ALA A . n 
A 1 14 CYS 14 14 14 CYS CYS A . n 
A 1 15 GLN 15 15 15 GLN GLN A . n 
A 1 16 THR 16 16 16 THR THR A . n 
A 1 17 ARG 17 17 17 ARG ARG A . n 
A 1 18 GLU 18 18 18 GLU GLU A . n 
A 1 19 THR 19 19 19 THR THR A . n 
A 1 20 LEU 20 20 20 LEU LEU A . n 
A 1 21 VAL 21 21 21 VAL VAL A . n 
A 1 22 SER 22 22 22 SER SER A . n 
A 1 23 ILE 23 23 23 ILE ILE A . n 
A 1 24 LEU 24 24 24 LEU LEU A . n 
A 1 25 GLN 25 25 25 GLN GLN A . n 
A 1 26 GLU 26 26 26 GLU GLU A . n 
A 1 27 HIS 27 27 27 HIS HIS A . n 
A 1 28 PRO 28 28 28 PRO PRO A . n 
A 1 29 ASP 29 29 29 ASP ASP A . n 
A 1 30 GLU 30 30 30 GLU GLU A . n 
A 1 31 ILE 31 31 31 ILE ILE A . n 
A 1 32 SER 32 32 32 SER SER A . n 
A 1 33 ASP 33 33 33 ASP ASP A . n 
A 1 34 ILE 34 34 34 ILE ILE A . n 
A 1 35 PHE 35 35 35 PHE PHE A . n 
A 1 36 ARG 36 36 36 ARG ARG A . n 
A 1 37 PRO 37 37 37 PRO PRO A . n 
A 1 38 SER 38 38 38 SER SER A . n 
A 1 39 CYS 39 39 39 CYS CYS A . n 
A 1 40 VAL 40 40 40 VAL VAL A . n 
A 1 41 ALA 41 41 41 ALA ALA A . n 
A 1 42 VAL 42 42 42 VAL VAL A . n 
A 1 43 LEU 43 43 43 LEU LEU A . n 
A 1 44 ARG 44 44 44 ARG ARG A . n 
A 1 45 CYS 45 45 45 CYS CYS A . n 
A 1 46 SER 46 46 46 SER SER A . n 
A 1 47 GLY 47 47 47 GLY GLY A . n 
A 1 48 CYS 48 48 48 CYS CYS A . n 
A 1 49 CYS 49 49 49 CYS CYS A . n 
A 1 50 THR 50 50 50 THR THR A . n 
A 1 51 ASP 51 51 51 ASP ASP A . n 
A 1 52 GLU 52 52 52 GLU GLU A . n 
A 1 53 SER 53 53 53 SER SER A . n 
A 1 54 MET 54 54 54 MET MET A . n 
A 1 55 LYS 55 55 55 LYS LYS A . n 
A 1 56 CYS 56 56 56 CYS CYS A . n 
A 1 57 THR 57 57 57 THR THR A . n 
A 1 58 PRO 58 58 58 PRO PRO A . n 
A 1 59 VAL 59 59 59 VAL VAL A . n 
A 1 60 GLY 60 60 60 GLY GLY A . n 
A 1 61 LYS 61 61 61 LYS LYS A . n 
A 1 62 HIS 62 62 62 HIS HIS A . n 
A 1 63 THR 63 63 63 THR THR A . n 
A 1 64 ALA 64 64 64 ALA ALA A . n 
A 1 65 ASP 65 65 65 ASP ASP A . n 
A 1 66 ILE 66 66 66 ILE ILE A . n 
A 1 67 GLN 67 67 67 GLN GLN A . n 
A 1 68 ILE 68 68 68 ILE ILE A . n 
A 1 69 MET 69 69 69 MET MET A . n 
A 1 70 ARG 70 70 70 ARG ARG A . n 
A 1 71 MET 71 71 71 MET MET A . n 
A 1 72 ASN 72 72 72 ASN ASN A . n 
A 1 73 PRO 73 73 73 PRO PRO A . n 
A 1 74 ARG 74 74 74 ARG ARG A . n 
A 1 75 THR 75 75 75 THR THR A . n 
A 1 76 HIS 76 76 76 HIS HIS A . n 
A 1 77 SER 77 77 77 SER SER A . n 
A 1 78 SER 78 78 78 SER SER A . n 
A 1 79 LYS 79 79 79 LYS LYS A . n 
A 1 80 MET 80 80 80 MET MET A . n 
A 1 81 GLU 81 81 81 GLU GLU A . n 
A 1 82 VAL 82 82 82 VAL VAL A . n 
A 1 83 MET 83 83 83 MET MET A . n 
A 1 84 LYS 84 84 84 LYS LYS A . n 
A 1 85 PHE 85 85 85 PHE PHE A . n 
A 1 86 MET 86 86 86 MET MET A . n 
A 1 87 GLU 87 87 87 GLU GLU A . n 
A 1 88 HIS 88 88 88 HIS HIS A . n 
A 1 89 THR 89 89 89 THR THR A . n 
A 1 90 ALA 90 90 90 ALA ALA A . n 
A 1 91 CYS 91 91 91 CYS CYS A . n 
A 1 92 GLU 92 92 92 GLU GLU A . n 
A 1 93 CYS 93 93 93 CYS CYS A . n 
A 1 94 ARG 94 94 94 ARG ARG A . n 
A 1 95 PRO 95 95 95 PRO PRO A . n 
A 1 96 ALA 96 96 96 ALA ALA A . n 
B 2 1  PCA 1  1  1  PCA PCA B . n 
B 2 2  VAL 2  2  2  VAL VAL B . n 
B 2 3  ARG 3  3  3  ARG ARG B . n 
B 2 4  PRO 4  4  4  PRO PRO B . n 
B 2 5  PHE 5  5  5  PHE PHE B . n 
B 2 6  LEU 6  6  6  LEU LEU B . n 
B 2 7  ASP 7  7  7  ASP ASP B . n 
B 2 8  VAL 8  8  8  VAL VAL B . n 
B 2 9  TYR 9  9  9  TYR TYR B . n 
B 2 10 GLN 10 10 10 GLN GLN B . n 
B 2 11 ARG 11 11 11 ARG ARG B . n 
B 2 12 SER 12 12 12 SER SER B . n 
B 2 13 ALA 13 13 13 ALA ALA B . n 
B 2 14 CYS 14 14 14 CYS CYS B . n 
B 2 15 GLN 15 15 15 GLN GLN B . n 
B 2 16 THR 16 16 16 THR THR B . n 
B 2 17 ARG 17 17 17 ARG ARG B . n 
B 2 18 GLU 18 18 18 GLU GLU B . n 
B 2 19 THR 19 19 19 THR THR B . n 
B 2 20 LEU 20 20 20 LEU LEU B . n 
B 2 21 VAL 21 21 21 VAL VAL B . n 
B 2 22 SER 22 22 22 SER SER B . n 
B 2 23 ILE 23 23 23 ILE ILE B . n 
B 2 24 LEU 24 24 24 LEU LEU B . n 
B 2 25 GLN 25 25 25 GLN GLN B . n 
B 2 26 GLU 26 26 26 GLU GLU B . n 
B 2 27 HIS 27 27 27 HIS HIS B . n 
B 2 28 PRO 28 28 28 PRO PRO B . n 
B 2 29 ASP 29 29 29 ASP ASP B . n 
B 2 30 GLU 30 30 30 GLU GLU B . n 
B 2 31 ILE 31 31 31 ILE ILE B . n 
B 2 32 SER 32 32 32 SER SER B . n 
B 2 33 ASP 33 33 33 ASP ASP B . n 
B 2 34 ILE 34 34 34 ILE ILE B . n 
B 2 35 PHE 35 35 35 PHE PHE B . n 
B 2 36 ARG 36 36 36 ARG ARG B . n 
B 2 37 PRO 37 37 37 PRO PRO B . n 
B 2 38 SER 38 38 38 SER SER B . n 
B 2 39 CYS 39 39 39 CYS CYS B . n 
B 2 40 VAL 40 40 40 VAL VAL B . n 
B 2 41 ALA 41 41 41 ALA ALA B . n 
B 2 42 VAL 42 42 42 VAL VAL B . n 
B 2 43 LEU 43 43 43 LEU LEU B . n 
B 2 44 ARG 44 44 44 ARG ARG B . n 
B 2 45 CYS 45 45 45 CYS CYS B . n 
B 2 46 SER 46 46 46 SER SER B . n 
B 2 47 GLY 47 47 47 GLY GLY B . n 
B 2 48 CYS 48 48 48 CYS CYS B . n 
B 2 49 CYS 49 49 49 CYS CYS B . n 
B 2 50 THR 50 50 50 THR THR B . n 
B 2 51 ASP 51 51 51 ASP ASP B . n 
B 2 52 GLU 52 52 52 GLU GLU B . n 
B 2 53 SER 53 53 53 SER SER B . n 
B 2 54 MET 54 54 54 MET MET B . n 
B 2 55 LYS 55 55 55 LYS LYS B . n 
B 2 56 CYS 56 56 56 CYS CYS B . n 
B 2 57 THR 57 57 57 THR THR B . n 
B 2 58 PRO 58 58 58 PRO PRO B . n 
B 2 59 VAL 59 59 59 VAL VAL B . n 
B 2 60 GLY 60 60 60 GLY GLY B . n 
B 2 61 LYS 61 61 61 LYS LYS B . n 
B 2 62 HIS 62 62 62 HIS HIS B . n 
B 2 63 THR 63 63 63 THR THR B . n 
B 2 64 ALA 64 64 64 ALA ALA B . n 
B 2 65 ASP 65 65 65 ASP ASP B . n 
B 2 66 ILE 66 66 66 ILE ILE B . n 
B 2 67 GLN 67 67 67 GLN GLN B . n 
B 2 68 ILE 68 68 68 ILE ILE B . n 
B 2 69 MET 69 69 69 MET MET B . n 
B 2 70 ARG 70 70 70 ARG ARG B . n 
B 2 71 MET 71 71 71 MET MET B . n 
B 2 72 ASN 72 72 72 ASN ASN B . n 
B 2 73 PRO 73 73 73 PRO PRO B . n 
B 2 74 ARG 74 74 74 ARG ARG B . n 
B 2 75 THR 75 75 75 THR THR B . n 
B 2 76 HIS 76 76 76 HIS HIS B . n 
B 2 77 SER 77 77 77 SER SER B . n 
B 2 78 SER 78 78 78 SER SER B . n 
B 2 79 LYS 79 79 79 LYS LYS B . n 
B 2 80 MET 80 80 80 MET MET B . n 
B 2 81 GLU 81 81 81 GLU GLU B . n 
B 2 82 VAL 82 82 82 VAL VAL B . n 
B 2 83 MET 83 83 83 MET MET B . n 
B 2 84 LYS 84 84 84 LYS LYS B . n 
B 2 85 PHE 85 85 85 PHE PHE B . n 
B 2 86 MET 86 86 86 MET MET B . n 
B 2 87 GLU 87 87 87 GLU GLU B . n 
B 2 88 HIS 88 88 88 HIS HIS B . n 
B 2 89 THR 89 89 89 THR THR B . n 
B 2 90 ALA 90 90 90 ALA ALA B . n 
B 2 91 CYS 91 91 91 CYS CYS B . n 
B 2 92 GLU 92 92 92 GLU GLU B . n 
B 2 93 CYS 93 93 93 CYS CYS B . n 
B 2 94 ARG 94 94 94 ARG ARG B . n 
B 2 95 PRO 95 95 95 PRO PRO B . n 
B 2 96 ALA 96 96 96 ALA ALA B . n 
# 
loop_
_pdbx_nonpoly_scheme.asym_id 
_pdbx_nonpoly_scheme.entity_id 
_pdbx_nonpoly_scheme.mon_id 
_pdbx_nonpoly_scheme.ndb_seq_num 
_pdbx_nonpoly_scheme.pdb_seq_num 
_pdbx_nonpoly_scheme.auth_seq_num 
_pdbx_nonpoly_scheme.pdb_mon_id 
_pdbx_nonpoly_scheme.auth_mon_id 
_pdbx_nonpoly_scheme.pdb_strand_id 
_pdbx_nonpoly_scheme.pdb_ins_code 
C 3 HOH 1  1001 1001 HOH HOH A . 
C 3 HOH 2  1005 1005 HOH HOH A . 
C 3 HOH 3  1006 1006 HOH HOH A . 
C 3 HOH 4  1008 1008 HOH HOH A . 
C 3 HOH 5  1010 1010 HOH HOH A . 
C 3 HOH 6  1012 1012 HOH HOH A . 
C 3 HOH 7  1014 1014 HOH HOH A . 
C 3 HOH 8  1015 1015 HOH HOH A . 
C 3 HOH 9  1016 1016 HOH HOH A . 
C 3 HOH 10 1017 1017 HOH HOH A . 
C 3 HOH 11 1020 1020 HOH HOH A . 
C 3 HOH 12 1021 1021 HOH HOH A . 
C 3 HOH 13 1022 1022 HOH HOH A . 
C 3 HOH 14 1023 1023 HOH HOH A . 
C 3 HOH 15 1025 1025 HOH HOH A . 
C 3 HOH 16 1026 1026 HOH HOH A . 
C 3 HOH 17 1031 1031 HOH HOH A . 
C 3 HOH 18 1033 1033 HOH HOH A . 
C 3 HOH 19 1034 1034 HOH HOH A . 
C 3 HOH 20 1035 1035 HOH HOH A . 
C 3 HOH 21 1036 1036 HOH HOH A . 
C 3 HOH 22 1037 1037 HOH HOH A . 
C 3 HOH 23 1038 1038 HOH HOH A . 
C 3 HOH 24 1040 1040 HOH HOH A . 
C 3 HOH 25 1041 1041 HOH HOH A . 
C 3 HOH 26 1048 1048 HOH HOH A . 
C 3 HOH 27 1051 1051 HOH HOH A . 
C 3 HOH 28 1052 1052 HOH HOH A . 
C 3 HOH 29 1053 1053 HOH HOH A . 
C 3 HOH 30 1054 1054 HOH HOH A . 
C 3 HOH 31 1056 1056 HOH HOH A . 
C 3 HOH 32 1057 1057 HOH HOH A . 
C 3 HOH 33 1060 1060 HOH HOH A . 
C 3 HOH 34 1061 1061 HOH HOH A . 
C 3 HOH 35 1063 1063 HOH HOH A . 
C 3 HOH 36 1066 1066 HOH HOH A . 
C 3 HOH 37 1068 1068 HOH HOH A . 
C 3 HOH 38 1069 1069 HOH HOH A . 
C 3 HOH 39 1070 1070 HOH HOH A . 
C 3 HOH 40 1071 1071 HOH HOH A . 
C 3 HOH 41 1073 1073 HOH HOH A . 
C 3 HOH 42 1074 1074 HOH HOH A . 
C 3 HOH 43 1075 1075 HOH HOH A . 
C 3 HOH 44 1077 1077 HOH HOH A . 
C 3 HOH 45 1081 1081 HOH HOH A . 
C 3 HOH 46 1082 1082 HOH HOH A . 
C 3 HOH 47 1090 1090 HOH HOH A . 
C 3 HOH 48 1092 1092 HOH HOH A . 
C 3 HOH 49 1097 1097 HOH HOH A . 
C 3 HOH 50 1098 1098 HOH HOH A . 
C 3 HOH 51 1099 1099 HOH HOH A . 
C 3 HOH 52 1100 1100 HOH HOH A . 
C 3 HOH 53 1101 1101 HOH HOH A . 
C 3 HOH 54 1102 1102 HOH HOH A . 
C 3 HOH 55 1103 1103 HOH HOH A . 
C 3 HOH 56 1105 1105 HOH HOH A . 
C 3 HOH 57 1108 1108 HOH HOH A . 
C 3 HOH 58 1109 1109 HOH HOH A . 
C 3 HOH 59 1110 1110 HOH HOH A . 
C 3 HOH 60 1111 1111 HOH HOH A . 
C 3 HOH 61 1112 1112 HOH HOH A . 
C 3 HOH 62 1113 1113 HOH HOH A . 
C 3 HOH 63 1114 1114 HOH HOH A . 
C 3 HOH 64 1115 1115 HOH HOH A . 
C 3 HOH 65 1117 1117 HOH HOH A . 
C 3 HOH 66 1120 1120 HOH HOH A . 
C 3 HOH 67 1122 1122 HOH HOH A . 
C 3 HOH 68 1133 1133 HOH HOH A . 
C 3 HOH 69 1135 1135 HOH HOH A . 
C 3 HOH 70 1136 1136 HOH HOH A . 
C 3 HOH 71 1137 1137 HOH HOH A . 
C 3 HOH 72 1138 1138 HOH HOH A . 
C 3 HOH 73 1139 1139 HOH HOH A . 
C 3 HOH 74 1140 1140 HOH HOH A . 
D 3 HOH 1  1002 1002 HOH HOH B . 
D 3 HOH 2  1003 1003 HOH HOH B . 
D 3 HOH 3  1004 1004 HOH HOH B . 
D 3 HOH 4  1007 1007 HOH HOH B . 
D 3 HOH 5  1009 1009 HOH HOH B . 
D 3 HOH 6  1011 1011 HOH HOH B . 
D 3 HOH 7  1013 1013 HOH HOH B . 
D 3 HOH 8  1018 1018 HOH HOH B . 
D 3 HOH 9  1019 1019 HOH HOH B . 
D 3 HOH 10 1024 1024 HOH HOH B . 
D 3 HOH 11 1027 1027 HOH HOH B . 
D 3 HOH 12 1028 1028 HOH HOH B . 
D 3 HOH 13 1029 1029 HOH HOH B . 
D 3 HOH 14 1030 1030 HOH HOH B . 
D 3 HOH 15 1032 1032 HOH HOH B . 
D 3 HOH 16 1039 1039 HOH HOH B . 
D 3 HOH 17 1042 1042 HOH HOH B . 
D 3 HOH 18 1043 1043 HOH HOH B . 
D 3 HOH 19 1044 1044 HOH HOH B . 
D 3 HOH 20 1045 1045 HOH HOH B . 
D 3 HOH 21 1046 1046 HOH HOH B . 
D 3 HOH 22 1047 1047 HOH HOH B . 
D 3 HOH 23 1049 1049 HOH HOH B . 
D 3 HOH 24 1050 1050 HOH HOH B . 
D 3 HOH 25 1055 1055 HOH HOH B . 
D 3 HOH 26 1058 1058 HOH HOH B . 
D 3 HOH 27 1059 1059 HOH HOH B . 
D 3 HOH 28 1062 1062 HOH HOH B . 
D 3 HOH 29 1064 1064 HOH HOH B . 
D 3 HOH 30 1065 1065 HOH HOH B . 
D 3 HOH 31 1067 1067 HOH HOH B . 
D 3 HOH 32 1072 1072 HOH HOH B . 
D 3 HOH 33 1076 1076 HOH HOH B . 
D 3 HOH 34 1078 1078 HOH HOH B . 
D 3 HOH 35 1079 1079 HOH HOH B . 
D 3 HOH 36 1080 1080 HOH HOH B . 
D 3 HOH 37 1083 1083 HOH HOH B . 
D 3 HOH 38 1084 1084 HOH HOH B . 
D 3 HOH 39 1085 1085 HOH HOH B . 
D 3 HOH 40 1086 1086 HOH HOH B . 
D 3 HOH 41 1087 1087 HOH HOH B . 
D 3 HOH 42 1088 1088 HOH HOH B . 
D 3 HOH 43 1089 1089 HOH HOH B . 
D 3 HOH 44 1091 1091 HOH HOH B . 
D 3 HOH 45 1093 1093 HOH HOH B . 
D 3 HOH 46 1094 1094 HOH HOH B . 
D 3 HOH 47 1095 1095 HOH HOH B . 
D 3 HOH 48 1096 1096 HOH HOH B . 
D 3 HOH 49 1104 1104 HOH HOH B . 
D 3 HOH 50 1106 1106 HOH HOH B . 
D 3 HOH 51 1107 1107 HOH HOH B . 
D 3 HOH 52 1116 1116 HOH HOH B . 
D 3 HOH 53 1119 1119 HOH HOH B . 
D 3 HOH 54 1121 1121 HOH HOH B . 
D 3 HOH 55 1123 1123 HOH HOH B . 
D 3 HOH 56 1124 1124 HOH HOH B . 
D 3 HOH 57 1125 1125 HOH HOH B . 
D 3 HOH 58 1126 1126 HOH HOH B . 
D 3 HOH 59 1127 1127 HOH HOH B . 
D 3 HOH 60 1128 1128 HOH HOH B . 
D 3 HOH 61 1129 1129 HOH HOH B . 
D 3 HOH 62 1130 1130 HOH HOH B . 
D 3 HOH 63 1131 1131 HOH HOH B . 
D 3 HOH 64 1132 1132 HOH HOH B . 
D 3 HOH 65 1134 1134 HOH HOH B . 
D 3 HOH 66 1141 1141 HOH HOH B . 
D 3 HOH 67 1142 1142 HOH HOH B . 
D 3 HOH 68 1143 1143 HOH HOH B . 
D 3 HOH 69 1144 1144 HOH HOH B . 
# 
loop_
_software.name 
_software.classification 
_software.version 
_software.citation_id 
_software.pdbx_ordinal 
CNS       refinement       1.1 ? 1 
HKL-2000  'data reduction' .   ? 2 
SCALEPACK 'data scaling'   .   ? 3 
CNS       phasing          .   ? 4 
SHARP     phasing          .   ? 5 
# 
_cell.entry_id           1WQ9 
_cell.length_a           90.348 
_cell.length_b           48.961 
_cell.length_c           54.214 
_cell.angle_alpha        90.00 
_cell.angle_beta         90.00 
_cell.angle_gamma        90.00 
_cell.Z_PDB              4 
_cell.pdbx_unique_axis   ? 
# 
_symmetry.entry_id                         1WQ9 
_symmetry.space_group_name_H-M             'P 21 21 2' 
_symmetry.pdbx_full_space_group_name_H-M   ? 
_symmetry.cell_setting                     ? 
_symmetry.Int_Tables_number                18 
_symmetry.space_group_name_Hall            ? 
# 
_exptl.entry_id          1WQ9 
_exptl.method            'X-RAY DIFFRACTION' 
_exptl.crystals_number   1 
# 
_exptl_crystal.id                    1 
_exptl_crystal.density_meas          ? 
_exptl_crystal.density_Matthews      2.4 
_exptl_crystal.density_percent_sol   48 
_exptl_crystal.description           ? 
_exptl_crystal.F_000                 ? 
_exptl_crystal.preparation           ? 
# 
_exptl_crystal_grow.crystal_id      1 
_exptl_crystal_grow.method          'VAPOR DIFFUSION, SITTING DROP' 
_exptl_crystal_grow.temp            293 
_exptl_crystal_grow.temp_details    ? 
_exptl_crystal_grow.pH              8.5 
_exptl_crystal_grow.pdbx_details    'PEG 6000, Tris-HCl, pH 8.5, VAPOR DIFFUSION, SITTING DROP, temperature 293K' 
_exptl_crystal_grow.pdbx_pH_range   . 
# 
loop_
_diffrn.id 
_diffrn.ambient_temp 
_diffrn.ambient_temp_details 
_diffrn.crystal_id 
1 100 ? 1 
2 100 ? 1 
# 
loop_
_diffrn_detector.diffrn_id 
_diffrn_detector.detector 
_diffrn_detector.type 
_diffrn_detector.pdbx_collection_date 
_diffrn_detector.details 
1 CCD 'ADSC QUANTUM 4' 2003-11-06 ? 
2 CCD 'ADSC QUANTUM 4' 2003-01-17 ? 
# 
loop_
_diffrn_radiation.diffrn_id 
_diffrn_radiation.wavelength_id 
_diffrn_radiation.pdbx_monochromatic_or_laue_m_l 
_diffrn_radiation.monochromator 
_diffrn_radiation.pdbx_diffrn_protocol 
_diffrn_radiation.pdbx_scattering_type 
1 1 M 'SILICON, GELMANIUM' 'SINGLE WAVELENGTH' x-ray 
2 1 M SILICON              MAD                 x-ray 
# 
loop_
_diffrn_radiation_wavelength.id 
_diffrn_radiation_wavelength.wavelength 
_diffrn_radiation_wavelength.wt 
1 1.000  1.0 
2 1.0722 1.0 
3 1.0715 1.0 
4 1.0925 1.0 
# 
loop_
_diffrn_source.diffrn_id 
_diffrn_source.source 
_diffrn_source.type 
_diffrn_source.pdbx_synchrotron_site 
_diffrn_source.pdbx_synchrotron_beamline 
_diffrn_source.pdbx_wavelength 
_diffrn_source.pdbx_wavelength_list 
1 SYNCHROTRON 'PHOTON FACTORY BEAMLINE BL-18B' 'Photon Factory' BL-18B ? 1.000                    
2 SYNCHROTRON 'PHOTON FACTORY BEAMLINE BL-6A'  'Photon Factory' BL-6A  ? '1.0722, 1.0715, 1.0925' 
# 
_reflns.entry_id                     1WQ9 
_reflns.observed_criterion_sigma_I   -3 
_reflns.observed_criterion_sigma_F   0 
_reflns.d_resolution_low             30 
_reflns.d_resolution_high            2.0 
_reflns.number_obs                   15744 
_reflns.number_all                   17004 
_reflns.percent_possible_obs         92.6 
_reflns.pdbx_Rmerge_I_obs            0.061 
_reflns.pdbx_Rsym_value              ? 
_reflns.pdbx_netI_over_sigmaI        ? 
_reflns.B_iso_Wilson_estimate        11.0 
_reflns.pdbx_redundancy              ? 
_reflns.R_free_details               ? 
_reflns.limit_h_max                  ? 
_reflns.limit_h_min                  ? 
_reflns.limit_k_max                  ? 
_reflns.limit_k_min                  ? 
_reflns.limit_l_max                  ? 
_reflns.limit_l_min                  ? 
_reflns.observed_criterion_F_max     ? 
_reflns.observed_criterion_F_min     ? 
_reflns.pdbx_chi_squared             ? 
_reflns.pdbx_scaling_rejects         ? 
_reflns.pdbx_diffrn_id               1,2 
_reflns.pdbx_ordinal                 1 
# 
_reflns_shell.d_res_high             2.00 
_reflns_shell.d_res_low              2.07 
_reflns_shell.percent_possible_all   96.6 
_reflns_shell.Rmerge_I_obs           0.236 
_reflns_shell.pdbx_Rsym_value        ? 
_reflns_shell.meanI_over_sigI_obs    ? 
_reflns_shell.pdbx_redundancy        ? 
_reflns_shell.percent_possible_obs   ? 
_reflns_shell.number_unique_all      ? 
_reflns_shell.number_measured_all    ? 
_reflns_shell.number_measured_obs    ? 
_reflns_shell.number_unique_obs      ? 
_reflns_shell.pdbx_chi_squared       ? 
_reflns_shell.pdbx_diffrn_id         ? 
_reflns_shell.pdbx_ordinal           1 
# 
_refine.entry_id                                 1WQ9 
_refine.ls_number_reflns_obs                     15189 
_refine.ls_number_reflns_all                     17004 
_refine.pdbx_ls_sigma_I                          ? 
_refine.pdbx_ls_sigma_F                          0.0 
_refine.pdbx_data_cutoff_high_absF               213927.09 
_refine.pdbx_data_cutoff_low_absF                0.000000 
_refine.pdbx_data_cutoff_high_rms_absF           ? 
_refine.ls_d_res_low                             30.00 
_refine.ls_d_res_high                            2.00 
_refine.ls_percent_reflns_obs                    90.1 
_refine.ls_R_factor_obs                          0.206 
_refine.ls_R_factor_all                          ? 
_refine.ls_R_factor_R_work                       0.206 
_refine.ls_R_factor_R_free                       0.252 
_refine.ls_R_factor_R_free_error                 0.009 
_refine.ls_R_factor_R_free_error_details         ? 
_refine.ls_percent_reflns_R_free                 4.9 
_refine.ls_number_reflns_R_free                  747 
_refine.ls_number_parameters                     ? 
_refine.ls_number_restraints                     ? 
_refine.occupancy_min                            ? 
_refine.occupancy_max                            ? 
_refine.correlation_coeff_Fo_to_Fc               ? 
_refine.correlation_coeff_Fo_to_Fc_free          ? 
_refine.B_iso_mean                               28.1 
_refine.aniso_B[1][1]                            2.74 
_refine.aniso_B[2][2]                            -0.59 
_refine.aniso_B[3][3]                            -2.16 
_refine.aniso_B[1][2]                            0.00 
_refine.aniso_B[1][3]                            0.00 
_refine.aniso_B[2][3]                            0.00 
_refine.solvent_model_details                    'FLAT MODEL' 
_refine.solvent_model_param_ksol                 0.325652 
_refine.solvent_model_param_bsol                 37.9868 
_refine.pdbx_solvent_vdw_probe_radii             ? 
_refine.pdbx_solvent_ion_probe_radii             ? 
_refine.pdbx_solvent_shrinkage_radii             ? 
_refine.pdbx_ls_cross_valid_method               THROUGHOUT 
_refine.details                                  ? 
_refine.pdbx_starting_model                      ? 
_refine.pdbx_method_to_determine_struct          MAD 
_refine.pdbx_isotropic_thermal_model             RESTRAINED 
_refine.pdbx_stereochemistry_target_values       'Engh & Huber' 
_refine.pdbx_stereochem_target_val_spec_case     ? 
_refine.pdbx_R_Free_selection_details            RANDOM 
_refine.pdbx_overall_ESU_R                       ? 
_refine.pdbx_overall_ESU_R_Free                  ? 
_refine.overall_SU_ML                            ? 
_refine.overall_SU_B                             ? 
_refine.ls_redundancy_reflns_obs                 ? 
_refine.B_iso_min                                ? 
_refine.B_iso_max                                ? 
_refine.overall_SU_R_Cruickshank_DPI             ? 
_refine.overall_SU_R_free                        ? 
_refine.ls_wR_factor_R_free                      ? 
_refine.ls_wR_factor_R_work                      ? 
_refine.overall_FOM_free_R_set                   ? 
_refine.overall_FOM_work_R_set                   ? 
_refine.pdbx_refine_id                           'X-RAY DIFFRACTION' 
_refine.pdbx_diffrn_id                           1 
_refine.pdbx_TLS_residual_ADP_flag               ? 
_refine.pdbx_overall_phase_error                 ? 
_refine.pdbx_overall_SU_R_free_Cruickshank_DPI   ? 
_refine.pdbx_overall_SU_R_Blow_DPI               ? 
_refine.pdbx_overall_SU_R_free_Blow_DPI          ? 
# 
_refine_analyze.entry_id                        1WQ9 
_refine_analyze.Luzzati_coordinate_error_obs    0.23 
_refine_analyze.Luzzati_sigma_a_obs             0.13 
_refine_analyze.Luzzati_d_res_low_obs           5.00 
_refine_analyze.Luzzati_coordinate_error_free   0.31 
_refine_analyze.Luzzati_sigma_a_free            0.20 
_refine_analyze.Luzzati_d_res_low_free          ? 
_refine_analyze.number_disordered_residues      ? 
_refine_analyze.occupancy_sum_hydrogen          ? 
_refine_analyze.occupancy_sum_non_hydrogen      ? 
_refine_analyze.pdbx_Luzzati_d_res_high_obs     ? 
_refine_analyze.pdbx_refine_id                  'X-RAY DIFFRACTION' 
# 
_refine_hist.pdbx_refine_id                   'X-RAY DIFFRACTION' 
_refine_hist.cycle_id                         LAST 
_refine_hist.pdbx_number_atoms_protein        1509 
_refine_hist.pdbx_number_atoms_nucleic_acid   0 
_refine_hist.pdbx_number_atoms_ligand         0 
_refine_hist.number_atoms_solvent             143 
_refine_hist.number_atoms_total               1652 
_refine_hist.d_res_high                       2.00 
_refine_hist.d_res_low                        30.00 
# 
loop_
_refine_ls_restr.type 
_refine_ls_restr.dev_ideal 
_refine_ls_restr.dev_ideal_target 
_refine_ls_restr.weight 
_refine_ls_restr.number 
_refine_ls_restr.pdbx_refine_id 
_refine_ls_restr.pdbx_restraint_function 
c_bond_d                0.008 ?    ? ? 'X-RAY DIFFRACTION' ? 
c_bond_d_na             ?     ?    ? ? 'X-RAY DIFFRACTION' ? 
c_bond_d_prot           ?     ?    ? ? 'X-RAY DIFFRACTION' ? 
c_angle_d               ?     ?    ? ? 'X-RAY DIFFRACTION' ? 
c_angle_d_na            ?     ?    ? ? 'X-RAY DIFFRACTION' ? 
c_angle_d_prot          ?     ?    ? ? 'X-RAY DIFFRACTION' ? 
c_angle_deg             1.3   ?    ? ? 'X-RAY DIFFRACTION' ? 
c_angle_deg_na          ?     ?    ? ? 'X-RAY DIFFRACTION' ? 
c_angle_deg_prot        ?     ?    ? ? 'X-RAY DIFFRACTION' ? 
c_dihedral_angle_d      24.9  ?    ? ? 'X-RAY DIFFRACTION' ? 
c_dihedral_angle_d_na   ?     ?    ? ? 'X-RAY DIFFRACTION' ? 
c_dihedral_angle_d_prot ?     ?    ? ? 'X-RAY DIFFRACTION' ? 
c_improper_angle_d      0.80  ?    ? ? 'X-RAY DIFFRACTION' ? 
c_improper_angle_d_na   ?     ?    ? ? 'X-RAY DIFFRACTION' ? 
c_improper_angle_d_prot ?     ?    ? ? 'X-RAY DIFFRACTION' ? 
c_mcbond_it             3.06  1.50 ? ? 'X-RAY DIFFRACTION' ? 
c_mcangle_it            4.16  2.00 ? ? 'X-RAY DIFFRACTION' ? 
c_scbond_it             5.21  2.00 ? ? 'X-RAY DIFFRACTION' ? 
c_scangle_it            7.00  2.50 ? ? 'X-RAY DIFFRACTION' ? 
# 
_refine_ls_shell.pdbx_total_number_of_bins_used   6 
_refine_ls_shell.d_res_high                       2.00 
_refine_ls_shell.d_res_low                        2.13 
_refine_ls_shell.number_reflns_R_work             2439 
_refine_ls_shell.R_factor_R_work                  0.212 
_refine_ls_shell.percent_reflns_obs               93.6 
_refine_ls_shell.R_factor_R_free                  0.28 
_refine_ls_shell.R_factor_R_free_error            0.025 
_refine_ls_shell.percent_reflns_R_free            5.1 
_refine_ls_shell.number_reflns_R_free             130 
_refine_ls_shell.number_reflns_obs                ? 
_refine_ls_shell.redundancy_reflns_obs            ? 
_refine_ls_shell.number_reflns_all                ? 
_refine_ls_shell.pdbx_refine_id                   'X-RAY DIFFRACTION' 
_refine_ls_shell.R_factor_all                     ? 
# 
loop_
_pdbx_xplor_file.serial_no 
_pdbx_xplor_file.param_file 
_pdbx_xplor_file.topol_file 
_pdbx_xplor_file.pdbx_refine_id 
1 PROTEIN_REP.PARAM PROTEIN.TOP 'X-RAY DIFFRACTION' 
2 BUFFER.PARAM      BUFFER.TOP  'X-RAY DIFFRACTION' 
3 WATER_REP.PARAM   WATER.TOP   'X-RAY DIFFRACTION' 
4 ION.PARAM         ION.TOP     'X-RAY DIFFRACTION' 
# 
_struct.entry_id                  1WQ9 
_struct.title                     'Crystal structure of VR-1, a VEGF-F from a snake venom' 
_struct.pdbx_model_details        ? 
_struct.pdbx_CASP_flag            ? 
_struct.pdbx_model_type_details   ? 
# 
_struct_keywords.entry_id        1WQ9 
_struct_keywords.pdbx_keywords   TOXIN 
_struct_keywords.text            'Snake venom, Vascular endothelial growth factor, VEGF, VEGF-F, TOXIN' 
# 
loop_
_struct_asym.id 
_struct_asym.pdbx_blank_PDB_chainid_flag 
_struct_asym.pdbx_modified 
_struct_asym.entity_id 
_struct_asym.details 
A N N 1 ? 
B N N 2 ? 
C N N 3 ? 
D N N 3 ? 
# 
loop_
_struct_ref.id 
_struct_ref.entity_id 
_struct_ref.db_name 
_struct_ref.db_code 
_struct_ref.pdbx_db_accession 
_struct_ref.pdbx_db_isoform 
_struct_ref.pdbx_seq_one_letter_code 
_struct_ref.pdbx_align_begin 
1 1 UNP TXVE_DABRR P67861 ? ? ? 
2 2 UNP TXVE_DABRR P67861 ? ? ? 
# 
loop_
_struct_ref_seq.align_id 
_struct_ref_seq.ref_id 
_struct_ref_seq.pdbx_PDB_id_code 
_struct_ref_seq.pdbx_strand_id 
_struct_ref_seq.seq_align_beg 
_struct_ref_seq.pdbx_seq_align_beg_ins_code 
_struct_ref_seq.seq_align_end 
_struct_ref_seq.pdbx_seq_align_end_ins_code 
_struct_ref_seq.pdbx_db_accession 
_struct_ref_seq.db_align_beg 
_struct_ref_seq.pdbx_db_align_beg_ins_code 
_struct_ref_seq.db_align_end 
_struct_ref_seq.pdbx_db_align_end_ins_code 
_struct_ref_seq.pdbx_auth_seq_align_beg 
_struct_ref_seq.pdbx_auth_seq_align_end 
1 1 1WQ9 A 2 ? 95 ? P67861 2 ? 95 ? 2 95 
2 2 1WQ9 B 2 ? 95 ? P67861 2 ? 95 ? 2 95 
# 
_pdbx_struct_assembly.id                   1 
_pdbx_struct_assembly.details              author_and_software_defined_assembly 
_pdbx_struct_assembly.method_details       PISA 
_pdbx_struct_assembly.oligomeric_details   dimeric 
_pdbx_struct_assembly.oligomeric_count     2 
# 
loop_
_pdbx_struct_assembly_prop.biol_id 
_pdbx_struct_assembly_prop.type 
_pdbx_struct_assembly_prop.value 
_pdbx_struct_assembly_prop.details 
1 'ABSA (A^2)' 2590  ? 
1 MORE         -14   ? 
1 'SSA (A^2)'  10960 ? 
# 
_pdbx_struct_assembly_gen.assembly_id       1 
_pdbx_struct_assembly_gen.oper_expression   1 
_pdbx_struct_assembly_gen.asym_id_list      A,B,C,D 
# 
_pdbx_struct_oper_list.id                   1 
_pdbx_struct_oper_list.type                 'identity operation' 
_pdbx_struct_oper_list.name                 1_555 
_pdbx_struct_oper_list.symmetry_operation   x,y,z 
_pdbx_struct_oper_list.matrix[1][1]         1.0000000000 
_pdbx_struct_oper_list.matrix[1][2]         0.0000000000 
_pdbx_struct_oper_list.matrix[1][3]         0.0000000000 
_pdbx_struct_oper_list.vector[1]            0.0000000000 
_pdbx_struct_oper_list.matrix[2][1]         0.0000000000 
_pdbx_struct_oper_list.matrix[2][2]         1.0000000000 
_pdbx_struct_oper_list.matrix[2][3]         0.0000000000 
_pdbx_struct_oper_list.vector[2]            0.0000000000 
_pdbx_struct_oper_list.matrix[3][1]         0.0000000000 
_pdbx_struct_oper_list.matrix[3][2]         0.0000000000 
_pdbx_struct_oper_list.matrix[3][3]         1.0000000000 
_pdbx_struct_oper_list.vector[3]            0.0000000000 
# 
_struct_biol.id                    1 
_struct_biol.details               'The biological assembly is dimeric form in a asymmetric unit.' 
_struct_biol.pdbx_parent_biol_id   ? 
# 
loop_
_struct_conf.conf_type_id 
_struct_conf.id 
_struct_conf.pdbx_PDB_helix_id 
_struct_conf.beg_label_comp_id 
_struct_conf.beg_label_asym_id 
_struct_conf.beg_label_seq_id 
_struct_conf.pdbx_beg_PDB_ins_code 
_struct_conf.end_label_comp_id 
_struct_conf.end_label_asym_id 
_struct_conf.end_label_seq_id 
_struct_conf.pdbx_end_PDB_ins_code 
_struct_conf.beg_auth_comp_id 
_struct_conf.beg_auth_asym_id 
_struct_conf.beg_auth_seq_id 
_struct_conf.end_auth_comp_id 
_struct_conf.end_auth_asym_id 
_struct_conf.end_auth_seq_id 
_struct_conf.pdbx_PDB_helix_class 
_struct_conf.details 
_struct_conf.pdbx_PDB_helix_length 
HELX_P HELX_P1 1 PRO A 4  ? ALA A 13 ? PRO A 4  ALA A 13 1 ? 10 
HELX_P HELX_P2 2 ILE A 23 ? HIS A 27 ? ILE A 23 HIS A 27 1 ? 5  
HELX_P HELX_P3 3 PRO B 4  ? ALA B 13 ? PRO B 4  ALA B 13 1 ? 10 
HELX_P HELX_P4 4 ILE B 23 ? HIS B 27 ? ILE B 23 HIS B 27 1 ? 5  
# 
_struct_conf_type.id          HELX_P 
_struct_conf_type.criteria    ? 
_struct_conf_type.reference   ? 
# 
loop_
_struct_conn.id 
_struct_conn.conn_type_id 
_struct_conn.pdbx_leaving_atom_flag 
_struct_conn.pdbx_PDB_id 
_struct_conn.ptnr1_label_asym_id 
_struct_conn.ptnr1_label_comp_id 
_struct_conn.ptnr1_label_seq_id 
_struct_conn.ptnr1_label_atom_id 
_struct_conn.pdbx_ptnr1_label_alt_id 
_struct_conn.pdbx_ptnr1_PDB_ins_code 
_struct_conn.pdbx_ptnr1_standard_comp_id 
_struct_conn.ptnr1_symmetry 
_struct_conn.ptnr2_label_asym_id 
_struct_conn.ptnr2_label_comp_id 
_struct_conn.ptnr2_label_seq_id 
_struct_conn.ptnr2_label_atom_id 
_struct_conn.pdbx_ptnr2_label_alt_id 
_struct_conn.pdbx_ptnr2_PDB_ins_code 
_struct_conn.ptnr1_auth_asym_id 
_struct_conn.ptnr1_auth_comp_id 
_struct_conn.ptnr1_auth_seq_id 
_struct_conn.ptnr2_auth_asym_id 
_struct_conn.ptnr2_auth_comp_id 
_struct_conn.ptnr2_auth_seq_id 
_struct_conn.ptnr2_symmetry 
_struct_conn.pdbx_ptnr3_label_atom_id 
_struct_conn.pdbx_ptnr3_label_seq_id 
_struct_conn.pdbx_ptnr3_label_comp_id 
_struct_conn.pdbx_ptnr3_label_asym_id 
_struct_conn.pdbx_ptnr3_label_alt_id 
_struct_conn.pdbx_ptnr3_PDB_ins_code 
_struct_conn.details 
_struct_conn.pdbx_dist_value 
_struct_conn.pdbx_value_order 
_struct_conn.pdbx_role 
disulf1 disulf ?    ? A CYS 14 SG ? ? ? 1_555 A CYS 56 SG ? ? A CYS 14 A CYS 56 1_555 ? ? ? ? ? ? ? 2.032 ? ? 
disulf2 disulf ?    ? A CYS 39 SG ? ? ? 1_555 B CYS 48 SG ? ? A CYS 39 B CYS 48 1_555 ? ? ? ? ? ? ? 2.030 ? ? 
disulf3 disulf ?    ? A CYS 45 SG ? ? ? 1_555 A CYS 91 SG ? ? A CYS 45 A CYS 91 1_555 ? ? ? ? ? ? ? 2.021 ? ? 
disulf4 disulf ?    ? A CYS 48 SG ? ? ? 1_555 B CYS 39 SG ? ? A CYS 48 B CYS 39 1_555 ? ? ? ? ? ? ? 2.039 ? ? 
disulf5 disulf ?    ? A CYS 49 SG ? ? ? 1_555 A CYS 93 SG ? ? A CYS 49 A CYS 93 1_555 ? ? ? ? ? ? ? 2.021 ? ? 
disulf6 disulf ?    ? B CYS 14 SG ? ? ? 1_555 B CYS 56 SG ? ? B CYS 14 B CYS 56 1_555 ? ? ? ? ? ? ? 2.031 ? ? 
disulf7 disulf ?    ? B CYS 45 SG ? ? ? 1_555 B CYS 91 SG ? ? B CYS 45 B CYS 91 1_555 ? ? ? ? ? ? ? 2.021 ? ? 
disulf8 disulf ?    ? B CYS 49 SG ? ? ? 1_555 B CYS 93 SG ? ? B CYS 49 B CYS 93 1_555 ? ? ? ? ? ? ? 2.028 ? ? 
covale1 covale both ? B PCA 1  C  ? ? ? 1_555 B VAL 2  N  ? ? B PCA 1  B VAL 2  1_555 ? ? ? ? ? ? ? 1.324 ? ? 
# 
loop_
_struct_conn_type.id 
_struct_conn_type.criteria 
_struct_conn_type.reference 
disulf ? ? 
covale ? ? 
# 
loop_
_pdbx_modification_feature.ordinal 
_pdbx_modification_feature.label_comp_id 
_pdbx_modification_feature.label_asym_id 
_pdbx_modification_feature.label_seq_id 
_pdbx_modification_feature.label_alt_id 
_pdbx_modification_feature.modified_residue_label_comp_id 
_pdbx_modification_feature.modified_residue_label_asym_id 
_pdbx_modification_feature.modified_residue_label_seq_id 
_pdbx_modification_feature.modified_residue_label_alt_id 
_pdbx_modification_feature.auth_comp_id 
_pdbx_modification_feature.auth_asym_id 
_pdbx_modification_feature.auth_seq_id 
_pdbx_modification_feature.PDB_ins_code 
_pdbx_modification_feature.symmetry 
_pdbx_modification_feature.modified_residue_auth_comp_id 
_pdbx_modification_feature.modified_residue_auth_asym_id 
_pdbx_modification_feature.modified_residue_auth_seq_id 
_pdbx_modification_feature.modified_residue_PDB_ins_code 
_pdbx_modification_feature.modified_residue_symmetry 
_pdbx_modification_feature.comp_id_linking_atom 
_pdbx_modification_feature.modified_residue_id_linking_atom 
_pdbx_modification_feature.modified_residue_id 
_pdbx_modification_feature.ref_pcm_id 
_pdbx_modification_feature.ref_comp_id 
_pdbx_modification_feature.type 
_pdbx_modification_feature.category 
1 PCA B 1  ? .   . .  . PCA B 1  ? 1_555 .   . .  . .     .  .  GLN 1 PCA 'Pyrrolidone carboxylic acid' 
'Named protein modification' 
2 CYS A 14 ? CYS A 56 ? CYS A 14 ? 1_555 CYS A 56 ? 1_555 SG SG .   . .   None                          'Disulfide bridge' 
3 CYS A 39 ? CYS B 48 ? CYS A 39 ? 1_555 CYS B 48 ? 1_555 SG SG .   . .   None                          'Disulfide bridge' 
4 CYS A 45 ? CYS A 91 ? CYS A 45 ? 1_555 CYS A 91 ? 1_555 SG SG .   . .   None                          'Disulfide bridge' 
5 CYS A 48 ? CYS B 39 ? CYS A 48 ? 1_555 CYS B 39 ? 1_555 SG SG .   . .   None                          'Disulfide bridge' 
6 CYS A 49 ? CYS A 93 ? CYS A 49 ? 1_555 CYS A 93 ? 1_555 SG SG .   . .   None                          'Disulfide bridge' 
7 CYS B 14 ? CYS B 56 ? CYS B 14 ? 1_555 CYS B 56 ? 1_555 SG SG .   . .   None                          'Disulfide bridge' 
8 CYS B 45 ? CYS B 91 ? CYS B 45 ? 1_555 CYS B 91 ? 1_555 SG SG .   . .   None                          'Disulfide bridge' 
9 CYS B 49 ? CYS B 93 ? CYS B 49 ? 1_555 CYS B 93 ? 1_555 SG SG .   . .   None                          'Disulfide bridge' 
# 
loop_
_struct_mon_prot_cis.pdbx_id 
_struct_mon_prot_cis.label_comp_id 
_struct_mon_prot_cis.label_seq_id 
_struct_mon_prot_cis.label_asym_id 
_struct_mon_prot_cis.label_alt_id 
_struct_mon_prot_cis.pdbx_PDB_ins_code 
_struct_mon_prot_cis.auth_comp_id 
_struct_mon_prot_cis.auth_seq_id 
_struct_mon_prot_cis.auth_asym_id 
_struct_mon_prot_cis.pdbx_label_comp_id_2 
_struct_mon_prot_cis.pdbx_label_seq_id_2 
_struct_mon_prot_cis.pdbx_label_asym_id_2 
_struct_mon_prot_cis.pdbx_PDB_ins_code_2 
_struct_mon_prot_cis.pdbx_auth_comp_id_2 
_struct_mon_prot_cis.pdbx_auth_seq_id_2 
_struct_mon_prot_cis.pdbx_auth_asym_id_2 
_struct_mon_prot_cis.pdbx_PDB_model_num 
_struct_mon_prot_cis.pdbx_omega_angle 
1 ARG 36 A . ? ARG 36 A PRO 37 A ? PRO 37 A 1 -3.52 
2 ARG 36 B . ? ARG 36 B PRO 37 B ? PRO 37 B 1 -4.06 
# 
loop_
_struct_sheet.id 
_struct_sheet.type 
_struct_sheet.number_strands 
_struct_sheet.details 
A ? 2 ? 
B ? 3 ? 
C ? 3 ? 
D ? 2 ? 
E ? 3 ? 
# 
loop_
_struct_sheet_order.sheet_id 
_struct_sheet_order.range_id_1 
_struct_sheet_order.range_id_2 
_struct_sheet_order.offset 
_struct_sheet_order.sense 
A 1 2 ? anti-parallel 
B 1 2 ? anti-parallel 
B 2 3 ? anti-parallel 
C 1 2 ? anti-parallel 
C 2 3 ? parallel      
D 1 2 ? anti-parallel 
E 1 2 ? anti-parallel 
E 2 3 ? anti-parallel 
# 
loop_
_struct_sheet_range.sheet_id 
_struct_sheet_range.id 
_struct_sheet_range.beg_label_comp_id 
_struct_sheet_range.beg_label_asym_id 
_struct_sheet_range.beg_label_seq_id 
_struct_sheet_range.pdbx_beg_PDB_ins_code 
_struct_sheet_range.end_label_comp_id 
_struct_sheet_range.end_label_asym_id 
_struct_sheet_range.end_label_seq_id 
_struct_sheet_range.pdbx_end_PDB_ins_code 
_struct_sheet_range.beg_auth_comp_id 
_struct_sheet_range.beg_auth_asym_id 
_struct_sheet_range.beg_auth_seq_id 
_struct_sheet_range.end_auth_comp_id 
_struct_sheet_range.end_auth_asym_id 
_struct_sheet_range.end_auth_seq_id 
A 1 GLN A 15 ? SER A 22 ? GLN A 15 SER A 22 
A 2 CYS A 39 ? SER A 46 ? CYS A 39 SER A 46 
B 1 ILE A 34 ? ARG A 36 ? ILE A 34 ARG A 36 
B 2 MET A 54 ? MET A 71 ? MET A 54 MET A 71 
B 3 SER A 78 ? PRO A 95 ? SER A 78 PRO A 95 
C 1 ILE A 34 ? ARG A 36 ? ILE A 34 ARG A 36 
C 2 MET A 54 ? MET A 71 ? MET A 54 MET A 71 
C 3 VAL B 2  ? ARG B 3  ? VAL B 2  ARG B 3  
D 1 GLN B 15 ? SER B 22 ? GLN B 15 SER B 22 
D 2 CYS B 39 ? SER B 46 ? CYS B 39 SER B 46 
E 1 ILE B 34 ? ARG B 36 ? ILE B 34 ARG B 36 
E 2 LYS B 55 ? MET B 71 ? LYS B 55 MET B 71 
E 3 SER B 78 ? ARG B 94 ? SER B 78 ARG B 94 
# 
loop_
_pdbx_struct_sheet_hbond.sheet_id 
_pdbx_struct_sheet_hbond.range_id_1 
_pdbx_struct_sheet_hbond.range_id_2 
_pdbx_struct_sheet_hbond.range_1_label_atom_id 
_pdbx_struct_sheet_hbond.range_1_label_comp_id 
_pdbx_struct_sheet_hbond.range_1_label_asym_id 
_pdbx_struct_sheet_hbond.range_1_label_seq_id 
_pdbx_struct_sheet_hbond.range_1_PDB_ins_code 
_pdbx_struct_sheet_hbond.range_1_auth_atom_id 
_pdbx_struct_sheet_hbond.range_1_auth_comp_id 
_pdbx_struct_sheet_hbond.range_1_auth_asym_id 
_pdbx_struct_sheet_hbond.range_1_auth_seq_id 
_pdbx_struct_sheet_hbond.range_2_label_atom_id 
_pdbx_struct_sheet_hbond.range_2_label_comp_id 
_pdbx_struct_sheet_hbond.range_2_label_asym_id 
_pdbx_struct_sheet_hbond.range_2_label_seq_id 
_pdbx_struct_sheet_hbond.range_2_PDB_ins_code 
_pdbx_struct_sheet_hbond.range_2_auth_atom_id 
_pdbx_struct_sheet_hbond.range_2_auth_comp_id 
_pdbx_struct_sheet_hbond.range_2_auth_asym_id 
_pdbx_struct_sheet_hbond.range_2_auth_seq_id 
A 1 2 N THR A 19 ? N THR A 19 O VAL A 42 ? O VAL A 42 
B 1 2 N ILE A 34 ? N ILE A 34 O MET A 71 ? O MET A 71 
B 2 3 N ILE A 66 ? N ILE A 66 O MET A 83 ? O MET A 83 
C 1 2 N ILE A 34 ? N ILE A 34 O MET A 71 ? O MET A 71 
C 2 3 N ASP A 65 ? N ASP A 65 O ARG B 3  ? O ARG B 3  
D 1 2 N THR B 19 ? N THR B 19 O VAL B 42 ? O VAL B 42 
E 1 2 N ILE B 34 ? N ILE B 34 O MET B 71 ? O MET B 71 
E 2 3 N ILE B 66 ? N ILE B 66 O MET B 83 ? O MET B 83 
# 
_pdbx_entry_details.entry_id                   1WQ9 
_pdbx_entry_details.compound_details           ? 
_pdbx_entry_details.source_details             ? 
_pdbx_entry_details.nonpolymer_details         ? 
_pdbx_entry_details.sequence_details           ? 
_pdbx_entry_details.has_ligand_of_interest     ? 
_pdbx_entry_details.has_protein_modification   Y 
# 
_pdbx_validate_torsion.id              1 
_pdbx_validate_torsion.PDB_model_num   1 
_pdbx_validate_torsion.auth_comp_id    SER 
_pdbx_validate_torsion.auth_asym_id    B 
_pdbx_validate_torsion.auth_seq_id     32 
_pdbx_validate_torsion.PDB_ins_code    ? 
_pdbx_validate_torsion.label_alt_id    ? 
_pdbx_validate_torsion.phi             -147.54 
_pdbx_validate_torsion.psi             -20.04 
# 
_pdbx_struct_mod_residue.id               1 
_pdbx_struct_mod_residue.label_asym_id    B 
_pdbx_struct_mod_residue.label_comp_id    PCA 
_pdbx_struct_mod_residue.label_seq_id     1 
_pdbx_struct_mod_residue.auth_asym_id     B 
_pdbx_struct_mod_residue.auth_comp_id     PCA 
_pdbx_struct_mod_residue.auth_seq_id      1 
_pdbx_struct_mod_residue.PDB_ins_code     ? 
_pdbx_struct_mod_residue.parent_comp_id   GLN 
_pdbx_struct_mod_residue.details          'PYROGLUTAMIC ACID' 
# 
loop_
_chem_comp_atom.comp_id 
_chem_comp_atom.atom_id 
_chem_comp_atom.type_symbol 
_chem_comp_atom.pdbx_aromatic_flag 
_chem_comp_atom.pdbx_stereo_config 
_chem_comp_atom.pdbx_ordinal 
ALA N    N N N 1   
ALA CA   C N S 2   
ALA C    C N N 3   
ALA O    O N N 4   
ALA CB   C N N 5   
ALA OXT  O N N 6   
ALA H    H N N 7   
ALA H2   H N N 8   
ALA HA   H N N 9   
ALA HB1  H N N 10  
ALA HB2  H N N 11  
ALA HB3  H N N 12  
ALA HXT  H N N 13  
ARG N    N N N 14  
ARG CA   C N S 15  
ARG C    C N N 16  
ARG O    O N N 17  
ARG CB   C N N 18  
ARG CG   C N N 19  
ARG CD   C N N 20  
ARG NE   N N N 21  
ARG CZ   C N N 22  
ARG NH1  N N N 23  
ARG NH2  N N N 24  
ARG OXT  O N N 25  
ARG H    H N N 26  
ARG H2   H N N 27  
ARG HA   H N N 28  
ARG HB2  H N N 29  
ARG HB3  H N N 30  
ARG HG2  H N N 31  
ARG HG3  H N N 32  
ARG HD2  H N N 33  
ARG HD3  H N N 34  
ARG HE   H N N 35  
ARG HH11 H N N 36  
ARG HH12 H N N 37  
ARG HH21 H N N 38  
ARG HH22 H N N 39  
ARG HXT  H N N 40  
ASN N    N N N 41  
ASN CA   C N S 42  
ASN C    C N N 43  
ASN O    O N N 44  
ASN CB   C N N 45  
ASN CG   C N N 46  
ASN OD1  O N N 47  
ASN ND2  N N N 48  
ASN OXT  O N N 49  
ASN H    H N N 50  
ASN H2   H N N 51  
ASN HA   H N N 52  
ASN HB2  H N N 53  
ASN HB3  H N N 54  
ASN HD21 H N N 55  
ASN HD22 H N N 56  
ASN HXT  H N N 57  
ASP N    N N N 58  
ASP CA   C N S 59  
ASP C    C N N 60  
ASP O    O N N 61  
ASP CB   C N N 62  
ASP CG   C N N 63  
ASP OD1  O N N 64  
ASP OD2  O N N 65  
ASP OXT  O N N 66  
ASP H    H N N 67  
ASP H2   H N N 68  
ASP HA   H N N 69  
ASP HB2  H N N 70  
ASP HB3  H N N 71  
ASP HD2  H N N 72  
ASP HXT  H N N 73  
CYS N    N N N 74  
CYS CA   C N R 75  
CYS C    C N N 76  
CYS O    O N N 77  
CYS CB   C N N 78  
CYS SG   S N N 79  
CYS OXT  O N N 80  
CYS H    H N N 81  
CYS H2   H N N 82  
CYS HA   H N N 83  
CYS HB2  H N N 84  
CYS HB3  H N N 85  
CYS HG   H N N 86  
CYS HXT  H N N 87  
GLN N    N N N 88  
GLN CA   C N S 89  
GLN C    C N N 90  
GLN O    O N N 91  
GLN CB   C N N 92  
GLN CG   C N N 93  
GLN CD   C N N 94  
GLN OE1  O N N 95  
GLN NE2  N N N 96  
GLN OXT  O N N 97  
GLN H    H N N 98  
GLN H2   H N N 99  
GLN HA   H N N 100 
GLN HB2  H N N 101 
GLN HB3  H N N 102 
GLN HG2  H N N 103 
GLN HG3  H N N 104 
GLN HE21 H N N 105 
GLN HE22 H N N 106 
GLN HXT  H N N 107 
GLU N    N N N 108 
GLU CA   C N S 109 
GLU C    C N N 110 
GLU O    O N N 111 
GLU CB   C N N 112 
GLU CG   C N N 113 
GLU CD   C N N 114 
GLU OE1  O N N 115 
GLU OE2  O N N 116 
GLU OXT  O N N 117 
GLU H    H N N 118 
GLU H2   H N N 119 
GLU HA   H N N 120 
GLU HB2  H N N 121 
GLU HB3  H N N 122 
GLU HG2  H N N 123 
GLU HG3  H N N 124 
GLU HE2  H N N 125 
GLU HXT  H N N 126 
GLY N    N N N 127 
GLY CA   C N N 128 
GLY C    C N N 129 
GLY O    O N N 130 
GLY OXT  O N N 131 
GLY H    H N N 132 
GLY H2   H N N 133 
GLY HA2  H N N 134 
GLY HA3  H N N 135 
GLY HXT  H N N 136 
HIS N    N N N 137 
HIS CA   C N S 138 
HIS C    C N N 139 
HIS O    O N N 140 
HIS CB   C N N 141 
HIS CG   C Y N 142 
HIS ND1  N Y N 143 
HIS CD2  C Y N 144 
HIS CE1  C Y N 145 
HIS NE2  N Y N 146 
HIS OXT  O N N 147 
HIS H    H N N 148 
HIS H2   H N N 149 
HIS HA   H N N 150 
HIS HB2  H N N 151 
HIS HB3  H N N 152 
HIS HD1  H N N 153 
HIS HD2  H N N 154 
HIS HE1  H N N 155 
HIS HE2  H N N 156 
HIS HXT  H N N 157 
HOH O    O N N 158 
HOH H1   H N N 159 
HOH H2   H N N 160 
ILE N    N N N 161 
ILE CA   C N S 162 
ILE C    C N N 163 
ILE O    O N N 164 
ILE CB   C N S 165 
ILE CG1  C N N 166 
ILE CG2  C N N 167 
ILE CD1  C N N 168 
ILE OXT  O N N 169 
ILE H    H N N 170 
ILE H2   H N N 171 
ILE HA   H N N 172 
ILE HB   H N N 173 
ILE HG12 H N N 174 
ILE HG13 H N N 175 
ILE HG21 H N N 176 
ILE HG22 H N N 177 
ILE HG23 H N N 178 
ILE HD11 H N N 179 
ILE HD12 H N N 180 
ILE HD13 H N N 181 
ILE HXT  H N N 182 
LEU N    N N N 183 
LEU CA   C N S 184 
LEU C    C N N 185 
LEU O    O N N 186 
LEU CB   C N N 187 
LEU CG   C N N 188 
LEU CD1  C N N 189 
LEU CD2  C N N 190 
LEU OXT  O N N 191 
LEU H    H N N 192 
LEU H2   H N N 193 
LEU HA   H N N 194 
LEU HB2  H N N 195 
LEU HB3  H N N 196 
LEU HG   H N N 197 
LEU HD11 H N N 198 
LEU HD12 H N N 199 
LEU HD13 H N N 200 
LEU HD21 H N N 201 
LEU HD22 H N N 202 
LEU HD23 H N N 203 
LEU HXT  H N N 204 
LYS N    N N N 205 
LYS CA   C N S 206 
LYS C    C N N 207 
LYS O    O N N 208 
LYS CB   C N N 209 
LYS CG   C N N 210 
LYS CD   C N N 211 
LYS CE   C N N 212 
LYS NZ   N N N 213 
LYS OXT  O N N 214 
LYS H    H N N 215 
LYS H2   H N N 216 
LYS HA   H N N 217 
LYS HB2  H N N 218 
LYS HB3  H N N 219 
LYS HG2  H N N 220 
LYS HG3  H N N 221 
LYS HD2  H N N 222 
LYS HD3  H N N 223 
LYS HE2  H N N 224 
LYS HE3  H N N 225 
LYS HZ1  H N N 226 
LYS HZ2  H N N 227 
LYS HZ3  H N N 228 
LYS HXT  H N N 229 
MET N    N N N 230 
MET CA   C N S 231 
MET C    C N N 232 
MET O    O N N 233 
MET CB   C N N 234 
MET CG   C N N 235 
MET SD   S N N 236 
MET CE   C N N 237 
MET OXT  O N N 238 
MET H    H N N 239 
MET H2   H N N 240 
MET HA   H N N 241 
MET HB2  H N N 242 
MET HB3  H N N 243 
MET HG2  H N N 244 
MET HG3  H N N 245 
MET HE1  H N N 246 
MET HE2  H N N 247 
MET HE3  H N N 248 
MET HXT  H N N 249 
PCA N    N N N 250 
PCA CA   C N S 251 
PCA CB   C N N 252 
PCA CG   C N N 253 
PCA CD   C N N 254 
PCA OE   O N N 255 
PCA C    C N N 256 
PCA O    O N N 257 
PCA OXT  O N N 258 
PCA H    H N N 259 
PCA HA   H N N 260 
PCA HB2  H N N 261 
PCA HB3  H N N 262 
PCA HG2  H N N 263 
PCA HG3  H N N 264 
PCA HXT  H N N 265 
PHE N    N N N 266 
PHE CA   C N S 267 
PHE C    C N N 268 
PHE O    O N N 269 
PHE CB   C N N 270 
PHE CG   C Y N 271 
PHE CD1  C Y N 272 
PHE CD2  C Y N 273 
PHE CE1  C Y N 274 
PHE CE2  C Y N 275 
PHE CZ   C Y N 276 
PHE OXT  O N N 277 
PHE H    H N N 278 
PHE H2   H N N 279 
PHE HA   H N N 280 
PHE HB2  H N N 281 
PHE HB3  H N N 282 
PHE HD1  H N N 283 
PHE HD2  H N N 284 
PHE HE1  H N N 285 
PHE HE2  H N N 286 
PHE HZ   H N N 287 
PHE HXT  H N N 288 
PRO N    N N N 289 
PRO CA   C N S 290 
PRO C    C N N 291 
PRO O    O N N 292 
PRO CB   C N N 293 
PRO CG   C N N 294 
PRO CD   C N N 295 
PRO OXT  O N N 296 
PRO H    H N N 297 
PRO HA   H N N 298 
PRO HB2  H N N 299 
PRO HB3  H N N 300 
PRO HG2  H N N 301 
PRO HG3  H N N 302 
PRO HD2  H N N 303 
PRO HD3  H N N 304 
PRO HXT  H N N 305 
SER N    N N N 306 
SER CA   C N S 307 
SER C    C N N 308 
SER O    O N N 309 
SER CB   C N N 310 
SER OG   O N N 311 
SER OXT  O N N 312 
SER H    H N N 313 
SER H2   H N N 314 
SER HA   H N N 315 
SER HB2  H N N 316 
SER HB3  H N N 317 
SER HG   H N N 318 
SER HXT  H N N 319 
THR N    N N N 320 
THR CA   C N S 321 
THR C    C N N 322 
THR O    O N N 323 
THR CB   C N R 324 
THR OG1  O N N 325 
THR CG2  C N N 326 
THR OXT  O N N 327 
THR H    H N N 328 
THR H2   H N N 329 
THR HA   H N N 330 
THR HB   H N N 331 
THR HG1  H N N 332 
THR HG21 H N N 333 
THR HG22 H N N 334 
THR HG23 H N N 335 
THR HXT  H N N 336 
TYR N    N N N 337 
TYR CA   C N S 338 
TYR C    C N N 339 
TYR O    O N N 340 
TYR CB   C N N 341 
TYR CG   C Y N 342 
TYR CD1  C Y N 343 
TYR CD2  C Y N 344 
TYR CE1  C Y N 345 
TYR CE2  C Y N 346 
TYR CZ   C Y N 347 
TYR OH   O N N 348 
TYR OXT  O N N 349 
TYR H    H N N 350 
TYR H2   H N N 351 
TYR HA   H N N 352 
TYR HB2  H N N 353 
TYR HB3  H N N 354 
TYR HD1  H N N 355 
TYR HD2  H N N 356 
TYR HE1  H N N 357 
TYR HE2  H N N 358 
TYR HH   H N N 359 
TYR HXT  H N N 360 
VAL N    N N N 361 
VAL CA   C N S 362 
VAL C    C N N 363 
VAL O    O N N 364 
VAL CB   C N N 365 
VAL CG1  C N N 366 
VAL CG2  C N N 367 
VAL OXT  O N N 368 
VAL H    H N N 369 
VAL H2   H N N 370 
VAL HA   H N N 371 
VAL HB   H N N 372 
VAL HG11 H N N 373 
VAL HG12 H N N 374 
VAL HG13 H N N 375 
VAL HG21 H N N 376 
VAL HG22 H N N 377 
VAL HG23 H N N 378 
VAL HXT  H N N 379 
# 
loop_
_chem_comp_bond.comp_id 
_chem_comp_bond.atom_id_1 
_chem_comp_bond.atom_id_2 
_chem_comp_bond.value_order 
_chem_comp_bond.pdbx_aromatic_flag 
_chem_comp_bond.pdbx_stereo_config 
_chem_comp_bond.pdbx_ordinal 
ALA N   CA   sing N N 1   
ALA N   H    sing N N 2   
ALA N   H2   sing N N 3   
ALA CA  C    sing N N 4   
ALA CA  CB   sing N N 5   
ALA CA  HA   sing N N 6   
ALA C   O    doub N N 7   
ALA C   OXT  sing N N 8   
ALA CB  HB1  sing N N 9   
ALA CB  HB2  sing N N 10  
ALA CB  HB3  sing N N 11  
ALA OXT HXT  sing N N 12  
ARG N   CA   sing N N 13  
ARG N   H    sing N N 14  
ARG N   H2   sing N N 15  
ARG CA  C    sing N N 16  
ARG CA  CB   sing N N 17  
ARG CA  HA   sing N N 18  
ARG C   O    doub N N 19  
ARG C   OXT  sing N N 20  
ARG CB  CG   sing N N 21  
ARG CB  HB2  sing N N 22  
ARG CB  HB3  sing N N 23  
ARG CG  CD   sing N N 24  
ARG CG  HG2  sing N N 25  
ARG CG  HG3  sing N N 26  
ARG CD  NE   sing N N 27  
ARG CD  HD2  sing N N 28  
ARG CD  HD3  sing N N 29  
ARG NE  CZ   sing N N 30  
ARG NE  HE   sing N N 31  
ARG CZ  NH1  sing N N 32  
ARG CZ  NH2  doub N N 33  
ARG NH1 HH11 sing N N 34  
ARG NH1 HH12 sing N N 35  
ARG NH2 HH21 sing N N 36  
ARG NH2 HH22 sing N N 37  
ARG OXT HXT  sing N N 38  
ASN N   CA   sing N N 39  
ASN N   H    sing N N 40  
ASN N   H2   sing N N 41  
ASN CA  C    sing N N 42  
ASN CA  CB   sing N N 43  
ASN CA  HA   sing N N 44  
ASN C   O    doub N N 45  
ASN C   OXT  sing N N 46  
ASN CB  CG   sing N N 47  
ASN CB  HB2  sing N N 48  
ASN CB  HB3  sing N N 49  
ASN CG  OD1  doub N N 50  
ASN CG  ND2  sing N N 51  
ASN ND2 HD21 sing N N 52  
ASN ND2 HD22 sing N N 53  
ASN OXT HXT  sing N N 54  
ASP N   CA   sing N N 55  
ASP N   H    sing N N 56  
ASP N   H2   sing N N 57  
ASP CA  C    sing N N 58  
ASP CA  CB   sing N N 59  
ASP CA  HA   sing N N 60  
ASP C   O    doub N N 61  
ASP C   OXT  sing N N 62  
ASP CB  CG   sing N N 63  
ASP CB  HB2  sing N N 64  
ASP CB  HB3  sing N N 65  
ASP CG  OD1  doub N N 66  
ASP CG  OD2  sing N N 67  
ASP OD2 HD2  sing N N 68  
ASP OXT HXT  sing N N 69  
CYS N   CA   sing N N 70  
CYS N   H    sing N N 71  
CYS N   H2   sing N N 72  
CYS CA  C    sing N N 73  
CYS CA  CB   sing N N 74  
CYS CA  HA   sing N N 75  
CYS C   O    doub N N 76  
CYS C   OXT  sing N N 77  
CYS CB  SG   sing N N 78  
CYS CB  HB2  sing N N 79  
CYS CB  HB3  sing N N 80  
CYS SG  HG   sing N N 81  
CYS OXT HXT  sing N N 82  
GLN N   CA   sing N N 83  
GLN N   H    sing N N 84  
GLN N   H2   sing N N 85  
GLN CA  C    sing N N 86  
GLN CA  CB   sing N N 87  
GLN CA  HA   sing N N 88  
GLN C   O    doub N N 89  
GLN C   OXT  sing N N 90  
GLN CB  CG   sing N N 91  
GLN CB  HB2  sing N N 92  
GLN CB  HB3  sing N N 93  
GLN CG  CD   sing N N 94  
GLN CG  HG2  sing N N 95  
GLN CG  HG3  sing N N 96  
GLN CD  OE1  doub N N 97  
GLN CD  NE2  sing N N 98  
GLN NE2 HE21 sing N N 99  
GLN NE2 HE22 sing N N 100 
GLN OXT HXT  sing N N 101 
GLU N   CA   sing N N 102 
GLU N   H    sing N N 103 
GLU N   H2   sing N N 104 
GLU CA  C    sing N N 105 
GLU CA  CB   sing N N 106 
GLU CA  HA   sing N N 107 
GLU C   O    doub N N 108 
GLU C   OXT  sing N N 109 
GLU CB  CG   sing N N 110 
GLU CB  HB2  sing N N 111 
GLU CB  HB3  sing N N 112 
GLU CG  CD   sing N N 113 
GLU CG  HG2  sing N N 114 
GLU CG  HG3  sing N N 115 
GLU CD  OE1  doub N N 116 
GLU CD  OE2  sing N N 117 
GLU OE2 HE2  sing N N 118 
GLU OXT HXT  sing N N 119 
GLY N   CA   sing N N 120 
GLY N   H    sing N N 121 
GLY N   H2   sing N N 122 
GLY CA  C    sing N N 123 
GLY CA  HA2  sing N N 124 
GLY CA  HA3  sing N N 125 
GLY C   O    doub N N 126 
GLY C   OXT  sing N N 127 
GLY OXT HXT  sing N N 128 
HIS N   CA   sing N N 129 
HIS N   H    sing N N 130 
HIS N   H2   sing N N 131 
HIS CA  C    sing N N 132 
HIS CA  CB   sing N N 133 
HIS CA  HA   sing N N 134 
HIS C   O    doub N N 135 
HIS C   OXT  sing N N 136 
HIS CB  CG   sing N N 137 
HIS CB  HB2  sing N N 138 
HIS CB  HB3  sing N N 139 
HIS CG  ND1  sing Y N 140 
HIS CG  CD2  doub Y N 141 
HIS ND1 CE1  doub Y N 142 
HIS ND1 HD1  sing N N 143 
HIS CD2 NE2  sing Y N 144 
HIS CD2 HD2  sing N N 145 
HIS CE1 NE2  sing Y N 146 
HIS CE1 HE1  sing N N 147 
HIS NE2 HE2  sing N N 148 
HIS OXT HXT  sing N N 149 
HOH O   H1   sing N N 150 
HOH O   H2   sing N N 151 
ILE N   CA   sing N N 152 
ILE N   H    sing N N 153 
ILE N   H2   sing N N 154 
ILE CA  C    sing N N 155 
ILE CA  CB   sing N N 156 
ILE CA  HA   sing N N 157 
ILE C   O    doub N N 158 
ILE C   OXT  sing N N 159 
ILE CB  CG1  sing N N 160 
ILE CB  CG2  sing N N 161 
ILE CB  HB   sing N N 162 
ILE CG1 CD1  sing N N 163 
ILE CG1 HG12 sing N N 164 
ILE CG1 HG13 sing N N 165 
ILE CG2 HG21 sing N N 166 
ILE CG2 HG22 sing N N 167 
ILE CG2 HG23 sing N N 168 
ILE CD1 HD11 sing N N 169 
ILE CD1 HD12 sing N N 170 
ILE CD1 HD13 sing N N 171 
ILE OXT HXT  sing N N 172 
LEU N   CA   sing N N 173 
LEU N   H    sing N N 174 
LEU N   H2   sing N N 175 
LEU CA  C    sing N N 176 
LEU CA  CB   sing N N 177 
LEU CA  HA   sing N N 178 
LEU C   O    doub N N 179 
LEU C   OXT  sing N N 180 
LEU CB  CG   sing N N 181 
LEU CB  HB2  sing N N 182 
LEU CB  HB3  sing N N 183 
LEU CG  CD1  sing N N 184 
LEU CG  CD2  sing N N 185 
LEU CG  HG   sing N N 186 
LEU CD1 HD11 sing N N 187 
LEU CD1 HD12 sing N N 188 
LEU CD1 HD13 sing N N 189 
LEU CD2 HD21 sing N N 190 
LEU CD2 HD22 sing N N 191 
LEU CD2 HD23 sing N N 192 
LEU OXT HXT  sing N N 193 
LYS N   CA   sing N N 194 
LYS N   H    sing N N 195 
LYS N   H2   sing N N 196 
LYS CA  C    sing N N 197 
LYS CA  CB   sing N N 198 
LYS CA  HA   sing N N 199 
LYS C   O    doub N N 200 
LYS C   OXT  sing N N 201 
LYS CB  CG   sing N N 202 
LYS CB  HB2  sing N N 203 
LYS CB  HB3  sing N N 204 
LYS CG  CD   sing N N 205 
LYS CG  HG2  sing N N 206 
LYS CG  HG3  sing N N 207 
LYS CD  CE   sing N N 208 
LYS CD  HD2  sing N N 209 
LYS CD  HD3  sing N N 210 
LYS CE  NZ   sing N N 211 
LYS CE  HE2  sing N N 212 
LYS CE  HE3  sing N N 213 
LYS NZ  HZ1  sing N N 214 
LYS NZ  HZ2  sing N N 215 
LYS NZ  HZ3  sing N N 216 
LYS OXT HXT  sing N N 217 
MET N   CA   sing N N 218 
MET N   H    sing N N 219 
MET N   H2   sing N N 220 
MET CA  C    sing N N 221 
MET CA  CB   sing N N 222 
MET CA  HA   sing N N 223 
MET C   O    doub N N 224 
MET C   OXT  sing N N 225 
MET CB  CG   sing N N 226 
MET CB  HB2  sing N N 227 
MET CB  HB3  sing N N 228 
MET CG  SD   sing N N 229 
MET CG  HG2  sing N N 230 
MET CG  HG3  sing N N 231 
MET SD  CE   sing N N 232 
MET CE  HE1  sing N N 233 
MET CE  HE2  sing N N 234 
MET CE  HE3  sing N N 235 
MET OXT HXT  sing N N 236 
PCA N   CA   sing N N 237 
PCA N   CD   sing N N 238 
PCA N   H    sing N N 239 
PCA CA  CB   sing N N 240 
PCA CA  C    sing N N 241 
PCA CA  HA   sing N N 242 
PCA CB  CG   sing N N 243 
PCA CB  HB2  sing N N 244 
PCA CB  HB3  sing N N 245 
PCA CG  CD   sing N N 246 
PCA CG  HG2  sing N N 247 
PCA CG  HG3  sing N N 248 
PCA CD  OE   doub N N 249 
PCA C   O    doub N N 250 
PCA C   OXT  sing N N 251 
PCA OXT HXT  sing N N 252 
PHE N   CA   sing N N 253 
PHE N   H    sing N N 254 
PHE N   H2   sing N N 255 
PHE CA  C    sing N N 256 
PHE CA  CB   sing N N 257 
PHE CA  HA   sing N N 258 
PHE C   O    doub N N 259 
PHE C   OXT  sing N N 260 
PHE CB  CG   sing N N 261 
PHE CB  HB2  sing N N 262 
PHE CB  HB3  sing N N 263 
PHE CG  CD1  doub Y N 264 
PHE CG  CD2  sing Y N 265 
PHE CD1 CE1  sing Y N 266 
PHE CD1 HD1  sing N N 267 
PHE CD2 CE2  doub Y N 268 
PHE CD2 HD2  sing N N 269 
PHE CE1 CZ   doub Y N 270 
PHE CE1 HE1  sing N N 271 
PHE CE2 CZ   sing Y N 272 
PHE CE2 HE2  sing N N 273 
PHE CZ  HZ   sing N N 274 
PHE OXT HXT  sing N N 275 
PRO N   CA   sing N N 276 
PRO N   CD   sing N N 277 
PRO N   H    sing N N 278 
PRO CA  C    sing N N 279 
PRO CA  CB   sing N N 280 
PRO CA  HA   sing N N 281 
PRO C   O    doub N N 282 
PRO C   OXT  sing N N 283 
PRO CB  CG   sing N N 284 
PRO CB  HB2  sing N N 285 
PRO CB  HB3  sing N N 286 
PRO CG  CD   sing N N 287 
PRO CG  HG2  sing N N 288 
PRO CG  HG3  sing N N 289 
PRO CD  HD2  sing N N 290 
PRO CD  HD3  sing N N 291 
PRO OXT HXT  sing N N 292 
SER N   CA   sing N N 293 
SER N   H    sing N N 294 
SER N   H2   sing N N 295 
SER CA  C    sing N N 296 
SER CA  CB   sing N N 297 
SER CA  HA   sing N N 298 
SER C   O    doub N N 299 
SER C   OXT  sing N N 300 
SER CB  OG   sing N N 301 
SER CB  HB2  sing N N 302 
SER CB  HB3  sing N N 303 
SER OG  HG   sing N N 304 
SER OXT HXT  sing N N 305 
THR N   CA   sing N N 306 
THR N   H    sing N N 307 
THR N   H2   sing N N 308 
THR CA  C    sing N N 309 
THR CA  CB   sing N N 310 
THR CA  HA   sing N N 311 
THR C   O    doub N N 312 
THR C   OXT  sing N N 313 
THR CB  OG1  sing N N 314 
THR CB  CG2  sing N N 315 
THR CB  HB   sing N N 316 
THR OG1 HG1  sing N N 317 
THR CG2 HG21 sing N N 318 
THR CG2 HG22 sing N N 319 
THR CG2 HG23 sing N N 320 
THR OXT HXT  sing N N 321 
TYR N   CA   sing N N 322 
TYR N   H    sing N N 323 
TYR N   H2   sing N N 324 
TYR CA  C    sing N N 325 
TYR CA  CB   sing N N 326 
TYR CA  HA   sing N N 327 
TYR C   O    doub N N 328 
TYR C   OXT  sing N N 329 
TYR CB  CG   sing N N 330 
TYR CB  HB2  sing N N 331 
TYR CB  HB3  sing N N 332 
TYR CG  CD1  doub Y N 333 
TYR CG  CD2  sing Y N 334 
TYR CD1 CE1  sing Y N 335 
TYR CD1 HD1  sing N N 336 
TYR CD2 CE2  doub Y N 337 
TYR CD2 HD2  sing N N 338 
TYR CE1 CZ   doub Y N 339 
TYR CE1 HE1  sing N N 340 
TYR CE2 CZ   sing Y N 341 
TYR CE2 HE2  sing N N 342 
TYR CZ  OH   sing N N 343 
TYR OH  HH   sing N N 344 
TYR OXT HXT  sing N N 345 
VAL N   CA   sing N N 346 
VAL N   H    sing N N 347 
VAL N   H2   sing N N 348 
VAL CA  C    sing N N 349 
VAL CA  CB   sing N N 350 
VAL CA  HA   sing N N 351 
VAL C   O    doub N N 352 
VAL C   OXT  sing N N 353 
VAL CB  CG1  sing N N 354 
VAL CB  CG2  sing N N 355 
VAL CB  HB   sing N N 356 
VAL CG1 HG11 sing N N 357 
VAL CG1 HG12 sing N N 358 
VAL CG1 HG13 sing N N 359 
VAL CG2 HG21 sing N N 360 
VAL CG2 HG22 sing N N 361 
VAL CG2 HG23 sing N N 362 
VAL OXT HXT  sing N N 363 
# 
_atom_sites.entry_id                    1WQ9 
_atom_sites.fract_transf_matrix[1][1]   0.00268179 
_atom_sites.fract_transf_matrix[1][2]   0.00110393 
_atom_sites.fract_transf_matrix[1][3]   -0.01068129 
_atom_sites.fract_transf_matrix[2][1]   0.01207691 
_atom_sites.fract_transf_matrix[2][2]   0.01579645 
_atom_sites.fract_transf_matrix[2][3]   0.00466478 
_atom_sites.fract_transf_matrix[3][1]   0.01418759 
_atom_sites.fract_transf_matrix[3][2]   -0.01154639 
_atom_sites.fract_transf_matrix[3][3]   0.00236879 
_atom_sites.fract_transf_vector[1]      0.327697 
_atom_sites.fract_transf_vector[2]      0.085786 
_atom_sites.fract_transf_vector[3]      0.551899 
# 
loop_
_atom_type.symbol 
C 
N 
O 
S 
# 
loop_
_atom_site.group_PDB 
_atom_site.id 
_atom_site.type_symbol 
_atom_site.label_atom_id 
_atom_site.label_alt_id 
_atom_site.label_comp_id 
_atom_site.label_asym_id 
_atom_site.label_entity_id 
_atom_site.label_seq_id 
_atom_site.pdbx_PDB_ins_code 
_atom_site.Cartn_x 
_atom_site.Cartn_y 
_atom_site.Cartn_z 
_atom_site.occupancy 
_atom_site.B_iso_or_equiv 
_atom_site.pdbx_formal_charge 
_atom_site.auth_seq_id 
_atom_site.auth_comp_id 
_atom_site.auth_asym_id 
_atom_site.auth_atom_id 
_atom_site.pdbx_PDB_model_num 
ATOM   1    N N   . GLU A 1 1  ? 6.695   -5.016  22.987  1.00 46.66 ? 1    GLU A N   1 
ATOM   2    C CA  . GLU A 1 1  ? 5.333   -5.376  22.499  1.00 44.66 ? 1    GLU A CA  1 
ATOM   3    C C   . GLU A 1 1  ? 5.366   -6.108  21.151  1.00 43.23 ? 1    GLU A C   1 
ATOM   4    O O   . GLU A 1 1  ? 5.416   -5.487  20.089  1.00 43.03 ? 1    GLU A O   1 
ATOM   5    C CB  . GLU A 1 1  ? 4.483   -4.119  22.366  1.00 48.26 ? 1    GLU A CB  1 
ATOM   6    C CG  . GLU A 1 1  ? 5.105   -3.062  21.482  1.00 51.92 ? 1    GLU A CG  1 
ATOM   7    C CD  . GLU A 1 1  ? 4.068   -2.268  20.727  1.00 59.66 ? 1    GLU A CD  1 
ATOM   8    O OE1 . GLU A 1 1  ? 4.447   -1.324  19.999  1.00 65.27 ? 1    GLU A OE1 1 
ATOM   9    O OE2 . GLU A 1 1  ? 2.869   -2.590  20.860  1.00 65.08 ? 1    GLU A OE2 1 
ATOM   10   N N   . VAL A 1 2  ? 5.334   -7.434  21.203  1.00 40.68 ? 2    VAL A N   1 
ATOM   11   C CA  . VAL A 1 2  ? 5.356   -8.259  20.003  1.00 34.89 ? 2    VAL A CA  1 
ATOM   12   C C   . VAL A 1 2  ? 3.995   -8.243  19.308  1.00 34.77 ? 2    VAL A C   1 
ATOM   13   O O   . VAL A 1 2  ? 2.954   -8.258  19.961  1.00 31.15 ? 2    VAL A O   1 
ATOM   14   C CB  . VAL A 1 2  ? 5.702   -9.720  20.351  1.00 32.78 ? 2    VAL A CB  1 
ATOM   15   C CG1 . VAL A 1 2  ? 5.772   -10.554 19.083  1.00 27.17 ? 2    VAL A CG1 1 
ATOM   16   C CG2 . VAL A 1 2  ? 7.014   -9.779  21.119  1.00 33.54 ? 2    VAL A CG2 1 
ATOM   17   N N   . ARG A 1 3  ? 4.007   -8.220  17.980  1.00 30.57 ? 3    ARG A N   1 
ATOM   18   C CA  . ARG A 1 3  ? 2.768   -8.222  17.204  1.00 26.36 ? 3    ARG A CA  1 
ATOM   19   C C   . ARG A 1 3  ? 2.340   -9.690  17.065  1.00 24.16 ? 3    ARG A C   1 
ATOM   20   O O   . ARG A 1 3  ? 3.047   -10.492 16.467  1.00 20.18 ? 3    ARG A O   1 
ATOM   21   C CB  . ARG A 1 3  ? 3.022   -7.587  15.831  1.00 27.58 ? 3    ARG A CB  1 
ATOM   22   C CG  . ARG A 1 3  ? 1.806   -7.502  14.931  1.00 44.71 ? 3    ARG A CG  1 
ATOM   23   C CD  . ARG A 1 3  ? 1.418   -6.058  14.669  1.00 52.79 ? 3    ARG A CD  1 
ATOM   24   N NE  . ARG A 1 3  ? 2.403   -5.329  13.868  1.00 52.25 ? 3    ARG A NE  1 
ATOM   25   C CZ  . ARG A 1 3  ? 2.599   -5.508  12.564  1.00 52.31 ? 3    ARG A CZ  1 
ATOM   26   N NH1 . ARG A 1 3  ? 1.884   -6.399  11.895  1.00 55.08 ? 3    ARG A NH1 1 
ATOM   27   N NH2 . ARG A 1 3  ? 3.491   -4.773  11.918  1.00 42.47 ? 3    ARG A NH2 1 
ATOM   28   N N   . PRO A 1 4  ? 1.182   -10.064 17.639  1.00 23.87 ? 4    PRO A N   1 
ATOM   29   C CA  . PRO A 1 4  ? 0.772   -11.474 17.618  1.00 30.56 ? 4    PRO A CA  1 
ATOM   30   C C   . PRO A 1 4  ? 0.471   -12.032 16.228  1.00 26.57 ? 4    PRO A C   1 
ATOM   31   O O   . PRO A 1 4  ? -0.081  -11.343 15.367  1.00 26.49 ? 4    PRO A O   1 
ATOM   32   C CB  . PRO A 1 4  ? -0.447  -11.497 18.542  1.00 31.05 ? 4    PRO A CB  1 
ATOM   33   C CG  . PRO A 1 4  ? -1.033  -10.131 18.363  1.00 31.98 ? 4    PRO A CG  1 
ATOM   34   C CD  . PRO A 1 4  ? 0.197   -9.237  18.360  1.00 30.79 ? 4    PRO A CD  1 
ATOM   35   N N   . PHE A 1 5  ? 0.825   -13.298 16.033  1.00 20.96 ? 5    PHE A N   1 
ATOM   36   C CA  . PHE A 1 5  ? 0.645   -13.981 14.758  1.00 22.96 ? 5    PHE A CA  1 
ATOM   37   C C   . PHE A 1 5  ? -0.679  -13.723 14.042  1.00 27.57 ? 5    PHE A C   1 
ATOM   38   O O   . PHE A 1 5  ? -0.700  -13.233 12.911  1.00 31.30 ? 5    PHE A O   1 
ATOM   39   C CB  . PHE A 1 5  ? 0.822   -15.492 14.941  1.00 26.08 ? 5    PHE A CB  1 
ATOM   40   C CG  . PHE A 1 5  ? 0.723   -16.265 13.659  1.00 22.28 ? 5    PHE A CG  1 
ATOM   41   C CD1 . PHE A 1 5  ? 1.797   -16.317 12.779  1.00 26.00 ? 5    PHE A CD1 1 
ATOM   42   C CD2 . PHE A 1 5  ? -0.455  -16.916 13.314  1.00 28.09 ? 5    PHE A CD2 1 
ATOM   43   C CE1 . PHE A 1 5  ? 1.703   -17.009 11.567  1.00 28.72 ? 5    PHE A CE1 1 
ATOM   44   C CE2 . PHE A 1 5  ? -0.564  -17.612 12.106  1.00 28.23 ? 5    PHE A CE2 1 
ATOM   45   C CZ  . PHE A 1 5  ? 0.516   -17.659 11.231  1.00 29.55 ? 5    PHE A CZ  1 
ATOM   46   N N   . LEU A 1 6  ? -1.781  -14.073 14.693  1.00 31.04 ? 6    LEU A N   1 
ATOM   47   C CA  . LEU A 1 6  ? -3.112  -13.894 14.118  1.00 35.15 ? 6    LEU A CA  1 
ATOM   48   C C   . LEU A 1 6  ? -3.324  -12.494 13.526  1.00 34.67 ? 6    LEU A C   1 
ATOM   49   O O   . LEU A 1 6  ? -4.016  -12.329 12.513  1.00 31.22 ? 6    LEU A O   1 
ATOM   50   C CB  . LEU A 1 6  ? -4.171  -14.185 15.187  1.00 43.53 ? 6    LEU A CB  1 
ATOM   51   C CG  . LEU A 1 6  ? -3.745  -13.911 16.635  1.00 50.20 ? 6    LEU A CG  1 
ATOM   52   C CD1 . LEU A 1 6  ? -4.905  -14.185 17.582  1.00 52.69 ? 6    LEU A CD1 1 
ATOM   53   C CD2 . LEU A 1 6  ? -2.556  -14.794 17.002  1.00 44.96 ? 6    LEU A CD2 1 
ATOM   54   N N   . ASP A 1 7  ? -2.728  -11.490 14.159  1.00 28.17 ? 7    ASP A N   1 
ATOM   55   C CA  . ASP A 1 7  ? -2.852  -10.122 13.681  1.00 32.58 ? 7    ASP A CA  1 
ATOM   56   C C   . ASP A 1 7  ? -1.979  -9.945  12.442  1.00 27.88 ? 7    ASP A C   1 
ATOM   57   O O   . ASP A 1 7  ? -2.342  -9.244  11.491  1.00 23.56 ? 7    ASP A O   1 
ATOM   58   C CB  . ASP A 1 7  ? -2.417  -9.134  14.763  1.00 37.18 ? 7    ASP A CB  1 
ATOM   59   C CG  . ASP A 1 7  ? -2.504  -7.699  14.294  1.00 47.24 ? 7    ASP A CG  1 
ATOM   60   O OD1 . ASP A 1 7  ? -3.636  -7.210  14.072  1.00 54.91 ? 7    ASP A OD1 1 
ATOM   61   O OD2 . ASP A 1 7  ? -1.443  -7.060  14.134  1.00 56.43 ? 7    ASP A OD2 1 
ATOM   62   N N   . VAL A 1 8  ? -0.815  -10.580 12.468  1.00 22.26 ? 8    VAL A N   1 
ATOM   63   C CA  . VAL A 1 8  ? 0.103   -10.512 11.348  1.00 18.70 ? 8    VAL A CA  1 
ATOM   64   C C   . VAL A 1 8  ? -0.587  -11.145 10.151  1.00 17.28 ? 8    VAL A C   1 
ATOM   65   O O   . VAL A 1 8  ? -0.600  -10.571 9.068   1.00 16.07 ? 8    VAL A O   1 
ATOM   66   C CB  . VAL A 1 8  ? 1.429   -11.233 11.686  1.00 15.54 ? 8    VAL A CB  1 
ATOM   67   C CG1 . VAL A 1 8  ? 2.346   -11.299 10.467  1.00 19.10 ? 8    VAL A CG1 1 
ATOM   68   C CG2 . VAL A 1 8  ? 2.122   -10.470 12.793  1.00 15.71 ? 8    VAL A CG2 1 
ATOM   69   N N   . TYR A 1 9  ? -1.188  -12.316 10.349  1.00 18.97 ? 9    TYR A N   1 
ATOM   70   C CA  . TYR A 1 9  ? -1.880  -12.969 9.244   1.00 18.52 ? 9    TYR A CA  1 
ATOM   71   C C   . TYR A 1 9  ? -3.046  -12.137 8.698   1.00 15.45 ? 9    TYR A C   1 
ATOM   72   O O   . TYR A 1 9  ? -3.181  -11.980 7.479   1.00 25.02 ? 9    TYR A O   1 
ATOM   73   C CB  . TYR A 1 9  ? -2.419  -14.350 9.641   1.00 25.73 ? 9    TYR A CB  1 
ATOM   74   C CG  . TYR A 1 9  ? -3.096  -15.008 8.465   1.00 26.03 ? 9    TYR A CG  1 
ATOM   75   C CD1 . TYR A 1 9  ? -2.350  -15.423 7.363   1.00 31.72 ? 9    TYR A CD1 1 
ATOM   76   C CD2 . TYR A 1 9  ? -4.491  -15.080 8.383   1.00 21.88 ? 9    TYR A CD2 1 
ATOM   77   C CE1 . TYR A 1 9  ? -2.971  -15.884 6.198   1.00 36.02 ? 9    TYR A CE1 1 
ATOM   78   C CE2 . TYR A 1 9  ? -5.121  -15.534 7.226   1.00 30.26 ? 9    TYR A CE2 1 
ATOM   79   C CZ  . TYR A 1 9  ? -4.354  -15.934 6.134   1.00 33.32 ? 9    TYR A CZ  1 
ATOM   80   O OH  . TYR A 1 9  ? -4.962  -16.366 4.974   1.00 33.96 ? 9    TYR A OH  1 
ATOM   81   N N   . GLN A 1 10 ? -3.880  -11.601 9.585   1.00 14.59 ? 10   GLN A N   1 
ATOM   82   C CA  . GLN A 1 10 ? -5.038  -10.806 9.174   1.00 20.31 ? 10   GLN A CA  1 
ATOM   83   C C   . GLN A 1 10 ? -4.660  -9.705  8.171   1.00 19.95 ? 10   GLN A C   1 
ATOM   84   O O   . GLN A 1 10 ? -5.378  -9.469  7.201   1.00 22.62 ? 10   GLN A O   1 
ATOM   85   C CB  . GLN A 1 10 ? -5.706  -10.169 10.401  1.00 22.33 ? 10   GLN A CB  1 
ATOM   86   C CG  . GLN A 1 10 ? -7.208  -9.856  10.270  1.00 32.24 ? 10   GLN A CG  1 
ATOM   87   C CD  . GLN A 1 10 ? -7.528  -8.571  9.511   1.00 40.81 ? 10   GLN A CD  1 
ATOM   88   O OE1 . GLN A 1 10 ? -6.963  -7.511  9.785   1.00 35.98 ? 10   GLN A OE1 1 
ATOM   89   N NE2 . GLN A 1 10 ? -8.461  -8.662  8.564   1.00 37.02 ? 10   GLN A NE2 1 
ATOM   90   N N   . ARG A 1 11 ? -3.533  -9.040  8.400   1.00 17.17 ? 11   ARG A N   1 
ATOM   91   C CA  . ARG A 1 11 ? -3.112  -7.953  7.516   1.00 13.87 ? 11   ARG A CA  1 
ATOM   92   C C   . ARG A 1 11 ? -2.358  -8.417  6.265   1.00 15.50 ? 11   ARG A C   1 
ATOM   93   O O   . ARG A 1 11 ? -2.485  -7.819  5.206   1.00 15.10 ? 11   ARG A O   1 
ATOM   94   C CB  . ARG A 1 11 ? -2.239  -6.963  8.285   1.00 12.75 ? 11   ARG A CB  1 
ATOM   95   C CG  . ARG A 1 11 ? -2.907  -6.298  9.469   1.00 17.78 ? 11   ARG A CG  1 
ATOM   96   C CD  . ARG A 1 11 ? -3.880  -5.234  8.990   1.00 33.68 ? 11   ARG A CD  1 
ATOM   97   N NE  . ARG A 1 11 ? -5.094  -5.828  8.463   1.00 35.19 ? 11   ARG A NE  1 
ATOM   98   C CZ  . ARG A 1 11 ? -5.725  -5.444  7.356   1.00 26.87 ? 11   ARG A CZ  1 
ATOM   99   N NH1 . ARG A 1 11 ? -5.268  -4.449  6.608   1.00 30.88 ? 11   ARG A NH1 1 
ATOM   100  N NH2 . ARG A 1 11 ? -6.846  -6.055  7.017   1.00 19.68 ? 11   ARG A NH2 1 
ATOM   101  N N   . SER A 1 12 ? -1.593  -9.493  6.380   1.00 12.52 ? 12   SER A N   1 
ATOM   102  C CA  . SER A 1 12 ? -0.818  -9.981  5.247   1.00 15.32 ? 12   SER A CA  1 
ATOM   103  C C   . SER A 1 12 ? -1.645  -10.719 4.211   1.00 15.12 ? 12   SER A C   1 
ATOM   104  O O   . SER A 1 12 ? -1.216  -10.861 3.071   1.00 20.31 ? 12   SER A O   1 
ATOM   105  C CB  . SER A 1 12 ? 0.282   -10.925 5.728   1.00 13.80 ? 12   SER A CB  1 
ATOM   106  O OG  . SER A 1 12 ? -0.295  -12.190 6.040   1.00 24.42 ? 12   SER A OG  1 
ATOM   107  N N   . ALA A 1 13 ? -2.824  -11.192 4.598   1.00 14.20 ? 13   ALA A N   1 
ATOM   108  C CA  . ALA A 1 13 ? -3.647  -11.965 3.681   1.00 14.52 ? 13   ALA A CA  1 
ATOM   109  C C   . ALA A 1 13 ? -4.120  -11.208 2.456   1.00 18.63 ? 13   ALA A C   1 
ATOM   110  O O   . ALA A 1 13 ? -4.330  -9.985  2.491   1.00 15.86 ? 13   ALA A O   1 
ATOM   111  C CB  . ALA A 1 13 ? -4.851  -12.550 4.421   1.00 21.21 ? 13   ALA A CB  1 
ATOM   112  N N   . CYS A 1 14 ? -4.276  -11.956 1.366   1.00 17.79 ? 14   CYS A N   1 
ATOM   113  C CA  . CYS A 1 14 ? -4.774  -11.408 0.111   1.00 18.86 ? 14   CYS A CA  1 
ATOM   114  C C   . CYS A 1 14 ? -6.150  -10.813 0.405   1.00 16.74 ? 14   CYS A C   1 
ATOM   115  O O   . CYS A 1 14 ? -7.042  -11.513 0.889   1.00 12.47 ? 14   CYS A O   1 
ATOM   116  C CB  . CYS A 1 14 ? -4.907  -12.520 -0.920  1.00 18.57 ? 14   CYS A CB  1 
ATOM   117  S SG  . CYS A 1 14 ? -5.824  -12.054 -2.418  1.00 16.78 ? 14   CYS A SG  1 
ATOM   118  N N   . GLN A 1 15 ? -6.312  -9.526  0.112   1.00 15.21 ? 15   GLN A N   1 
ATOM   119  C CA  . GLN A 1 15 ? -7.567  -8.819  0.368   1.00 15.25 ? 15   GLN A CA  1 
ATOM   120  C C   . GLN A 1 15 ? -7.482  -7.452  -0.300  1.00 15.17 ? 15   GLN A C   1 
ATOM   121  O O   . GLN A 1 15 ? -6.413  -7.054  -0.778  1.00 13.87 ? 15   GLN A O   1 
ATOM   122  C CB  . GLN A 1 15 ? -7.752  -8.615  1.874   1.00 15.37 ? 15   GLN A CB  1 
ATOM   123  C CG  . GLN A 1 15 ? -6.638  -7.752  2.466   1.00 16.56 ? 15   GLN A CG  1 
ATOM   124  C CD  . GLN A 1 15 ? -6.649  -7.706  3.977   1.00 19.84 ? 15   GLN A CD  1 
ATOM   125  O OE1 . GLN A 1 15 ? -7.480  -7.026  4.597   1.00 17.75 ? 15   GLN A OE1 1 
ATOM   126  N NE2 . GLN A 1 15 ? -5.718  -8.436  4.587   1.00 14.66 ? 15   GLN A NE2 1 
ATOM   127  N N   . THR A 1 16 ? -8.598  -6.730  -0.342  1.00 13.50 ? 16   THR A N   1 
ATOM   128  C CA  . THR A 1 16 ? -8.577  -5.396  -0.938  1.00 17.09 ? 16   THR A CA  1 
ATOM   129  C C   . THR A 1 16 ? -8.010  -4.459  0.122   1.00 17.86 ? 16   THR A C   1 
ATOM   130  O O   . THR A 1 16 ? -8.333  -4.590  1.296   1.00 21.50 ? 16   THR A O   1 
ATOM   131  C CB  . THR A 1 16 ? -9.984  -4.916  -1.284  1.00 24.63 ? 16   THR A CB  1 
ATOM   132  O OG1 . THR A 1 16 ? -10.761 -4.862  -0.085  1.00 22.12 ? 16   THR A OG1 1 
ATOM   133  C CG2 . THR A 1 16 ? -10.646 -5.860  -2.256  1.00 22.64 ? 16   THR A CG2 1 
ATOM   134  N N   . ARG A 1 17 ? -7.140  -3.538  -0.274  1.00 14.27 ? 17   ARG A N   1 
ATOM   135  C CA  . ARG A 1 17 ? -6.562  -2.618  0.692   1.00 14.28 ? 17   ARG A CA  1 
ATOM   136  C C   . ARG A 1 17 ? -6.234  -1.280  0.066   1.00 12.84 ? 17   ARG A C   1 
ATOM   137  O O   . ARG A 1 17 ? -6.105  -1.164  -1.159  1.00 15.08 ? 17   ARG A O   1 
ATOM   138  C CB  . ARG A 1 17 ? -5.306  -3.216  1.342   1.00 12.82 ? 17   ARG A CB  1 
ATOM   139  C CG  . ARG A 1 17 ? -4.077  -3.288  0.446   1.00 14.58 ? 17   ARG A CG  1 
ATOM   140  C CD  . ARG A 1 17 ? -2.871  -3.926  1.168   1.00 16.83 ? 17   ARG A CD  1 
ATOM   141  N NE  . ARG A 1 17 ? -2.974  -5.386  1.267   1.00 20.69 ? 17   ARG A NE  1 
ATOM   142  C CZ  . ARG A 1 17 ? -2.951  -6.071  2.412   1.00 16.49 ? 17   ARG A CZ  1 
ATOM   143  N NH1 . ARG A 1 17 ? -2.827  -5.435  3.571   1.00 14.17 ? 17   ARG A NH1 1 
ATOM   144  N NH2 . ARG A 1 17 ? -3.054  -7.396  2.397   1.00 10.54 ? 17   ARG A NH2 1 
ATOM   145  N N   . GLU A 1 18 ? -6.092  -0.273  0.924   1.00 17.38 ? 18   GLU A N   1 
ATOM   146  C CA  . GLU A 1 18 ? -5.794  1.078   0.491   1.00 16.67 ? 18   GLU A CA  1 
ATOM   147  C C   . GLU A 1 18 ? -4.548  1.072   -0.366  1.00 15.43 ? 18   GLU A C   1 
ATOM   148  O O   . GLU A 1 18 ? -3.485  0.598   0.049   1.00 15.98 ? 18   GLU A O   1 
ATOM   149  C CB  . GLU A 1 18 ? -5.612  1.980   1.704   1.00 19.37 ? 18   GLU A CB  1 
ATOM   150  C CG  . GLU A 1 18 ? -5.235  3.399   1.362   1.00 20.37 ? 18   GLU A CG  1 
ATOM   151  C CD  . GLU A 1 18 ? -5.152  4.265   2.596   1.00 20.85 ? 18   GLU A CD  1 
ATOM   152  O OE1 . GLU A 1 18 ? -6.212  4.746   3.028   1.00 23.95 ? 18   GLU A OE1 1 
ATOM   153  O OE2 . GLU A 1 18 ? -4.037  4.435   3.136   1.00 23.58 ? 18   GLU A OE2 1 
ATOM   154  N N   . THR A 1 19 ? -4.691  1.604   -1.574  1.00 14.89 ? 19   THR A N   1 
ATOM   155  C CA  . THR A 1 19 ? -3.608  1.627   -2.540  1.00 16.73 ? 19   THR A CA  1 
ATOM   156  C C   . THR A 1 19 ? -3.585  2.997   -3.205  1.00 15.17 ? 19   THR A C   1 
ATOM   157  O O   . THR A 1 19 ? -4.624  3.521   -3.609  1.00 14.90 ? 19   THR A O   1 
ATOM   158  C CB  . THR A 1 19 ? -3.821  0.500   -3.616  1.00 19.22 ? 19   THR A CB  1 
ATOM   159  O OG1 . THR A 1 19 ? -4.028  -0.752  -2.956  1.00 14.77 ? 19   THR A OG1 1 
ATOM   160  C CG2 . THR A 1 19 ? -2.605  0.355   -4.528  1.00 17.54 ? 19   THR A CG2 1 
ATOM   161  N N   . LEU A 1 20 ? -2.396  3.576   -3.300  1.00 12.89 ? 20   LEU A N   1 
ATOM   162  C CA  . LEU A 1 20 ? -2.233  4.878   -3.933  1.00 15.15 ? 20   LEU A CA  1 
ATOM   163  C C   . LEU A 1 20 ? -2.088  4.709   -5.447  1.00 13.40 ? 20   LEU A C   1 
ATOM   164  O O   . LEU A 1 20 ? -1.307  3.882   -5.902  1.00 12.08 ? 20   LEU A O   1 
ATOM   165  C CB  . LEU A 1 20 ? -0.982  5.580   -3.388  1.00 17.32 ? 20   LEU A CB  1 
ATOM   166  C CG  . LEU A 1 20 ? -0.994  5.971   -1.903  1.00 19.95 ? 20   LEU A CG  1 
ATOM   167  C CD1 . LEU A 1 20 ? 0.361   6.550   -1.487  1.00 13.41 ? 20   LEU A CD1 1 
ATOM   168  C CD2 . LEU A 1 20 ? -2.093  6.980   -1.666  1.00 18.92 ? 20   LEU A CD2 1 
ATOM   169  N N   . VAL A 1 21 ? -2.862  5.474   -6.214  1.00 11.44 ? 21   VAL A N   1 
ATOM   170  C CA  . VAL A 1 21 ? -2.786  5.436   -7.672  1.00 13.09 ? 21   VAL A CA  1 
ATOM   171  C C   . VAL A 1 21 ? -2.753  6.902   -8.109  1.00 13.08 ? 21   VAL A C   1 
ATOM   172  O O   . VAL A 1 21 ? -3.496  7.719   -7.584  1.00 14.94 ? 21   VAL A O   1 
ATOM   173  C CB  . VAL A 1 21 ? -4.027  4.737   -8.313  1.00 11.64 ? 21   VAL A CB  1 
ATOM   174  C CG1 . VAL A 1 21 ? -4.092  3.268   -7.877  1.00 14.62 ? 21   VAL A CG1 1 
ATOM   175  C CG2 . VAL A 1 21 ? -5.302  5.465   -7.916  1.00 14.19 ? 21   VAL A CG2 1 
ATOM   176  N N   . SER A 1 22 ? -1.891  7.247   -9.052  1.00 17.14 ? 22   SER A N   1 
ATOM   177  C CA  . SER A 1 22 ? -1.838  8.637   -9.495  1.00 16.30 ? 22   SER A CA  1 
ATOM   178  C C   . SER A 1 22 ? -2.996  8.840   -10.456 1.00 15.45 ? 22   SER A C   1 
ATOM   179  O O   . SER A 1 22 ? -3.466  7.883   -11.084 1.00 16.03 ? 22   SER A O   1 
ATOM   180  C CB  . SER A 1 22 ? -0.516  8.940   -10.193 1.00 18.37 ? 22   SER A CB  1 
ATOM   181  O OG  . SER A 1 22 ? -0.416  8.257   -11.430 1.00 15.90 ? 22   SER A OG  1 
ATOM   182  N N   . ILE A 1 23 ? -3.484  10.071  -10.549 1.00 13.80 ? 23   ILE A N   1 
ATOM   183  C CA  . ILE A 1 23 ? -4.576  10.350  -11.466 1.00 18.29 ? 23   ILE A CA  1 
ATOM   184  C C   . ILE A 1 23 ? -4.116  10.045  -12.901 1.00 15.71 ? 23   ILE A C   1 
ATOM   185  O O   . ILE A 1 23 ? -4.901  9.588   -13.715 1.00 13.98 ? 23   ILE A O   1 
ATOM   186  C CB  . ILE A 1 23 ? -5.061  11.827  -11.352 1.00 21.92 ? 23   ILE A CB  1 
ATOM   187  C CG1 . ILE A 1 23 ? -5.987  11.989  -10.134 1.00 26.95 ? 23   ILE A CG1 1 
ATOM   188  C CG2 . ILE A 1 23 ? -5.860  12.227  -12.577 1.00 21.98 ? 23   ILE A CG2 1 
ATOM   189  C CD1 . ILE A 1 23 ? -5.279  12.173  -8.830  1.00 31.63 ? 23   ILE A CD1 1 
ATOM   190  N N   . LEU A 1 24 ? -2.839  10.276  -13.193 1.00 17.12 ? 24   LEU A N   1 
ATOM   191  C CA  . LEU A 1 24 ? -2.307  10.022  -14.534 1.00 20.46 ? 24   LEU A CA  1 
ATOM   192  C C   . LEU A 1 24 ? -2.309  8.559   -14.939 1.00 18.13 ? 24   LEU A C   1 
ATOM   193  O O   . LEU A 1 24 ? -2.529  8.241   -16.112 1.00 20.19 ? 24   LEU A O   1 
ATOM   194  C CB  . LEU A 1 24 ? -0.886  10.574  -14.674 1.00 24.79 ? 24   LEU A CB  1 
ATOM   195  C CG  . LEU A 1 24 ? -0.767  12.013  -15.178 1.00 31.08 ? 24   LEU A CG  1 
ATOM   196  C CD1 . LEU A 1 24 ? 0.717   12.368  -15.342 1.00 34.27 ? 24   LEU A CD1 1 
ATOM   197  C CD2 . LEU A 1 24 ? -1.503  12.166  -16.520 1.00 26.81 ? 24   LEU A CD2 1 
ATOM   198  N N   . GLN A 1 25 ? -2.043  7.664   -13.993 1.00 14.62 ? 25   GLN A N   1 
ATOM   199  C CA  . GLN A 1 25 ? -2.062  6.251   -14.320 1.00 22.56 ? 25   GLN A CA  1 
ATOM   200  C C   . GLN A 1 25 ? -3.486  5.718   -14.468 1.00 21.57 ? 25   GLN A C   1 
ATOM   201  O O   . GLN A 1 25 ? -3.724  4.791   -15.238 1.00 15.13 ? 25   GLN A O   1 
ATOM   202  C CB  . GLN A 1 25 ? -1.267  5.414   -13.294 1.00 28.67 ? 25   GLN A CB  1 
ATOM   203  C CG  . GLN A 1 25 ? -1.507  5.680   -11.810 1.00 40.69 ? 25   GLN A CG  1 
ATOM   204  C CD  . GLN A 1 25 ? -0.452  4.991   -10.927 1.00 47.72 ? 25   GLN A CD  1 
ATOM   205  O OE1 . GLN A 1 25 ? -0.338  5.263   -9.724  1.00 32.15 ? 25   GLN A OE1 1 
ATOM   206  N NE2 . GLN A 1 25 ? 0.321   4.089   -11.532 1.00 51.95 ? 25   GLN A NE2 1 
ATOM   207  N N   . GLU A 1 26 ? -4.437  6.323   -13.761 1.00 15.61 ? 26   GLU A N   1 
ATOM   208  C CA  . GLU A 1 26 ? -5.828  5.877   -13.841 1.00 14.92 ? 26   GLU A CA  1 
ATOM   209  C C   . GLU A 1 26 ? -6.611  6.565   -14.964 1.00 15.17 ? 26   GLU A C   1 
ATOM   210  O O   . GLU A 1 26 ? -7.646  6.056   -15.406 1.00 14.34 ? 26   GLU A O   1 
ATOM   211  C CB  . GLU A 1 26 ? -6.527  6.117   -12.496 1.00 16.60 ? 26   GLU A CB  1 
ATOM   212  C CG  . GLU A 1 26 ? -5.879  5.353   -11.343 1.00 14.42 ? 26   GLU A CG  1 
ATOM   213  C CD  . GLU A 1 26 ? -5.796  3.858   -11.619 1.00 19.43 ? 26   GLU A CD  1 
ATOM   214  O OE1 . GLU A 1 26 ? -4.692  3.290   -11.530 1.00 23.47 ? 26   GLU A OE1 1 
ATOM   215  O OE2 . GLU A 1 26 ? -6.836  3.248   -11.929 1.00 17.48 ? 26   GLU A OE2 1 
ATOM   216  N N   . HIS A 1 27 ? -6.110  7.723   -15.396 1.00 9.01  ? 27   HIS A N   1 
ATOM   217  C CA  . HIS A 1 27 ? -6.721  8.543   -16.457 1.00 15.26 ? 27   HIS A CA  1 
ATOM   218  C C   . HIS A 1 27 ? -5.597  9.129   -17.335 1.00 17.04 ? 27   HIS A C   1 
ATOM   219  O O   . HIS A 1 27 ? -5.317  10.326  -17.290 1.00 12.78 ? 27   HIS A O   1 
ATOM   220  C CB  . HIS A 1 27 ? -7.536  9.689   -15.834 1.00 17.09 ? 27   HIS A CB  1 
ATOM   221  C CG  . HIS A 1 27 ? -8.738  9.227   -15.070 1.00 19.33 ? 27   HIS A CG  1 
ATOM   222  N ND1 . HIS A 1 27 ? -9.931  8.904   -15.682 1.00 17.35 ? 27   HIS A ND1 1 
ATOM   223  C CD2 . HIS A 1 27 ? -8.914  8.979   -13.751 1.00 14.29 ? 27   HIS A CD2 1 
ATOM   224  C CE1 . HIS A 1 27 ? -10.790 8.476   -14.772 1.00 10.69 ? 27   HIS A CE1 1 
ATOM   225  N NE2 . HIS A 1 27 ? -10.197 8.510   -13.593 1.00 17.67 ? 27   HIS A NE2 1 
ATOM   226  N N   . PRO A 1 28 ? -4.939  8.277   -18.137 1.00 12.48 ? 28   PRO A N   1 
ATOM   227  C CA  . PRO A 1 28 ? -3.778  8.627   -18.962 1.00 16.62 ? 28   PRO A CA  1 
ATOM   228  C C   . PRO A 1 28 ? -4.000  9.813   -19.889 1.00 15.68 ? 28   PRO A C   1 
ATOM   229  O O   . PRO A 1 28 ? -3.052  10.516  -20.255 1.00 13.86 ? 28   PRO A O   1 
ATOM   230  C CB  . PRO A 1 28 ? -3.514  7.344   -19.754 1.00 22.04 ? 28   PRO A CB  1 
ATOM   231  C CG  . PRO A 1 28 ? -4.003  6.283   -18.878 1.00 16.88 ? 28   PRO A CG  1 
ATOM   232  C CD  . PRO A 1 28 ? -5.279  6.857   -18.300 1.00 12.25 ? 28   PRO A CD  1 
ATOM   233  N N   . ASP A 1 29 ? -5.251  10.034  -20.275 1.00 13.91 ? 29   ASP A N   1 
ATOM   234  C CA  . ASP A 1 29 ? -5.555  11.133  -21.181 1.00 15.91 ? 29   ASP A CA  1 
ATOM   235  C C   . ASP A 1 29 ? -5.563  12.500  -20.513 1.00 17.51 ? 29   ASP A C   1 
ATOM   236  O O   . ASP A 1 29 ? -5.511  13.520  -21.200 1.00 18.34 ? 29   ASP A O   1 
ATOM   237  C CB  . ASP A 1 29 ? -6.901  10.902  -21.869 1.00 14.37 ? 29   ASP A CB  1 
ATOM   238  C CG  . ASP A 1 29 ? -8.021  10.717  -20.884 1.00 15.18 ? 29   ASP A CG  1 
ATOM   239  O OD1 . ASP A 1 29 ? -8.064  9.657   -20.223 1.00 17.05 ? 29   ASP A OD1 1 
ATOM   240  O OD2 . ASP A 1 29 ? -8.848  11.639  -20.765 1.00 18.96 ? 29   ASP A OD2 1 
ATOM   241  N N   . GLU A 1 30 ? -5.623  12.528  -19.185 1.00 18.02 ? 30   GLU A N   1 
ATOM   242  C CA  . GLU A 1 30 ? -5.637  13.797  -18.458 1.00 19.10 ? 30   GLU A CA  1 
ATOM   243  C C   . GLU A 1 30 ? -4.216  14.325  -18.327 1.00 22.20 ? 30   GLU A C   1 
ATOM   244  O O   . GLU A 1 30 ? -3.653  14.361  -17.234 1.00 23.30 ? 30   GLU A O   1 
ATOM   245  C CB  . GLU A 1 30 ? -6.262  13.596  -17.075 1.00 15.25 ? 30   GLU A CB  1 
ATOM   246  C CG  . GLU A 1 30 ? -7.753  13.292  -17.117 1.00 14.47 ? 30   GLU A CG  1 
ATOM   247  C CD  . GLU A 1 30 ? -8.598  14.510  -17.458 1.00 12.51 ? 30   GLU A CD  1 
ATOM   248  O OE1 . GLU A 1 30 ? -8.050  15.577  -17.828 1.00 14.58 ? 30   GLU A OE1 1 
ATOM   249  O OE2 . GLU A 1 30 ? -9.829  14.395  -17.358 1.00 21.32 ? 30   GLU A OE2 1 
ATOM   250  N N   . ILE A 1 31 ? -3.651  14.758  -19.448 1.00 23.46 ? 31   ILE A N   1 
ATOM   251  C CA  . ILE A 1 31 ? -2.278  15.249  -19.477 1.00 26.63 ? 31   ILE A CA  1 
ATOM   252  C C   . ILE A 1 31 ? -2.066  16.765  -19.454 1.00 24.49 ? 31   ILE A C   1 
ATOM   253  O O   . ILE A 1 31 ? -0.945  17.214  -19.277 1.00 29.05 ? 31   ILE A O   1 
ATOM   254  C CB  . ILE A 1 31 ? -1.547  14.738  -20.729 1.00 25.37 ? 31   ILE A CB  1 
ATOM   255  C CG1 . ILE A 1 31 ? -2.253  15.271  -21.975 1.00 22.04 ? 31   ILE A CG1 1 
ATOM   256  C CG2 . ILE A 1 31 ? -1.535  13.215  -20.754 1.00 32.02 ? 31   ILE A CG2 1 
ATOM   257  C CD1 . ILE A 1 31 ? -1.551  14.924  -23.273 1.00 28.64 ? 31   ILE A CD1 1 
ATOM   258  N N   . SER A 1 32 ? -3.120  17.550  -19.629 1.00 25.95 ? 32   SER A N   1 
ATOM   259  C CA  . SER A 1 32 ? -2.958  19.000  -19.671 1.00 30.81 ? 32   SER A CA  1 
ATOM   260  C C   . SER A 1 32 ? -3.133  19.773  -18.362 1.00 32.12 ? 32   SER A C   1 
ATOM   261  O O   . SER A 1 32 ? -2.503  20.812  -18.161 1.00 29.38 ? 32   SER A O   1 
ATOM   262  C CB  . SER A 1 32 ? -3.892  19.578  -20.740 1.00 35.61 ? 32   SER A CB  1 
ATOM   263  O OG  . SER A 1 32 ? -5.239  19.192  -20.515 1.00 40.87 ? 32   SER A OG  1 
ATOM   264  N N   . ASP A 1 33 ? -3.972  19.276  -17.466 1.00 25.93 ? 33   ASP A N   1 
ATOM   265  C CA  . ASP A 1 33 ? -4.199  19.988  -16.220 1.00 23.74 ? 33   ASP A CA  1 
ATOM   266  C C   . ASP A 1 33 ? -3.434  19.442  -15.033 1.00 27.23 ? 33   ASP A C   1 
ATOM   267  O O   . ASP A 1 33 ? -2.813  18.383  -15.097 1.00 25.78 ? 33   ASP A O   1 
ATOM   268  C CB  . ASP A 1 33 ? -5.689  20.000  -15.884 1.00 22.41 ? 33   ASP A CB  1 
ATOM   269  C CG  . ASP A 1 33 ? -6.521  20.689  -16.951 1.00 29.31 ? 33   ASP A CG  1 
ATOM   270  O OD1 . ASP A 1 33 ? -6.051  21.698  -17.516 1.00 27.48 ? 33   ASP A OD1 1 
ATOM   271  O OD2 . ASP A 1 33 ? -7.652  20.236  -17.214 1.00 22.91 ? 33   ASP A OD2 1 
ATOM   272  N N   . ILE A 1 34 ? -3.492  20.187  -13.938 1.00 26.33 ? 34   ILE A N   1 
ATOM   273  C CA  . ILE A 1 34 ? -2.834  19.795  -12.701 1.00 28.95 ? 34   ILE A CA  1 
ATOM   274  C C   . ILE A 1 34 ? -3.910  19.408  -11.691 1.00 22.87 ? 34   ILE A C   1 
ATOM   275  O O   . ILE A 1 34 ? -4.932  20.084  -11.564 1.00 22.55 ? 34   ILE A O   1 
ATOM   276  C CB  . ILE A 1 34 ? -1.987  20.958  -12.149 1.00 28.89 ? 34   ILE A CB  1 
ATOM   277  C CG1 . ILE A 1 34 ? -0.809  21.218  -13.095 1.00 33.95 ? 34   ILE A CG1 1 
ATOM   278  C CG2 . ILE A 1 34 ? -1.515  20.648  -10.743 1.00 27.49 ? 34   ILE A CG2 1 
ATOM   279  C CD1 . ILE A 1 34 ? -0.047  22.500  -12.797 1.00 43.57 ? 34   ILE A CD1 1 
ATOM   280  N N   . PHE A 1 35 ? -3.689  18.313  -10.978 1.00 21.59 ? 35   PHE A N   1 
ATOM   281  C CA  . PHE A 1 35 ? -4.668  17.872  -10.003 1.00 20.45 ? 35   PHE A CA  1 
ATOM   282  C C   . PHE A 1 35 ? -4.148  17.912  -8.578  1.00 18.27 ? 35   PHE A C   1 
ATOM   283  O O   . PHE A 1 35 ? -2.988  17.633  -8.324  1.00 21.01 ? 35   PHE A O   1 
ATOM   284  C CB  . PHE A 1 35 ? -5.132  16.465  -10.345 1.00 17.42 ? 35   PHE A CB  1 
ATOM   285  C CG  . PHE A 1 35 ? -5.821  16.373  -11.666 1.00 17.79 ? 35   PHE A CG  1 
ATOM   286  C CD1 . PHE A 1 35 ? -7.187  16.627  -11.773 1.00 18.59 ? 35   PHE A CD1 1 
ATOM   287  C CD2 . PHE A 1 35 ? -5.101  16.062  -12.814 1.00 15.81 ? 35   PHE A CD2 1 
ATOM   288  C CE1 . PHE A 1 35 ? -7.832  16.572  -13.012 1.00 24.76 ? 35   PHE A CE1 1 
ATOM   289  C CE2 . PHE A 1 35 ? -5.738  16.005  -14.064 1.00 16.05 ? 35   PHE A CE2 1 
ATOM   290  C CZ  . PHE A 1 35 ? -7.098  16.259  -14.162 1.00 16.01 ? 35   PHE A CZ  1 
ATOM   291  N N   . ARG A 1 36 ? -5.032  18.282  -7.661  1.00 21.16 ? 36   ARG A N   1 
ATOM   292  C CA  . ARG A 1 36 ? -4.717  18.344  -6.242  1.00 19.08 ? 36   ARG A CA  1 
ATOM   293  C C   . ARG A 1 36 ? -5.801  17.561  -5.527  1.00 16.84 ? 36   ARG A C   1 
ATOM   294  O O   . ARG A 1 36 ? -6.986  17.903  -5.600  1.00 16.64 ? 36   ARG A O   1 
ATOM   295  C CB  . ARG A 1 36 ? -4.716  19.786  -5.739  1.00 24.18 ? 36   ARG A CB  1 
ATOM   296  C CG  . ARG A 1 36 ? -3.438  20.558  -6.032  1.00 22.19 ? 36   ARG A CG  1 
ATOM   297  C CD  . ARG A 1 36 ? -3.521  21.945  -5.410  1.00 34.54 ? 36   ARG A CD  1 
ATOM   298  N NE  . ARG A 1 36 ? -2.255  22.667  -5.479  1.00 45.20 ? 36   ARG A NE  1 
ATOM   299  C CZ  . ARG A 1 36 ? -2.016  23.827  -4.867  1.00 49.40 ? 36   ARG A CZ  1 
ATOM   300  N NH1 . ARG A 1 36 ? -2.962  24.411  -4.132  1.00 42.96 ? 36   ARG A NH1 1 
ATOM   301  N NH2 . ARG A 1 36 ? -0.820  24.397  -4.979  1.00 46.30 ? 36   ARG A NH2 1 
ATOM   302  N N   . PRO A 1 37 ? -5.422  16.455  -4.877  1.00 15.13 ? 37   PRO A N   1 
ATOM   303  C CA  . PRO A 1 37 ? -4.069  15.894  -4.856  1.00 18.06 ? 37   PRO A CA  1 
ATOM   304  C C   . PRO A 1 37 ? -3.776  15.213  -6.202  1.00 14.29 ? 37   PRO A C   1 
ATOM   305  O O   . PRO A 1 37 ? -4.697  14.962  -6.972  1.00 14.46 ? 37   PRO A O   1 
ATOM   306  C CB  . PRO A 1 37 ? -4.142  14.904  -3.697  1.00 14.60 ? 37   PRO A CB  1 
ATOM   307  C CG  . PRO A 1 37 ? -5.524  14.389  -3.813  1.00 22.48 ? 37   PRO A CG  1 
ATOM   308  C CD  . PRO A 1 37 ? -6.348  15.624  -4.089  1.00 23.08 ? 37   PRO A CD  1 
ATOM   309  N N   . SER A 1 38 ? -2.515  14.895  -6.481  1.00 14.94 ? 38   SER A N   1 
ATOM   310  C CA  . SER A 1 38 ? -2.183  14.258  -7.758  1.00 13.87 ? 38   SER A CA  1 
ATOM   311  C C   . SER A 1 38 ? -2.341  12.733  -7.707  1.00 16.19 ? 38   SER A C   1 
ATOM   312  O O   . SER A 1 38 ? -2.174  12.050  -8.719  1.00 13.59 ? 38   SER A O   1 
ATOM   313  C CB  . SER A 1 38 ? -0.757  14.608  -8.178  1.00 11.65 ? 38   SER A CB  1 
ATOM   314  O OG  . SER A 1 38 ? 0.161   13.975  -7.310  1.00 13.59 ? 38   SER A OG  1 
ATOM   315  N N   . CYS A 1 39 ? -2.648  12.206  -6.529  1.00 13.12 ? 39   CYS A N   1 
ATOM   316  C CA  . CYS A 1 39 ? -2.865  10.774  -6.365  1.00 14.65 ? 39   CYS A CA  1 
ATOM   317  C C   . CYS A 1 39 ? -4.060  10.568  -5.442  1.00 15.91 ? 39   CYS A C   1 
ATOM   318  O O   . CYS A 1 39 ? -4.478  11.490  -4.738  1.00 15.88 ? 39   CYS A O   1 
ATOM   319  C CB  . CYS A 1 39 ? -1.633  10.087  -5.772  1.00 19.28 ? 39   CYS A CB  1 
ATOM   320  S SG  . CYS A 1 39 ? -1.313  10.342  -3.987  1.00 18.66 ? 39   CYS A SG  1 
ATOM   321  N N   . VAL A 1 40 ? -4.634  9.374   -5.468  1.00 15.66 ? 40   VAL A N   1 
ATOM   322  C CA  . VAL A 1 40 ? -5.770  9.078   -4.603  1.00 15.75 ? 40   VAL A CA  1 
ATOM   323  C C   . VAL A 1 40 ? -5.620  7.670   -4.079  1.00 17.11 ? 40   VAL A C   1 
ATOM   324  O O   . VAL A 1 40 ? -4.921  6.834   -4.674  1.00 11.77 ? 40   VAL A O   1 
ATOM   325  C CB  . VAL A 1 40 ? -7.149  9.180   -5.339  1.00 22.65 ? 40   VAL A CB  1 
ATOM   326  C CG1 . VAL A 1 40 ? -7.358  10.586  -5.887  1.00 19.69 ? 40   VAL A CG1 1 
ATOM   327  C CG2 . VAL A 1 40 ? -7.232  8.161   -6.446  1.00 23.83 ? 40   VAL A CG2 1 
ATOM   328  N N   . ALA A 1 41 ? -6.271  7.413   -2.954  1.00 13.19 ? 41   ALA A N   1 
ATOM   329  C CA  . ALA A 1 41 ? -6.217  6.099   -2.335  1.00 13.85 ? 41   ALA A CA  1 
ATOM   330  C C   . ALA A 1 41 ? -7.479  5.357   -2.713  1.00 19.28 ? 41   ALA A C   1 
ATOM   331  O O   . ALA A 1 41 ? -8.585  5.880   -2.572  1.00 18.70 ? 41   ALA A O   1 
ATOM   332  C CB  . ALA A 1 41 ? -6.129  6.227   -0.815  1.00 16.09 ? 41   ALA A CB  1 
ATOM   333  N N   . VAL A 1 42 ? -7.317  4.142   -3.224  1.00 16.32 ? 42   VAL A N   1 
ATOM   334  C CA  . VAL A 1 42 ? -8.473  3.346   -3.601  1.00 15.07 ? 42   VAL A CA  1 
ATOM   335  C C   . VAL A 1 42 ? -8.204  1.901   -3.194  1.00 11.67 ? 42   VAL A C   1 
ATOM   336  O O   . VAL A 1 42 ? -7.054  1.518   -2.977  1.00 12.67 ? 42   VAL A O   1 
ATOM   337  C CB  . VAL A 1 42 ? -8.736  3.421   -5.118  1.00 16.44 ? 42   VAL A CB  1 
ATOM   338  C CG1 . VAL A 1 42 ? -9.147  4.827   -5.494  1.00 15.18 ? 42   VAL A CG1 1 
ATOM   339  C CG2 . VAL A 1 42 ? -7.482  3.006   -5.893  1.00 13.67 ? 42   VAL A CG2 1 
ATOM   340  N N   . LEU A 1 43 ? -9.260  1.107   -3.080  1.00 11.51 ? 43   LEU A N   1 
ATOM   341  C CA  . LEU A 1 43 ? -9.128  -0.300  -2.696  1.00 15.13 ? 43   LEU A CA  1 
ATOM   342  C C   . LEU A 1 43 ? -8.702  -1.209  -3.848  1.00 16.34 ? 43   LEU A C   1 
ATOM   343  O O   . LEU A 1 43 ? -9.402  -1.313  -4.856  1.00 18.23 ? 43   LEU A O   1 
ATOM   344  C CB  . LEU A 1 43 ? -10.458 -0.808  -2.121  1.00 11.18 ? 43   LEU A CB  1 
ATOM   345  C CG  . LEU A 1 43 ? -10.628 -0.853  -0.595  1.00 27.85 ? 43   LEU A CG  1 
ATOM   346  C CD1 . LEU A 1 43 ? -9.756  0.174   0.101   1.00 23.26 ? 43   LEU A CD1 1 
ATOM   347  C CD2 . LEU A 1 43 ? -12.095 -0.649  -0.264  1.00 26.35 ? 43   LEU A CD2 1 
ATOM   348  N N   . ARG A 1 44 ? -7.542  -1.846  -3.703  1.00 14.74 ? 44   ARG A N   1 
ATOM   349  C CA  . ARG A 1 44 ? -7.048  -2.782  -4.711  1.00 15.54 ? 44   ARG A CA  1 
ATOM   350  C C   . ARG A 1 44 ? -6.532  -4.032  -3.981  1.00 11.87 ? 44   ARG A C   1 
ATOM   351  O O   . ARG A 1 44 ? -6.063  -3.955  -2.838  1.00 12.48 ? 44   ARG A O   1 
ATOM   352  C CB  . ARG A 1 44 ? -5.908  -2.174  -5.557  1.00 12.25 ? 44   ARG A CB  1 
ATOM   353  C CG  . ARG A 1 44 ? -6.263  -0.927  -6.378  1.00 8.21  ? 44   ARG A CG  1 
ATOM   354  C CD  . ARG A 1 44 ? -7.314  -1.223  -7.451  1.00 13.64 ? 44   ARG A CD  1 
ATOM   355  N NE  . ARG A 1 44 ? -7.786  -0.015  -8.144  1.00 11.22 ? 44   ARG A NE  1 
ATOM   356  C CZ  . ARG A 1 44 ? -7.129  0.619   -9.114  1.00 13.24 ? 44   ARG A CZ  1 
ATOM   357  N NH1 . ARG A 1 44 ? -5.954  0.183   -9.524  1.00 12.43 ? 44   ARG A NH1 1 
ATOM   358  N NH2 . ARG A 1 44 ? -7.671  1.677   -9.712  1.00 16.86 ? 44   ARG A NH2 1 
ATOM   359  N N   . CYS A 1 45 ? -6.614  -5.172  -4.655  1.00 13.92 ? 45   CYS A N   1 
ATOM   360  C CA  . CYS A 1 45 ? -6.175  -6.449  -4.110  1.00 9.32  ? 45   CYS A CA  1 
ATOM   361  C C   . CYS A 1 45 ? -4.666  -6.594  -3.990  1.00 14.86 ? 45   CYS A C   1 
ATOM   362  O O   . CYS A 1 45 ? -3.926  -6.330  -4.933  1.00 15.78 ? 45   CYS A O   1 
ATOM   363  C CB  . CYS A 1 45 ? -6.665  -7.600  -4.993  1.00 12.87 ? 45   CYS A CB  1 
ATOM   364  S SG  . CYS A 1 45 ? -8.471  -7.817  -5.047  1.00 15.51 ? 45   CYS A SG  1 
ATOM   365  N N   . SER A 1 46 ? -4.222  -7.024  -2.821  1.00 16.45 ? 46   SER A N   1 
ATOM   366  C CA  . SER A 1 46 ? -2.810  -7.299  -2.593  1.00 20.43 ? 46   SER A CA  1 
ATOM   367  C C   . SER A 1 46 ? -2.702  -8.131  -1.326  1.00 18.87 ? 46   SER A C   1 
ATOM   368  O O   . SER A 1 46 ? -3.570  -8.071  -0.446  1.00 14.89 ? 46   SER A O   1 
ATOM   369  C CB  . SER A 1 46 ? -1.991  -6.010  -2.468  1.00 20.82 ? 46   SER A CB  1 
ATOM   370  O OG  . SER A 1 46 ? -2.404  -5.251  -1.357  1.00 21.16 ? 46   SER A OG  1 
ATOM   371  N N   . GLY A 1 47 ? -1.641  -8.919  -1.249  1.00 17.08 ? 47   GLY A N   1 
ATOM   372  C CA  . GLY A 1 47 ? -1.421  -9.768  -0.097  1.00 16.37 ? 47   GLY A CA  1 
ATOM   373  C C   . GLY A 1 47 ? -0.607  -10.965 -0.535  1.00 20.00 ? 47   GLY A C   1 
ATOM   374  O O   . GLY A 1 47 ? -0.476  -11.205 -1.736  1.00 17.09 ? 47   GLY A O   1 
ATOM   375  N N   . CYS A 1 48 ? -0.039  -11.705 0.418   1.00 16.96 ? 48   CYS A N   1 
ATOM   376  C CA  . CYS A 1 48 ? 0.760   -12.864 0.069   1.00 20.38 ? 48   CYS A CA  1 
ATOM   377  C C   . CYS A 1 48 ? -0.012  -14.136 0.311   1.00 17.05 ? 48   CYS A C   1 
ATOM   378  O O   . CYS A 1 48 ? -0.286  -14.514 1.443   1.00 21.81 ? 48   CYS A O   1 
ATOM   379  C CB  . CYS A 1 48 ? 2.080   -12.893 0.849   1.00 17.49 ? 48   CYS A CB  1 
ATOM   380  S SG  . CYS A 1 48 ? 1.987   -12.461 2.620   1.00 18.68 ? 48   CYS A SG  1 
ATOM   381  N N   . CYS A 1 49 ? -0.375  -14.789 -0.781  1.00 22.36 ? 49   CYS A N   1 
ATOM   382  C CA  . CYS A 1 49 ? -1.120  -16.030 -0.706  1.00 24.69 ? 49   CYS A CA  1 
ATOM   383  C C   . CYS A 1 49 ? -0.321  -17.104 0.001   1.00 24.92 ? 49   CYS A C   1 
ATOM   384  O O   . CYS A 1 49 ? 0.877   -17.229 -0.221  1.00 26.15 ? 49   CYS A O   1 
ATOM   385  C CB  . CYS A 1 49 ? -1.487  -16.480 -2.111  1.00 23.37 ? 49   CYS A CB  1 
ATOM   386  S SG  . CYS A 1 49 ? -2.666  -15.319 -2.866  1.00 27.49 ? 49   CYS A SG  1 
ATOM   387  N N   . THR A 1 50 ? -0.987  -17.866 0.865   1.00 30.31 ? 50   THR A N   1 
ATOM   388  C CA  . THR A 1 50 ? -0.319  -18.931 1.592   1.00 33.79 ? 50   THR A CA  1 
ATOM   389  C C   . THR A 1 50 ? 0.426   -19.798 0.597   1.00 36.06 ? 50   THR A C   1 
ATOM   390  O O   . THR A 1 50 ? 1.565   -20.192 0.835   1.00 37.99 ? 50   THR A O   1 
ATOM   391  C CB  . THR A 1 50 ? -1.317  -19.786 2.364   1.00 35.88 ? 50   THR A CB  1 
ATOM   392  O OG1 . THR A 1 50 ? -1.897  -19.000 3.409   1.00 38.56 ? 50   THR A OG1 1 
ATOM   393  C CG2 . THR A 1 50 ? -0.622  -20.995 2.970   1.00 40.38 ? 50   THR A CG2 1 
ATOM   394  N N   . ASP A 1 51 ? -0.228  -20.086 -0.522  1.00 36.35 ? 51   ASP A N   1 
ATOM   395  C CA  . ASP A 1 51 ? 0.372   -20.878 -1.588  1.00 38.48 ? 51   ASP A CA  1 
ATOM   396  C C   . ASP A 1 51 ? 1.169   -19.905 -2.460  1.00 37.59 ? 51   ASP A C   1 
ATOM   397  O O   . ASP A 1 51 ? 0.590   -19.118 -3.207  1.00 32.46 ? 51   ASP A O   1 
ATOM   398  C CB  . ASP A 1 51 ? -0.722  -21.545 -2.424  1.00 42.22 ? 51   ASP A CB  1 
ATOM   399  C CG  . ASP A 1 51 ? -0.161  -22.460 -3.498  1.00 46.73 ? 51   ASP A CG  1 
ATOM   400  O OD1 . ASP A 1 51 ? 0.997   -22.248 -3.929  1.00 40.02 ? 51   ASP A OD1 1 
ATOM   401  O OD2 . ASP A 1 51 ? -0.891  -23.385 -3.919  1.00 47.37 ? 51   ASP A OD2 1 
ATOM   402  N N   . GLU A 1 52 ? 2.495   -19.968 -2.373  1.00 37.63 ? 52   GLU A N   1 
ATOM   403  C CA  . GLU A 1 52 ? 3.364   -19.065 -3.125  1.00 44.61 ? 52   GLU A CA  1 
ATOM   404  C C   . GLU A 1 52 ? 3.229   -19.083 -4.642  1.00 44.77 ? 52   GLU A C   1 
ATOM   405  O O   . GLU A 1 52 ? 3.722   -18.180 -5.317  1.00 47.07 ? 52   GLU A O   1 
ATOM   406  C CB  . GLU A 1 52 ? 4.830   -19.300 -2.745  1.00 52.10 ? 52   GLU A CB  1 
ATOM   407  C CG  . GLU A 1 52 ? 5.257   -20.763 -2.657  1.00 59.91 ? 52   GLU A CG  1 
ATOM   408  C CD  . GLU A 1 52 ? 4.882   -21.412 -1.329  1.00 66.05 ? 52   GLU A CD  1 
ATOM   409  O OE1 . GLU A 1 52 ? 3.677   -21.664 -1.100  1.00 67.83 ? 52   GLU A OE1 1 
ATOM   410  O OE2 . GLU A 1 52 ? 5.795   -21.666 -0.507  1.00 65.24 ? 52   GLU A OE2 1 
ATOM   411  N N   . SER A 1 53 ? 2.578   -20.103 -5.185  1.00 46.75 ? 53   SER A N   1 
ATOM   412  C CA  . SER A 1 53 ? 2.394   -20.178 -6.633  1.00 46.39 ? 53   SER A CA  1 
ATOM   413  C C   . SER A 1 53 ? 1.139   -19.393 -7.027  1.00 45.72 ? 53   SER A C   1 
ATOM   414  O O   . SER A 1 53 ? 0.796   -19.285 -8.207  1.00 43.17 ? 53   SER A O   1 
ATOM   415  C CB  . SER A 1 53 ? 2.249   -21.633 -7.073  1.00 45.51 ? 53   SER A CB  1 
ATOM   416  O OG  . SER A 1 53 ? 1.103   -22.227 -6.488  1.00 42.04 ? 53   SER A OG  1 
ATOM   417  N N   . MET A 1 54 ? 0.469   -18.841 -6.020  1.00 43.24 ? 54   MET A N   1 
ATOM   418  C CA  . MET A 1 54 ? -0.759  -18.071 -6.218  1.00 40.32 ? 54   MET A CA  1 
ATOM   419  C C   . MET A 1 54 ? -0.518  -16.560 -6.134  1.00 35.46 ? 54   MET A C   1 
ATOM   420  O O   . MET A 1 54 ? 0.382   -16.100 -5.429  1.00 31.78 ? 54   MET A O   1 
ATOM   421  C CB  . MET A 1 54 ? -1.786  -18.443 -5.140  1.00 39.73 ? 54   MET A CB  1 
ATOM   422  C CG  . MET A 1 54 ? -2.140  -19.915 -5.026  1.00 39.46 ? 54   MET A CG  1 
ATOM   423  S SD  . MET A 1 54 ? -3.326  -20.460 -6.252  1.00 47.01 ? 54   MET A SD  1 
ATOM   424  C CE  . MET A 1 54 ? -2.295  -21.547 -7.226  1.00 51.54 ? 54   MET A CE  1 
ATOM   425  N N   . LYS A 1 55 ? -1.319  -15.790 -6.857  1.00 33.00 ? 55   LYS A N   1 
ATOM   426  C CA  . LYS A 1 55 ? -1.207  -14.346 -6.784  1.00 33.21 ? 55   LYS A CA  1 
ATOM   427  C C   . LYS A 1 55 ? -2.574  -13.797 -6.394  1.00 27.47 ? 55   LYS A C   1 
ATOM   428  O O   . LYS A 1 55 ? -3.609  -14.324 -6.808  1.00 24.90 ? 55   LYS A O   1 
ATOM   429  C CB  . LYS A 1 55 ? -0.743  -13.742 -8.110  1.00 37.64 ? 55   LYS A CB  1 
ATOM   430  C CG  . LYS A 1 55 ? -1.733  -13.809 -9.244  1.00 42.47 ? 55   LYS A CG  1 
ATOM   431  C CD  . LYS A 1 55 ? -1.161  -13.136 -10.489 1.00 49.50 ? 55   LYS A CD  1 
ATOM   432  C CE  . LYS A 1 55 ? -0.833  -11.661 -10.252 1.00 55.77 ? 55   LYS A CE  1 
ATOM   433  N NZ  . LYS A 1 55 ? -0.266  -10.989 -11.467 1.00 57.12 ? 55   LYS A NZ  1 
ATOM   434  N N   . CYS A 1 56 ? -2.562  -12.746 -5.583  1.00 20.73 ? 56   CYS A N   1 
ATOM   435  C CA  . CYS A 1 56 ? -3.784  -12.102 -5.108  1.00 20.17 ? 56   CYS A CA  1 
ATOM   436  C C   . CYS A 1 56 ? -4.436  -11.380 -6.279  1.00 20.66 ? 56   CYS A C   1 
ATOM   437  O O   . CYS A 1 56 ? -3.898  -10.403 -6.788  1.00 23.73 ? 56   CYS A O   1 
ATOM   438  C CB  . CYS A 1 56 ? -3.422  -11.112 -4.008  1.00 19.83 ? 56   CYS A CB  1 
ATOM   439  S SG  . CYS A 1 56 ? -4.837  -10.426 -3.128  1.00 17.41 ? 56   CYS A SG  1 
ATOM   440  N N   . THR A 1 57 ? -5.613  -11.848 -6.675  1.00 19.52 ? 57   THR A N   1 
ATOM   441  C CA  . THR A 1 57 ? -6.301  -11.299 -7.833  1.00 19.79 ? 57   THR A CA  1 
ATOM   442  C C   . THR A 1 57 ? -7.712  -10.805 -7.561  1.00 20.47 ? 57   THR A C   1 
ATOM   443  O O   . THR A 1 57 ? -8.460  -11.402 -6.796  1.00 23.70 ? 57   THR A O   1 
ATOM   444  C CB  . THR A 1 57 ? -6.384  -12.371 -8.937  1.00 27.49 ? 57   THR A CB  1 
ATOM   445  O OG1 . THR A 1 57 ? -5.084  -12.930 -9.144  1.00 28.27 ? 57   THR A OG1 1 
ATOM   446  C CG2 . THR A 1 57 ? -6.887  -11.774 -10.241 1.00 25.38 ? 57   THR A CG2 1 
ATOM   447  N N   . PRO A 1 58 ? -8.102  -9.703  -8.204  1.00 18.89 ? 58   PRO A N   1 
ATOM   448  C CA  . PRO A 1 58 ? -9.477  -9.228  -8.035  1.00 19.99 ? 58   PRO A CA  1 
ATOM   449  C C   . PRO A 1 58 ? -10.498 -10.211 -8.629  1.00 20.04 ? 58   PRO A C   1 
ATOM   450  O O   . PRO A 1 58 ? -10.218 -10.862 -9.627  1.00 18.61 ? 58   PRO A O   1 
ATOM   451  C CB  . PRO A 1 58 ? -9.458  -7.883  -8.768  1.00 17.10 ? 58   PRO A CB  1 
ATOM   452  C CG  . PRO A 1 58 ? -8.398  -8.090  -9.814  1.00 19.34 ? 58   PRO A CG  1 
ATOM   453  C CD  . PRO A 1 58 ? -7.321  -8.785  -9.049  1.00 18.68 ? 58   PRO A CD  1 
ATOM   454  N N   . VAL A 1 59 ? -11.666 -10.337 -8.008  1.00 20.27 ? 59   VAL A N   1 
ATOM   455  C CA  . VAL A 1 59 ? -12.697 -11.228 -8.530  1.00 18.70 ? 59   VAL A CA  1 
ATOM   456  C C   . VAL A 1 59 ? -13.966 -10.406 -8.729  1.00 23.36 ? 59   VAL A C   1 
ATOM   457  O O   . VAL A 1 59 ? -15.019 -10.920 -9.102  1.00 21.85 ? 59   VAL A O   1 
ATOM   458  C CB  . VAL A 1 59 ? -12.997 -12.391 -7.564  1.00 18.81 ? 59   VAL A CB  1 
ATOM   459  C CG1 . VAL A 1 59 ? -11.746 -13.243 -7.363  1.00 25.27 ? 59   VAL A CG1 1 
ATOM   460  C CG2 . VAL A 1 59 ? -13.487 -11.843 -6.233  1.00 24.53 ? 59   VAL A CG2 1 
ATOM   461  N N   . GLY A 1 60 ? -13.853 -9.116  -8.459  1.00 23.24 ? 60   GLY A N   1 
ATOM   462  C CA  . GLY A 1 60 ? -14.976 -8.217  -8.624  1.00 18.50 ? 60   GLY A CA  1 
ATOM   463  C C   . GLY A 1 60 ? -14.457 -6.791  -8.604  1.00 19.61 ? 60   GLY A C   1 
ATOM   464  O O   . GLY A 1 60 ? -13.495 -6.487  -7.901  1.00 19.66 ? 60   GLY A O   1 
ATOM   465  N N   . LYS A 1 61 ? -15.065 -5.918  -9.396  1.00 19.15 ? 61   LYS A N   1 
ATOM   466  C CA  . LYS A 1 61 ? -14.652 -4.523  -9.427  1.00 18.45 ? 61   LYS A CA  1 
ATOM   467  C C   . LYS A 1 61 ? -15.876 -3.628  -9.275  1.00 22.24 ? 61   LYS A C   1 
ATOM   468  O O   . LYS A 1 61 ? -17.000 -4.044  -9.553  1.00 18.99 ? 61   LYS A O   1 
ATOM   469  C CB  . LYS A 1 61 ? -13.965 -4.193  -10.760 1.00 20.98 ? 61   LYS A CB  1 
ATOM   470  C CG  . LYS A 1 61 ? -12.678 -4.960  -11.009 1.00 20.07 ? 61   LYS A CG  1 
ATOM   471  C CD  . LYS A 1 61 ? -11.939 -4.506  -12.278 1.00 21.08 ? 61   LYS A CD  1 
ATOM   472  C CE  . LYS A 1 61 ? -12.699 -4.852  -13.556 1.00 36.62 ? 61   LYS A CE  1 
ATOM   473  N NZ  . LYS A 1 61 ? -11.897 -4.546  -14.795 1.00 31.09 ? 61   LYS A NZ  1 
ATOM   474  N N   . HIS A 1 62 ? -15.651 -2.409  -8.805  1.00 20.07 ? 62   HIS A N   1 
ATOM   475  C CA  . HIS A 1 62 ? -16.716 -1.424  -8.695  1.00 20.46 ? 62   HIS A CA  1 
ATOM   476  C C   . HIS A 1 62 ? -16.026 -0.068  -8.844  1.00 18.48 ? 62   HIS A C   1 
ATOM   477  O O   . HIS A 1 62 ? -14.816 -0.008  -9.063  1.00 18.13 ? 62   HIS A O   1 
ATOM   478  C CB  . HIS A 1 62 ? -17.489 -1.522  -7.364  1.00 20.00 ? 62   HIS A CB  1 
ATOM   479  C CG  . HIS A 1 62 ? -16.671 -1.213  -6.151  1.00 17.74 ? 62   HIS A CG  1 
ATOM   480  N ND1 . HIS A 1 62 ? -15.876 -2.152  -5.528  1.00 22.70 ? 62   HIS A ND1 1 
ATOM   481  C CD2 . HIS A 1 62 ? -16.505 -0.062  -5.458  1.00 16.47 ? 62   HIS A CD2 1 
ATOM   482  C CE1 . HIS A 1 62 ? -15.254 -1.593  -4.505  1.00 16.04 ? 62   HIS A CE1 1 
ATOM   483  N NE2 . HIS A 1 62 ? -15.618 -0.323  -4.441  1.00 18.77 ? 62   HIS A NE2 1 
ATOM   484  N N   . THR A 1 63 ? -16.781 1.021   -8.764  1.00 14.46 ? 63   THR A N   1 
ATOM   485  C CA  . THR A 1 63 ? -16.171 2.330   -8.916  1.00 19.46 ? 63   THR A CA  1 
ATOM   486  C C   . THR A 1 63 ? -16.425 3.208   -7.712  1.00 19.92 ? 63   THR A C   1 
ATOM   487  O O   . THR A 1 63 ? -17.320 2.944   -6.911  1.00 18.52 ? 63   THR A O   1 
ATOM   488  C CB  . THR A 1 63 ? -16.688 3.050   -10.174 1.00 16.95 ? 63   THR A CB  1 
ATOM   489  O OG1 . THR A 1 63 ? -18.119 3.147   -10.126 1.00 18.00 ? 63   THR A OG1 1 
ATOM   490  C CG2 . THR A 1 63 ? -16.267 2.290   -11.421 1.00 18.19 ? 63   THR A CG2 1 
ATOM   491  N N   . ALA A 1 64 ? -15.603 4.238   -7.573  1.00 20.92 ? 64   ALA A N   1 
ATOM   492  C CA  . ALA A 1 64 ? -15.744 5.187   -6.477  1.00 17.93 ? 64   ALA A CA  1 
ATOM   493  C C   . ALA A 1 64 ? -15.623 6.560   -7.098  1.00 21.05 ? 64   ALA A C   1 
ATOM   494  O O   . ALA A 1 64 ? -14.758 6.783   -7.958  1.00 17.70 ? 64   ALA A O   1 
ATOM   495  C CB  . ALA A 1 64 ? -14.641 4.991   -5.445  1.00 11.76 ? 64   ALA A CB  1 
ATOM   496  N N   . ASP A 1 65 ? -16.499 7.469   -6.672  1.00 20.83 ? 65   ASP A N   1 
ATOM   497  C CA  . ASP A 1 65 ? -16.486 8.846   -7.144  1.00 20.13 ? 65   ASP A CA  1 
ATOM   498  C C   . ASP A 1 65 ? -15.724 9.624   -6.085  1.00 21.54 ? 65   ASP A C   1 
ATOM   499  O O   . ASP A 1 65 ? -16.058 9.571   -4.907  1.00 18.82 ? 65   ASP A O   1 
ATOM   500  C CB  . ASP A 1 65 ? -17.905 9.394   -7.275  1.00 24.13 ? 65   ASP A CB  1 
ATOM   501  C CG  . ASP A 1 65 ? -18.712 8.664   -8.317  1.00 27.27 ? 65   ASP A CG  1 
ATOM   502  O OD1 . ASP A 1 65 ? -18.154 8.338   -9.380  1.00 28.71 ? 65   ASP A OD1 1 
ATOM   503  O OD2 . ASP A 1 65 ? -19.909 8.426   -8.081  1.00 37.30 ? 65   ASP A OD2 1 
ATOM   504  N N   . ILE A 1 66 ? -14.703 10.347  -6.517  1.00 17.60 ? 66   ILE A N   1 
ATOM   505  C CA  . ILE A 1 66 ? -13.848 11.091  -5.614  1.00 19.49 ? 66   ILE A CA  1 
ATOM   506  C C   . ILE A 1 66 ? -13.816 12.558  -6.027  1.00 23.13 ? 66   ILE A C   1 
ATOM   507  O O   . ILE A 1 66 ? -13.726 12.865  -7.211  1.00 22.86 ? 66   ILE A O   1 
ATOM   508  C CB  . ILE A 1 66 ? -12.420 10.498  -5.680  1.00 24.16 ? 66   ILE A CB  1 
ATOM   509  C CG1 . ILE A 1 66 ? -12.463 9.032   -5.241  1.00 27.96 ? 66   ILE A CG1 1 
ATOM   510  C CG2 . ILE A 1 66 ? -11.449 11.300  -4.831  1.00 21.54 ? 66   ILE A CG2 1 
ATOM   511  C CD1 . ILE A 1 66 ? -11.103 8.323   -5.321  1.00 22.66 ? 66   ILE A CD1 1 
ATOM   512  N N   . GLN A 1 67 ? -13.889 13.466  -5.057  1.00 20.90 ? 67   GLN A N   1 
ATOM   513  C CA  . GLN A 1 67 ? -13.848 14.890  -5.365  1.00 18.47 ? 67   GLN A CA  1 
ATOM   514  C C   . GLN A 1 67 ? -12.392 15.349  -5.421  1.00 21.54 ? 67   GLN A C   1 
ATOM   515  O O   . GLN A 1 67 ? -11.626 15.128  -4.480  1.00 18.53 ? 67   GLN A O   1 
ATOM   516  C CB  . GLN A 1 67 ? -14.616 15.668  -4.303  1.00 25.17 ? 67   GLN A CB  1 
ATOM   517  C CG  . GLN A 1 67 ? -14.793 17.137  -4.624  1.00 27.20 ? 67   GLN A CG  1 
ATOM   518  C CD  . GLN A 1 67 ? -15.781 17.798  -3.682  1.00 31.90 ? 67   GLN A CD  1 
ATOM   519  O OE1 . GLN A 1 67 ? -15.663 17.676  -2.459  1.00 25.93 ? 67   GLN A OE1 1 
ATOM   520  N NE2 . GLN A 1 67 ? -16.768 18.494  -4.243  1.00 21.88 ? 67   GLN A NE2 1 
ATOM   521  N N   . ILE A 1 68 ? -12.016 15.982  -6.526  1.00 17.89 ? 68   ILE A N   1 
ATOM   522  C CA  . ILE A 1 68 ? -10.646 16.448  -6.727  1.00 18.75 ? 68   ILE A CA  1 
ATOM   523  C C   . ILE A 1 68 ? -10.594 17.871  -7.271  1.00 18.24 ? 68   ILE A C   1 
ATOM   524  O O   . ILE A 1 68 ? -11.567 18.369  -7.846  1.00 23.79 ? 68   ILE A O   1 
ATOM   525  C CB  . ILE A 1 68 ? -9.916  15.526  -7.727  1.00 22.57 ? 68   ILE A CB  1 
ATOM   526  C CG1 . ILE A 1 68 ? -9.945  14.087  -7.214  1.00 31.69 ? 68   ILE A CG1 1 
ATOM   527  C CG2 . ILE A 1 68 ? -8.475  15.968  -7.912  1.00 33.43 ? 68   ILE A CG2 1 
ATOM   528  C CD1 . ILE A 1 68 ? -9.459  13.070  -8.226  1.00 43.42 ? 68   ILE A CD1 1 
ATOM   529  N N   . MET A 1 69 ? -9.449  18.521  -7.108  1.00 16.54 ? 69   MET A N   1 
ATOM   530  C CA  . MET A 1 69 ? -9.296  19.874  -7.620  1.00 18.72 ? 69   MET A CA  1 
ATOM   531  C C   . MET A 1 69 ? -8.551  19.834  -8.951  1.00 18.76 ? 69   MET A C   1 
ATOM   532  O O   . MET A 1 69 ? -7.482  19.244  -9.046  1.00 18.44 ? 69   MET A O   1 
ATOM   533  C CB  . MET A 1 69 ? -8.523  20.736  -6.628  1.00 20.17 ? 69   MET A CB  1 
ATOM   534  C CG  . MET A 1 69 ? -8.290  22.153  -7.110  1.00 36.48 ? 69   MET A CG  1 
ATOM   535  S SD  . MET A 1 69 ? -8.165  23.340  -5.765  1.00 52.24 ? 69   MET A SD  1 
ATOM   536  C CE  . MET A 1 69 ? -9.806  24.125  -5.878  1.00 49.49 ? 69   MET A CE  1 
ATOM   537  N N   . ARG A 1 70 ? -9.132  20.442  -9.978  1.00 16.54 ? 70   ARG A N   1 
ATOM   538  C CA  . ARG A 1 70 ? -8.490  20.495  -11.281 1.00 15.26 ? 70   ARG A CA  1 
ATOM   539  C C   . ARG A 1 70 ? -7.963  21.905  -11.466 1.00 17.10 ? 70   ARG A C   1 
ATOM   540  O O   . ARG A 1 70 ? -8.709  22.880  -11.375 1.00 16.46 ? 70   ARG A O   1 
ATOM   541  C CB  . ARG A 1 70 ? -9.480  20.166  -12.408 1.00 18.24 ? 70   ARG A CB  1 
ATOM   542  C CG  . ARG A 1 70 ? -8.836  20.220  -13.814 1.00 17.43 ? 70   ARG A CG  1 
ATOM   543  C CD  . ARG A 1 70 ? -9.893  20.130  -14.925 1.00 16.14 ? 70   ARG A CD  1 
ATOM   544  N NE  . ARG A 1 70 ? -10.537 18.825  -14.940 1.00 16.90 ? 70   ARG A NE  1 
ATOM   545  C CZ  . ARG A 1 70 ? -10.124 17.787  -15.657 1.00 18.30 ? 70   ARG A CZ  1 
ATOM   546  N NH1 . ARG A 1 70 ? -9.059  17.891  -16.445 1.00 20.60 ? 70   ARG A NH1 1 
ATOM   547  N NH2 . ARG A 1 70 ? -10.765 16.635  -15.567 1.00 15.09 ? 70   ARG A NH2 1 
ATOM   548  N N   . MET A 1 71 ? -6.663  22.015  -11.700 1.00 18.95 ? 71   MET A N   1 
ATOM   549  C CA  . MET A 1 71 ? -6.057  23.316  -11.900 1.00 24.48 ? 71   MET A CA  1 
ATOM   550  C C   . MET A 1 71 ? -5.691  23.435  -13.387 1.00 25.69 ? 71   MET A C   1 
ATOM   551  O O   . MET A 1 71 ? -4.969  22.597  -13.923 1.00 25.12 ? 71   MET A O   1 
ATOM   552  C CB  . MET A 1 71 ? -4.811  23.445  -11.022 1.00 25.19 ? 71   MET A CB  1 
ATOM   553  C CG  . MET A 1 71 ? -4.486  24.863  -10.580 1.00 37.57 ? 71   MET A CG  1 
ATOM   554  S SD  . MET A 1 71 ? -4.291  26.033  -11.938 1.00 60.01 ? 71   MET A SD  1 
ATOM   555  C CE  . MET A 1 71 ? -2.653  25.532  -12.591 1.00 45.77 ? 71   MET A CE  1 
ATOM   556  N N   . ASN A 1 72 ? -6.215  24.464  -14.048 1.00 27.31 ? 72   ASN A N   1 
ATOM   557  C CA  . ASN A 1 72 ? -5.937  24.694  -15.460 1.00 33.01 ? 72   ASN A CA  1 
ATOM   558  C C   . ASN A 1 72 ? -4.731  25.624  -15.566 1.00 33.21 ? 72   ASN A C   1 
ATOM   559  O O   . ASN A 1 72 ? -4.810  26.793  -15.208 1.00 33.48 ? 72   ASN A O   1 
ATOM   560  C CB  . ASN A 1 72 ? -7.147  25.341  -16.141 1.00 34.65 ? 72   ASN A CB  1 
ATOM   561  C CG  . ASN A 1 72 ? -6.982  25.440  -17.651 1.00 38.75 ? 72   ASN A CG  1 
ATOM   562  O OD1 . ASN A 1 72 ? -5.883  25.697  -18.155 1.00 36.36 ? 72   ASN A OD1 1 
ATOM   563  N ND2 . ASN A 1 72 ? -8.079  25.248  -18.378 1.00 37.53 ? 72   ASN A ND2 1 
ATOM   564  N N   . PRO A 1 73 ? -3.597  25.113  -16.061 1.00 34.30 ? 73   PRO A N   1 
ATOM   565  C CA  . PRO A 1 73 ? -2.371  25.910  -16.147 1.00 37.46 ? 73   PRO A CA  1 
ATOM   566  C C   . PRO A 1 73 ? -2.406  27.022  -17.196 1.00 42.37 ? 73   PRO A C   1 
ATOM   567  O O   . PRO A 1 73 ? -1.469  27.815  -17.299 1.00 45.40 ? 73   PRO A O   1 
ATOM   568  C CB  . PRO A 1 73 ? -1.308  24.864  -16.445 1.00 38.66 ? 73   PRO A CB  1 
ATOM   569  C CG  . PRO A 1 73 ? -2.059  23.876  -17.282 1.00 40.76 ? 73   PRO A CG  1 
ATOM   570  C CD  . PRO A 1 73 ? -3.365  23.738  -16.539 1.00 35.22 ? 73   PRO A CD  1 
ATOM   571  N N   . ARG A 1 74 ? -3.483  27.086  -17.969 1.00 43.21 ? 74   ARG A N   1 
ATOM   572  C CA  . ARG A 1 74 ? -3.604  28.111  -19.000 1.00 46.83 ? 74   ARG A CA  1 
ATOM   573  C C   . ARG A 1 74 ? -4.566  29.205  -18.569 1.00 48.73 ? 74   ARG A C   1 
ATOM   574  O O   . ARG A 1 74 ? -4.274  30.391  -18.717 1.00 48.95 ? 74   ARG A O   1 
ATOM   575  C CB  . ARG A 1 74 ? -4.061  27.476  -20.314 1.00 51.78 ? 74   ARG A CB  1 
ATOM   576  C CG  . ARG A 1 74 ? -2.966  26.648  -20.979 1.00 55.74 ? 74   ARG A CG  1 
ATOM   577  C CD  . ARG A 1 74 ? -3.508  25.382  -21.623 1.00 66.62 ? 74   ARG A CD  1 
ATOM   578  N NE  . ARG A 1 74 ? -4.259  24.568  -20.668 1.00 72.02 ? 74   ARG A NE  1 
ATOM   579  C CZ  . ARG A 1 74 ? -4.552  23.283  -20.842 1.00 73.50 ? 74   ARG A CZ  1 
ATOM   580  N NH1 . ARG A 1 74 ? -4.151  22.650  -21.941 1.00 74.50 ? 74   ARG A NH1 1 
ATOM   581  N NH2 . ARG A 1 74 ? -5.251  22.632  -19.920 1.00 69.82 ? 74   ARG A NH2 1 
ATOM   582  N N   . THR A 1 75 ? -5.709  28.801  -18.026 1.00 49.23 ? 75   THR A N   1 
ATOM   583  C CA  . THR A 1 75 ? -6.706  29.755  -17.562 1.00 47.21 ? 75   THR A CA  1 
ATOM   584  C C   . THR A 1 75 ? -6.439  30.118  -16.102 1.00 46.56 ? 75   THR A C   1 
ATOM   585  O O   . THR A 1 75 ? -6.998  31.080  -15.579 1.00 45.55 ? 75   THR A O   1 
ATOM   586  C CB  . THR A 1 75 ? -8.132  29.180  -17.694 1.00 49.40 ? 75   THR A CB  1 
ATOM   587  O OG1 . THR A 1 75 ? -8.287  28.058  -16.815 1.00 48.65 ? 75   THR A OG1 1 
ATOM   588  C CG2 . THR A 1 75 ? -8.383  28.727  -19.126 1.00 52.14 ? 75   THR A CG2 1 
ATOM   589  N N   . HIS A 1 76 ? -5.577  29.341  -15.454 1.00 43.44 ? 76   HIS A N   1 
ATOM   590  C CA  . HIS A 1 76 ? -5.211  29.572  -14.059 1.00 45.38 ? 76   HIS A CA  1 
ATOM   591  C C   . HIS A 1 76 ? -6.367  29.392  -13.091 1.00 43.08 ? 76   HIS A C   1 
ATOM   592  O O   . HIS A 1 76 ? -6.279  29.753  -11.925 1.00 46.08 ? 76   HIS A O   1 
ATOM   593  C CB  . HIS A 1 76 ? -4.609  30.967  -13.902 1.00 47.79 ? 76   HIS A CB  1 
ATOM   594  C CG  . HIS A 1 76 ? -3.337  31.152  -14.667 1.00 54.18 ? 76   HIS A CG  1 
ATOM   595  N ND1 . HIS A 1 76 ? -2.184  30.455  -14.371 1.00 54.59 ? 76   HIS A ND1 1 
ATOM   596  C CD2 . HIS A 1 76 ? -3.046  31.923  -15.740 1.00 54.73 ? 76   HIS A CD2 1 
ATOM   597  C CE1 . HIS A 1 76 ? -1.239  30.787  -15.231 1.00 58.92 ? 76   HIS A CE1 1 
ATOM   598  N NE2 . HIS A 1 76 ? -1.735  31.677  -16.073 1.00 58.57 ? 76   HIS A NE2 1 
ATOM   599  N N   . SER A 1 77 ? -7.460  28.829  -13.576 1.00 42.07 ? 77   SER A N   1 
ATOM   600  C CA  . SER A 1 77 ? -8.600  28.595  -12.715 1.00 41.77 ? 77   SER A CA  1 
ATOM   601  C C   . SER A 1 77 ? -8.398  27.236  -12.048 1.00 38.30 ? 77   SER A C   1 
ATOM   602  O O   . SER A 1 77 ? -7.637  26.397  -12.534 1.00 32.52 ? 77   SER A O   1 
ATOM   603  C CB  . SER A 1 77 ? -9.886  28.573  -13.539 1.00 45.09 ? 77   SER A CB  1 
ATOM   604  O OG  . SER A 1 77 ? -9.880  27.476  -14.436 1.00 51.80 ? 77   SER A OG  1 
ATOM   605  N N   . SER A 1 78 ? -9.077  27.026  -10.930 1.00 35.73 ? 78   SER A N   1 
ATOM   606  C CA  . SER A 1 78 ? -8.984  25.764  -10.224 1.00 37.51 ? 78   SER A CA  1 
ATOM   607  C C   . SER A 1 78 ? -10.295 25.506  -9.507  1.00 38.70 ? 78   SER A C   1 
ATOM   608  O O   . SER A 1 78 ? -10.659 26.231  -8.584  1.00 46.27 ? 78   SER A O   1 
ATOM   609  C CB  . SER A 1 78 ? -7.831  25.792  -9.216  1.00 39.11 ? 78   SER A CB  1 
ATOM   610  O OG  . SER A 1 78 ? -8.045  26.758  -8.207  1.00 45.10 ? 78   SER A OG  1 
ATOM   611  N N   . LYS A 1 79 ? -11.022 24.485  -9.938  1.00 31.24 ? 79   LYS A N   1 
ATOM   612  C CA  . LYS A 1 79 ? -12.276 24.182  -9.282  1.00 32.32 ? 79   LYS A CA  1 
ATOM   613  C C   . LYS A 1 79 ? -12.418 22.702  -8.975  1.00 30.05 ? 79   LYS A C   1 
ATOM   614  O O   . LYS A 1 79 ? -11.704 21.859  -9.520  1.00 26.15 ? 79   LYS A O   1 
ATOM   615  C CB  . LYS A 1 79 ? -13.464 24.662  -10.123 1.00 35.57 ? 79   LYS A CB  1 
ATOM   616  C CG  . LYS A 1 79 ? -13.886 23.756  -11.260 1.00 40.73 ? 79   LYS A CG  1 
ATOM   617  C CD  . LYS A 1 79 ? -12.834 23.652  -12.357 1.00 47.82 ? 79   LYS A CD  1 
ATOM   618  C CE  . LYS A 1 79 ? -12.035 22.364  -12.231 1.00 50.10 ? 79   LYS A CE  1 
ATOM   619  N NZ  . LYS A 1 79 ? -12.915 21.153  -12.186 1.00 32.61 ? 79   LYS A NZ  1 
ATOM   620  N N   . MET A 1 80 ? -13.348 22.407  -8.082  1.00 25.99 ? 80   MET A N   1 
ATOM   621  C CA  . MET A 1 80 ? -13.633 21.044  -7.661  1.00 27.55 ? 80   MET A CA  1 
ATOM   622  C C   . MET A 1 80 ? -14.417 20.289  -8.720  1.00 25.45 ? 80   MET A C   1 
ATOM   623  O O   . MET A 1 80 ? -15.198 20.879  -9.463  1.00 26.46 ? 80   MET A O   1 
ATOM   624  C CB  . MET A 1 80 ? -14.470 21.065  -6.382  1.00 29.06 ? 80   MET A CB  1 
ATOM   625  C CG  . MET A 1 80 ? -13.710 21.430  -5.140  1.00 39.72 ? 80   MET A CG  1 
ATOM   626  S SD  . MET A 1 80 ? -12.419 20.214  -4.863  1.00 41.51 ? 80   MET A SD  1 
ATOM   627  C CE  . MET A 1 80 ? -11.010 21.267  -5.074  1.00 44.63 ? 80   MET A CE  1 
ATOM   628  N N   . GLU A 1 81 ? -14.217 18.980  -8.784  1.00 19.86 ? 81   GLU A N   1 
ATOM   629  C CA  . GLU A 1 81 ? -14.967 18.170  -9.721  1.00 18.87 ? 81   GLU A CA  1 
ATOM   630  C C   . GLU A 1 81 ? -14.912 16.718  -9.258  1.00 19.40 ? 81   GLU A C   1 
ATOM   631  O O   . GLU A 1 81 ? -13.976 16.307  -8.562  1.00 18.08 ? 81   GLU A O   1 
ATOM   632  C CB  . GLU A 1 81 ? -14.399 18.306  -11.140 1.00 20.98 ? 81   GLU A CB  1 
ATOM   633  C CG  . GLU A 1 81 ? -13.152 17.491  -11.389 1.00 18.22 ? 81   GLU A CG  1 
ATOM   634  C CD  . GLU A 1 81 ? -12.593 17.667  -12.803 1.00 21.21 ? 81   GLU A CD  1 
ATOM   635  O OE1 . GLU A 1 81 ? -12.088 16.679  -13.366 1.00 26.43 ? 81   GLU A OE1 1 
ATOM   636  O OE2 . GLU A 1 81 ? -12.642 18.783  -13.346 1.00 16.54 ? 81   GLU A OE2 1 
ATOM   637  N N   . VAL A 1 82 ? -15.928 15.952  -9.632  1.00 18.31 ? 82   VAL A N   1 
ATOM   638  C CA  . VAL A 1 82 ? -16.003 14.544  -9.263  1.00 21.23 ? 82   VAL A CA  1 
ATOM   639  C C   . VAL A 1 82 ? -15.312 13.702  -10.334 1.00 19.67 ? 82   VAL A C   1 
ATOM   640  O O   . VAL A 1 82 ? -15.583 13.860  -11.524 1.00 20.24 ? 82   VAL A O   1 
ATOM   641  C CB  . VAL A 1 82 ? -17.475 14.086  -9.133  1.00 25.57 ? 82   VAL A CB  1 
ATOM   642  C CG1 . VAL A 1 82 ? -17.536 12.600  -8.820  1.00 26.32 ? 82   VAL A CG1 1 
ATOM   643  C CG2 . VAL A 1 82 ? -18.167 14.871  -8.038  1.00 30.83 ? 82   VAL A CG2 1 
ATOM   644  N N   . MET A 1 83 ? -14.414 12.820  -9.911  1.00 15.47 ? 83   MET A N   1 
ATOM   645  C CA  . MET A 1 83 ? -13.689 11.952  -10.825 1.00 16.61 ? 83   MET A CA  1 
ATOM   646  C C   . MET A 1 83 ? -13.889 10.513  -10.342 1.00 18.57 ? 83   MET A C   1 
ATOM   647  O O   . MET A 1 83 ? -13.869 10.263  -9.137  1.00 15.10 ? 83   MET A O   1 
ATOM   648  C CB  . MET A 1 83 ? -12.198 12.316  -10.832 1.00 14.08 ? 83   MET A CB  1 
ATOM   649  C CG  . MET A 1 83 ? -11.365 11.473  -11.786 1.00 20.65 ? 83   MET A CG  1 
ATOM   650  S SD  . MET A 1 83 ? -9.684  12.110  -12.027 1.00 26.06 ? 83   MET A SD  1 
ATOM   651  C CE  . MET A 1 83 ? -9.926  13.265  -13.358 1.00 28.48 ? 83   MET A CE  1 
ATOM   652  N N   . LYS A 1 84 ? -14.093 9.583   -11.277 1.00 17.22 ? 84   LYS A N   1 
ATOM   653  C CA  . LYS A 1 84 ? -14.310 8.179   -10.922 1.00 16.01 ? 84   LYS A CA  1 
ATOM   654  C C   . LYS A 1 84 ? -13.073 7.319   -11.042 1.00 14.27 ? 84   LYS A C   1 
ATOM   655  O O   . LYS A 1 84 ? -12.272 7.460   -11.970 1.00 12.41 ? 84   LYS A O   1 
ATOM   656  C CB  . LYS A 1 84 ? -15.415 7.553   -11.777 1.00 15.81 ? 84   LYS A CB  1 
ATOM   657  C CG  . LYS A 1 84 ? -16.592 8.484   -12.036 1.00 30.96 ? 84   LYS A CG  1 
ATOM   658  C CD  . LYS A 1 84 ? -17.911 7.752   -12.326 1.00 41.12 ? 84   LYS A CD  1 
ATOM   659  C CE  . LYS A 1 84 ? -17.793 6.706   -13.426 1.00 42.74 ? 84   LYS A CE  1 
ATOM   660  N NZ  . LYS A 1 84 ? -17.176 5.451   -12.921 1.00 40.19 ? 84   LYS A NZ  1 
ATOM   661  N N   . PHE A 1 85 ? -12.938 6.408   -10.092 1.00 13.57 ? 85   PHE A N   1 
ATOM   662  C CA  . PHE A 1 85 ? -11.824 5.498   -10.069 1.00 15.33 ? 85   PHE A CA  1 
ATOM   663  C C   . PHE A 1 85 ? -12.324 4.086   -9.828  1.00 17.43 ? 85   PHE A C   1 
ATOM   664  O O   . PHE A 1 85 ? -13.360 3.855   -9.189  1.00 15.38 ? 85   PHE A O   1 
ATOM   665  C CB  . PHE A 1 85 ? -10.824 5.892   -8.984  1.00 15.86 ? 85   PHE A CB  1 
ATOM   666  C CG  . PHE A 1 85 ? -10.201 7.239   -9.200  1.00 14.52 ? 85   PHE A CG  1 
ATOM   667  C CD1 . PHE A 1 85 ? -10.887 8.402   -8.859  1.00 11.25 ? 85   PHE A CD1 1 
ATOM   668  C CD2 . PHE A 1 85 ? -8.925  7.347   -9.735  1.00 12.77 ? 85   PHE A CD2 1 
ATOM   669  C CE1 . PHE A 1 85 ? -10.297 9.666   -9.043  1.00 12.29 ? 85   PHE A CE1 1 
ATOM   670  C CE2 . PHE A 1 85 ? -8.322  8.603   -9.928  1.00 18.47 ? 85   PHE A CE2 1 
ATOM   671  C CZ  . PHE A 1 85 ? -9.010  9.766   -9.581  1.00 15.59 ? 85   PHE A CZ  1 
ATOM   672  N N   . MET A 1 86 ? -11.592 3.134   -10.376 1.00 13.75 ? 86   MET A N   1 
ATOM   673  C CA  . MET A 1 86 ? -11.948 1.741   -10.218 1.00 15.56 ? 86   MET A CA  1 
ATOM   674  C C   . MET A 1 86 ? -11.357 1.224   -8.922  1.00 14.38 ? 86   MET A C   1 
ATOM   675  O O   . MET A 1 86 ? -10.269 1.635   -8.527  1.00 12.73 ? 86   MET A O   1 
ATOM   676  C CB  . MET A 1 86 ? -11.404 0.928   -11.397 1.00 11.37 ? 86   MET A CB  1 
ATOM   677  C CG  . MET A 1 86 ? -11.648 -0.581  -11.335 1.00 17.85 ? 86   MET A CG  1 
ATOM   678  S SD  . MET A 1 86 ? -10.414 -1.489  -10.374 1.00 16.24 ? 86   MET A SD  1 
ATOM   679  C CE  . MET A 1 86 ? -8.898  -1.335  -11.470 1.00 13.58 ? 86   MET A CE  1 
ATOM   680  N N   . GLU A 1 87 ? -12.106 0.348   -8.251  1.00 12.03 ? 87   GLU A N   1 
ATOM   681  C CA  . GLU A 1 87 ? -11.638 -0.295  -7.029  1.00 14.02 ? 87   GLU A CA  1 
ATOM   682  C C   . GLU A 1 87 ? -11.935 -1.778  -7.173  1.00 14.18 ? 87   GLU A C   1 
ATOM   683  O O   . GLU A 1 87 ? -12.769 -2.184  -8.010  1.00 11.73 ? 87   GLU A O   1 
ATOM   684  C CB  . GLU A 1 87 ? -12.374 0.207   -5.779  1.00 11.00 ? 87   GLU A CB  1 
ATOM   685  C CG  . GLU A 1 87 ? -12.290 1.688   -5.516  1.00 13.87 ? 87   GLU A CG  1 
ATOM   686  C CD  . GLU A 1 87 ? -12.575 2.019   -4.055  1.00 20.71 ? 87   GLU A CD  1 
ATOM   687  O OE1 . GLU A 1 87 ? -11.628 2.356   -3.319  1.00 18.90 ? 87   GLU A OE1 1 
ATOM   688  O OE2 . GLU A 1 87 ? -13.746 1.925   -3.644  1.00 18.12 ? 87   GLU A OE2 1 
ATOM   689  N N   . HIS A 1 88 ? -11.245 -2.578  -6.371  1.00 11.83 ? 88   HIS A N   1 
ATOM   690  C CA  . HIS A 1 88 ? -11.463 -4.017  -6.350  1.00 13.56 ? 88   HIS A CA  1 
ATOM   691  C C   . HIS A 1 88 ? -12.448 -4.312  -5.226  1.00 15.09 ? 88   HIS A C   1 
ATOM   692  O O   . HIS A 1 88 ? -12.313 -3.809  -4.104  1.00 15.39 ? 88   HIS A O   1 
ATOM   693  C CB  . HIS A 1 88 ? -10.147 -4.760  -6.128  1.00 17.26 ? 88   HIS A CB  1 
ATOM   694  C CG  . HIS A 1 88 ? -9.243  -4.727  -7.319  1.00 8.62  ? 88   HIS A CG  1 
ATOM   695  N ND1 . HIS A 1 88 ? -7.911  -5.064  -7.255  1.00 9.31  ? 88   HIS A ND1 1 
ATOM   696  C CD2 . HIS A 1 88 ? -9.488  -4.398  -8.610  1.00 10.90 ? 88   HIS A CD2 1 
ATOM   697  C CE1 . HIS A 1 88 ? -7.370  -4.945  -8.456  1.00 14.67 ? 88   HIS A CE1 1 
ATOM   698  N NE2 . HIS A 1 88 ? -8.306  -4.542  -9.296  1.00 10.88 ? 88   HIS A NE2 1 
ATOM   699  N N   . THR A 1 89 ? -13.453 -5.118  -5.541  1.00 15.82 ? 89   THR A N   1 
ATOM   700  C CA  . THR A 1 89 ? -14.492 -5.454  -4.576  1.00 14.74 ? 89   THR A CA  1 
ATOM   701  C C   . THR A 1 89 ? -14.103 -6.613  -3.665  1.00 13.18 ? 89   THR A C   1 
ATOM   702  O O   . THR A 1 89 ? -14.442 -6.626  -2.477  1.00 12.56 ? 89   THR A O   1 
ATOM   703  C CB  . THR A 1 89 ? -15.793 -5.863  -5.298  1.00 15.37 ? 89   THR A CB  1 
ATOM   704  O OG1 . THR A 1 89 ? -16.053 -4.962  -6.384  1.00 20.79 ? 89   THR A OG1 1 
ATOM   705  C CG2 . THR A 1 89 ? -16.958 -5.842  -4.332  1.00 22.16 ? 89   THR A CG2 1 
ATOM   706  N N   . ALA A 1 90 ? -13.418 -7.592  -4.244  1.00 13.98 ? 90   ALA A N   1 
ATOM   707  C CA  . ALA A 1 90 ? -12.995 -8.796  -3.538  1.00 16.87 ? 90   ALA A CA  1 
ATOM   708  C C   . ALA A 1 90 ? -11.827 -9.440  -4.278  1.00 19.04 ? 90   ALA A C   1 
ATOM   709  O O   . ALA A 1 90 ? -11.559 -9.120  -5.445  1.00 17.00 ? 90   ALA A O   1 
ATOM   710  C CB  . ALA A 1 90 ? -14.175 -9.783  -3.428  1.00 19.21 ? 90   ALA A CB  1 
ATOM   711  N N   . CYS A 1 91 ? -11.139 -10.349 -3.602  1.00 15.28 ? 91   CYS A N   1 
ATOM   712  C CA  . CYS A 1 91 ? -9.969  -11.001 -4.177  1.00 13.99 ? 91   CYS A CA  1 
ATOM   713  C C   . CYS A 1 91 ? -9.951  -12.496 -3.928  1.00 15.13 ? 91   CYS A C   1 
ATOM   714  O O   . CYS A 1 91 ? -10.711 -13.024 -3.126  1.00 17.76 ? 91   CYS A O   1 
ATOM   715  C CB  . CYS A 1 91 ? -8.706  -10.417 -3.565  1.00 14.29 ? 91   CYS A CB  1 
ATOM   716  S SG  . CYS A 1 91 ? -8.858  -8.635  -3.240  1.00 15.63 ? 91   CYS A SG  1 
ATOM   717  N N   . GLU A 1 92 ? -9.036  -13.162 -4.603  1.00 19.99 ? 92   GLU A N   1 
ATOM   718  C CA  . GLU A 1 92 ? -8.899  -14.592 -4.473  1.00 26.13 ? 92   GLU A CA  1 
ATOM   719  C C   . GLU A 1 92 ? -7.490  -14.930 -4.890  1.00 25.96 ? 92   GLU A C   1 
ATOM   720  O O   . GLU A 1 92 ? -6.894  -14.242 -5.722  1.00 28.67 ? 92   GLU A O   1 
ATOM   721  C CB  . GLU A 1 92 ? -9.907  -15.282 -5.393  1.00 33.36 ? 92   GLU A CB  1 
ATOM   722  C CG  . GLU A 1 92 ? -9.739  -16.774 -5.527  1.00 40.64 ? 92   GLU A CG  1 
ATOM   723  C CD  . GLU A 1 92 ? -10.802 -17.383 -6.425  1.00 43.69 ? 92   GLU A CD  1 
ATOM   724  O OE1 . GLU A 1 92 ? -10.825 -17.053 -7.627  1.00 45.62 ? 92   GLU A OE1 1 
ATOM   725  O OE2 . GLU A 1 92 ? -11.618 -18.181 -5.924  1.00 46.97 ? 92   GLU A OE2 1 
ATOM   726  N N   . CYS A 1 93 ? -6.948  -15.978 -4.296  1.00 23.47 ? 93   CYS A N   1 
ATOM   727  C CA  . CYS A 1 93 ? -5.614  -16.407 -4.641  1.00 27.74 ? 93   CYS A CA  1 
ATOM   728  C C   . CYS A 1 93 ? -5.754  -17.343 -5.840  1.00 27.08 ? 93   CYS A C   1 
ATOM   729  O O   . CYS A 1 93 ? -6.476  -18.345 -5.781  1.00 20.97 ? 93   CYS A O   1 
ATOM   730  C CB  . CYS A 1 93 ? -4.975  -17.113 -3.443  1.00 33.28 ? 93   CYS A CB  1 
ATOM   731  S SG  . CYS A 1 93 ? -4.443  -15.950 -2.141  1.00 25.41 ? 93   CYS A SG  1 
ATOM   732  N N   . ARG A 1 94 ? -5.094  -16.982 -6.935  1.00 30.54 ? 94   ARG A N   1 
ATOM   733  C CA  . ARG A 1 94 ? -5.134  -17.772 -8.164  1.00 36.07 ? 94   ARG A CA  1 
ATOM   734  C C   . ARG A 1 94 ? -3.737  -17.988 -8.746  1.00 38.95 ? 94   ARG A C   1 
ATOM   735  O O   . ARG A 1 94 ? -2.869  -17.108 -8.670  1.00 33.70 ? 94   ARG A O   1 
ATOM   736  C CB  . ARG A 1 94 ? -6.013  -17.084 -9.211  1.00 36.67 ? 94   ARG A CB  1 
ATOM   737  C CG  . ARG A 1 94 ? -7.473  -17.004 -8.839  1.00 40.45 ? 94   ARG A CG  1 
ATOM   738  C CD  . ARG A 1 94 ? -8.277  -16.325 -9.929  1.00 47.84 ? 94   ARG A CD  1 
ATOM   739  N NE  . ARG A 1 94 ? -9.688  -16.244 -9.570  1.00 49.18 ? 94   ARG A NE  1 
ATOM   740  C CZ  . ARG A 1 94 ? -10.614 -15.610 -10.288 1.00 57.14 ? 94   ARG A CZ  1 
ATOM   741  N NH1 . ARG A 1 94 ? -10.280 -14.991 -11.415 1.00 55.12 ? 94   ARG A NH1 1 
ATOM   742  N NH2 . ARG A 1 94 ? -11.877 -15.596 -9.876  1.00 54.74 ? 94   ARG A NH2 1 
ATOM   743  N N   . PRO A 1 95 ? -3.504  -19.165 -9.353  1.00 44.53 ? 95   PRO A N   1 
ATOM   744  C CA  . PRO A 1 95 ? -2.192  -19.471 -9.935  1.00 49.47 ? 95   PRO A CA  1 
ATOM   745  C C   . PRO A 1 95 ? -1.863  -18.460 -11.018 1.00 49.74 ? 95   PRO A C   1 
ATOM   746  O O   . PRO A 1 95 ? -2.687  -18.210 -11.891 1.00 54.83 ? 95   PRO A O   1 
ATOM   747  C CB  . PRO A 1 95 ? -2.385  -20.879 -10.490 1.00 51.64 ? 95   PRO A CB  1 
ATOM   748  C CG  . PRO A 1 95 ? -3.828  -20.873 -10.899 1.00 53.74 ? 95   PRO A CG  1 
ATOM   749  C CD  . PRO A 1 95 ? -4.495  -20.194 -9.718  1.00 49.15 ? 95   PRO A CD  1 
ATOM   750  N N   . ALA A 1 96 ? -0.670  -17.873 -10.956 1.00 52.25 ? 96   ALA A N   1 
ATOM   751  C CA  . ALA A 1 96 ? -0.265  -16.878 -11.947 1.00 57.23 ? 96   ALA A CA  1 
ATOM   752  C C   . ALA A 1 96 ? 1.018   -16.147 -11.553 1.00 59.64 ? 96   ALA A C   1 
ATOM   753  O O   . ALA A 1 96 ? 1.608   -16.500 -10.506 1.00 61.77 ? 96   ALA A O   1 
ATOM   754  C CB  . ALA A 1 96 ? -1.393  -15.862 -12.165 1.00 54.44 ? 96   ALA A CB  1 
ATOM   755  O OXT . ALA A 1 96 ? 1.413   -15.226 -12.305 1.00 59.12 ? 96   ALA A OXT 1 
HETATM 756  N N   . PCA B 2 1  ? -21.848 7.562   -3.123  1.00 35.27 ? 1    PCA B N   1 
HETATM 757  C CA  . PCA B 2 1  ? -21.508 8.760   -2.394  1.00 30.94 ? 1    PCA B CA  1 
HETATM 758  C CB  . PCA B 2 1  ? -21.405 8.249   -0.951  1.00 31.12 ? 1    PCA B CB  1 
HETATM 759  C CG  . PCA B 2 1  ? -21.116 6.761   -1.134  1.00 36.09 ? 1    PCA B CG  1 
HETATM 760  C CD  . PCA B 2 1  ? -21.645 6.441   -2.486  1.00 39.67 ? 1    PCA B CD  1 
HETATM 761  O OE  . PCA B 2 1  ? -21.869 5.319   -2.958  1.00 48.73 ? 1    PCA B OE  1 
HETATM 762  C C   . PCA B 2 1  ? -20.193 9.291   -2.958  1.00 32.18 ? 1    PCA B C   1 
HETATM 763  O O   . PCA B 2 1  ? -19.260 8.527   -3.167  1.00 36.35 ? 1    PCA B O   1 
ATOM   764  N N   . VAL B 2 2  ? -20.115 10.587  -3.217  1.00 27.97 ? 2    VAL B N   1 
ATOM   765  C CA  . VAL B 2 2  ? -18.849 11.169  -3.633  1.00 24.23 ? 2    VAL B CA  1 
ATOM   766  C C   . VAL B 2 2  ? -17.944 11.370  -2.427  1.00 25.49 ? 2    VAL B C   1 
ATOM   767  O O   . VAL B 2 2  ? -18.348 11.954  -1.426  1.00 27.25 ? 2    VAL B O   1 
ATOM   768  C CB  . VAL B 2 2  ? -19.065 12.512  -4.341  1.00 28.86 ? 2    VAL B CB  1 
ATOM   769  C CG1 . VAL B 2 2  ? -17.734 13.040  -4.870  1.00 28.83 ? 2    VAL B CG1 1 
ATOM   770  C CG2 . VAL B 2 2  ? -20.063 12.340  -5.481  1.00 30.33 ? 2    VAL B CG2 1 
ATOM   771  N N   . ARG B 2 3  ? -16.722 10.856  -2.508  1.00 23.59 ? 3    ARG B N   1 
ATOM   772  C CA  . ARG B 2 3  ? -15.781 11.022  -1.412  1.00 22.67 ? 3    ARG B CA  1 
ATOM   773  C C   . ARG B 2 3  ? -15.345 12.496  -1.401  1.00 27.03 ? 3    ARG B C   1 
ATOM   774  O O   . ARG B 2 3  ? -14.754 12.983  -2.362  1.00 26.74 ? 3    ARG B O   1 
ATOM   775  C CB  . ARG B 2 3  ? -14.556 10.123  -1.609  1.00 24.66 ? 3    ARG B CB  1 
ATOM   776  C CG  . ARG B 2 3  ? -13.541 10.236  -0.482  1.00 21.93 ? 3    ARG B CG  1 
ATOM   777  C CD  . ARG B 2 3  ? -12.263 9.527   -0.851  1.00 31.28 ? 3    ARG B CD  1 
ATOM   778  N NE  . ARG B 2 3  ? -12.484 8.149   -1.288  1.00 23.97 ? 3    ARG B NE  1 
ATOM   779  C CZ  . ARG B 2 3  ? -11.527 7.373   -1.786  1.00 22.67 ? 3    ARG B CZ  1 
ATOM   780  N NH1 . ARG B 2 3  ? -10.295 7.847   -1.910  1.00 21.10 ? 3    ARG B NH1 1 
ATOM   781  N NH2 . ARG B 2 3  ? -11.797 6.130   -2.171  1.00 28.88 ? 3    ARG B NH2 1 
ATOM   782  N N   . PRO B 2 4  ? -15.640 13.224  -0.314  1.00 27.87 ? 4    PRO B N   1 
ATOM   783  C CA  . PRO B 2 4  ? -15.303 14.648  -0.205  1.00 25.71 ? 4    PRO B CA  1 
ATOM   784  C C   . PRO B 2 4  ? -13.804 14.985  -0.219  1.00 24.63 ? 4    PRO B C   1 
ATOM   785  O O   . PRO B 2 4  ? -12.975 14.264  0.336   1.00 25.17 ? 4    PRO B O   1 
ATOM   786  C CB  . PRO B 2 4  ? -15.989 15.064  1.095   1.00 26.70 ? 4    PRO B CB  1 
ATOM   787  C CG  . PRO B 2 4  ? -15.946 13.800  1.912   1.00 34.71 ? 4    PRO B CG  1 
ATOM   788  C CD  . PRO B 2 4  ? -16.334 12.751  0.898   1.00 31.02 ? 4    PRO B CD  1 
ATOM   789  N N   . PHE B 2 5  ? -13.488 16.100  -0.864  1.00 21.68 ? 5    PHE B N   1 
ATOM   790  C CA  . PHE B 2 5  ? -12.127 16.606  -1.012  1.00 22.34 ? 5    PHE B CA  1 
ATOM   791  C C   . PHE B 2 5  ? -11.190 16.433  0.205   1.00 27.18 ? 5    PHE B C   1 
ATOM   792  O O   . PHE B 2 5  ? -10.055 15.950  0.071   1.00 24.22 ? 5    PHE B O   1 
ATOM   793  C CB  . PHE B 2 5  ? -12.208 18.083  -1.410  1.00 23.46 ? 5    PHE B CB  1 
ATOM   794  C CG  . PHE B 2 5  ? -10.892 18.687  -1.797  1.00 26.00 ? 5    PHE B CG  1 
ATOM   795  C CD1 . PHE B 2 5  ? -10.203 18.232  -2.925  1.00 26.27 ? 5    PHE B CD1 1 
ATOM   796  C CD2 . PHE B 2 5  ? -10.346 19.717  -1.050  1.00 25.34 ? 5    PHE B CD2 1 
ATOM   797  C CE1 . PHE B 2 5  ? -8.987  18.803  -3.297  1.00 27.74 ? 5    PHE B CE1 1 
ATOM   798  C CE2 . PHE B 2 5  ? -9.127  20.300  -1.409  1.00 30.53 ? 5    PHE B CE2 1 
ATOM   799  C CZ  . PHE B 2 5  ? -8.449  19.842  -2.535  1.00 29.45 ? 5    PHE B CZ  1 
ATOM   800  N N   . LEU B 2 6  ? -11.651 16.829  1.387   1.00 23.46 ? 6    LEU B N   1 
ATOM   801  C CA  . LEU B 2 6  ? -10.819 16.705  2.573   1.00 26.41 ? 6    LEU B CA  1 
ATOM   802  C C   . LEU B 2 6  ? -10.514 15.247  2.888   1.00 21.48 ? 6    LEU B C   1 
ATOM   803  O O   . LEU B 2 6  ? -9.405  14.923  3.308   1.00 18.24 ? 6    LEU B O   1 
ATOM   804  C CB  . LEU B 2 6  ? -11.494 17.387  3.763   1.00 36.69 ? 6    LEU B CB  1 
ATOM   805  C CG  . LEU B 2 6  ? -11.573 18.915  3.643   1.00 44.39 ? 6    LEU B CG  1 
ATOM   806  C CD1 . LEU B 2 6  ? -12.253 19.508  4.886   1.00 47.10 ? 6    LEU B CD1 1 
ATOM   807  C CD2 . LEU B 2 6  ? -10.161 19.484  3.472   1.00 48.98 ? 6    LEU B CD2 1 
ATOM   808  N N   . ASP B 2 7  ? -11.489 14.367  2.668   1.00 25.25 ? 7    ASP B N   1 
ATOM   809  C CA  . ASP B 2 7  ? -11.281 12.941  2.912   1.00 26.61 ? 7    ASP B CA  1 
ATOM   810  C C   . ASP B 2 7  ? -10.230 12.414  1.926   1.00 26.86 ? 7    ASP B C   1 
ATOM   811  O O   . ASP B 2 7  ? -9.494  11.481  2.233   1.00 19.66 ? 7    ASP B O   1 
ATOM   812  C CB  . ASP B 2 7  ? -12.588 12.162  2.727   1.00 28.35 ? 7    ASP B CB  1 
ATOM   813  C CG  . ASP B 2 7  ? -13.605 12.462  3.818   1.00 38.57 ? 7    ASP B CG  1 
ATOM   814  O OD1 . ASP B 2 7  ? -14.665 11.800  3.842   1.00 37.93 ? 7    ASP B OD1 1 
ATOM   815  O OD2 . ASP B 2 7  ? -13.343 13.358  4.649   1.00 29.88 ? 7    ASP B OD2 1 
ATOM   816  N N   . VAL B 2 8  ? -10.168 13.029  0.746   1.00 20.78 ? 8    VAL B N   1 
ATOM   817  C CA  . VAL B 2 8  ? -9.215  12.627  -0.281  1.00 15.81 ? 8    VAL B CA  1 
ATOM   818  C C   . VAL B 2 8  ? -7.797  13.005  0.124   1.00 19.40 ? 8    VAL B C   1 
ATOM   819  O O   . VAL B 2 8  ? -6.897  12.173  0.083   1.00 16.07 ? 8    VAL B O   1 
ATOM   820  C CB  . VAL B 2 8  ? -9.513  13.304  -1.616  1.00 14.02 ? 8    VAL B CB  1 
ATOM   821  C CG1 . VAL B 2 8  ? -8.606  12.712  -2.712  1.00 13.72 ? 8    VAL B CG1 1 
ATOM   822  C CG2 . VAL B 2 8  ? -10.974 13.125  -1.957  1.00 19.17 ? 8    VAL B CG2 1 
ATOM   823  N N   . TYR B 2 9  ? -7.596  14.264  0.503   1.00 19.59 ? 9    TYR B N   1 
ATOM   824  C CA  . TYR B 2 9  ? -6.267  14.707  0.927   1.00 23.63 ? 9    TYR B CA  1 
ATOM   825  C C   . TYR B 2 9  ? -5.807  13.960  2.172   1.00 21.52 ? 9    TYR B C   1 
ATOM   826  O O   . TYR B 2 9  ? -4.625  13.684  2.345   1.00 25.66 ? 9    TYR B O   1 
ATOM   827  C CB  . TYR B 2 9  ? -6.274  16.206  1.226   1.00 30.24 ? 9    TYR B CB  1 
ATOM   828  C CG  . TYR B 2 9  ? -5.529  17.025  0.210   1.00 39.18 ? 9    TYR B CG  1 
ATOM   829  C CD1 . TYR B 2 9  ? -6.202  17.922  -0.608  1.00 40.38 ? 9    TYR B CD1 1 
ATOM   830  C CD2 . TYR B 2 9  ? -4.145  16.905  0.067   1.00 41.13 ? 9    TYR B CD2 1 
ATOM   831  C CE1 . TYR B 2 9  ? -5.523  18.683  -1.547  1.00 46.74 ? 9    TYR B CE1 1 
ATOM   832  C CE2 . TYR B 2 9  ? -3.453  17.663  -0.874  1.00 46.08 ? 9    TYR B CE2 1 
ATOM   833  C CZ  . TYR B 2 9  ? -4.151  18.550  -1.678  1.00 48.32 ? 9    TYR B CZ  1 
ATOM   834  O OH  . TYR B 2 9  ? -3.494  19.308  -2.619  1.00 50.75 ? 9    TYR B OH  1 
ATOM   835  N N   . GLN B 2 10 ? -6.752  13.638  3.045   1.00 22.71 ? 10   GLN B N   1 
ATOM   836  C CA  . GLN B 2 10 ? -6.434  12.937  4.288   1.00 24.38 ? 10   GLN B CA  1 
ATOM   837  C C   . GLN B 2 10 ? -5.704  11.614  4.031   1.00 21.50 ? 10   GLN B C   1 
ATOM   838  O O   . GLN B 2 10 ? -4.834  11.205  4.811   1.00 19.99 ? 10   GLN B O   1 
ATOM   839  C CB  . GLN B 2 10 ? -7.714  12.655  5.069   1.00 23.31 ? 10   GLN B CB  1 
ATOM   840  C CG  . GLN B 2 10 ? -7.637  12.975  6.544   1.00 43.67 ? 10   GLN B CG  1 
ATOM   841  C CD  . GLN B 2 10 ? -8.503  14.162  6.894   1.00 47.29 ? 10   GLN B CD  1 
ATOM   842  O OE1 . GLN B 2 10 ? -8.420  15.214  6.255   1.00 50.59 ? 10   GLN B OE1 1 
ATOM   843  N NE2 . GLN B 2 10 ? -9.344  14.003  7.909   1.00 52.06 ? 10   GLN B NE2 1 
ATOM   844  N N   . ARG B 2 11 ? -6.063  10.944  2.944   1.00 16.76 ? 11   ARG B N   1 
ATOM   845  C CA  . ARG B 2 11 ? -5.442  9.663   2.615   1.00 12.45 ? 11   ARG B CA  1 
ATOM   846  C C   . ARG B 2 11 ? -4.287  9.793   1.618   1.00 9.76  ? 11   ARG B C   1 
ATOM   847  O O   . ARG B 2 11 ? -3.334  9.018   1.666   1.00 15.51 ? 11   ARG B O   1 
ATOM   848  C CB  . ARG B 2 11 ? -6.496  8.707   2.034   1.00 15.49 ? 11   ARG B CB  1 
ATOM   849  C CG  . ARG B 2 11 ? -7.485  8.108   3.017   1.00 24.80 ? 11   ARG B CG  1 
ATOM   850  C CD  . ARG B 2 11 ? -6.784  7.096   3.910   1.00 33.73 ? 11   ARG B CD  1 
ATOM   851  N NE  . ARG B 2 11 ? -6.171  7.732   5.060   1.00 27.01 ? 11   ARG B NE  1 
ATOM   852  C CZ  . ARG B 2 11 ? -5.032  7.357   5.633   1.00 22.69 ? 11   ARG B CZ  1 
ATOM   853  N NH1 . ARG B 2 11 ? -4.329  6.331   5.176   1.00 19.97 ? 11   ARG B NH1 1 
ATOM   854  N NH2 . ARG B 2 11 ? -4.603  8.021   6.690   1.00 21.40 ? 11   ARG B NH2 1 
ATOM   855  N N   . SER B 2 12 ? -4.379  10.751  0.697   1.00 14.47 ? 12   SER B N   1 
ATOM   856  C CA  . SER B 2 12 ? -3.341  10.925  -0.325  1.00 14.25 ? 12   SER B CA  1 
ATOM   857  C C   . SER B 2 12 ? -2.029  11.492  0.207   1.00 17.92 ? 12   SER B C   1 
ATOM   858  O O   . SER B 2 12 ? -0.955  11.223  -0.336  1.00 16.28 ? 12   SER B O   1 
ATOM   859  C CB  . SER B 2 12 ? -3.844  11.851  -1.442  1.00 14.30 ? 12   SER B CB  1 
ATOM   860  O OG  . SER B 2 12 ? -5.036  11.355  -2.013  1.00 16.10 ? 12   SER B OG  1 
ATOM   861  N N   . ALA B 2 13 ? -2.133  12.302  1.250   1.00 14.79 ? 13   ALA B N   1 
ATOM   862  C CA  . ALA B 2 13 ? -0.976  12.953  1.858   1.00 22.61 ? 13   ALA B CA  1 
ATOM   863  C C   . ALA B 2 13 ? 0.178   12.032  2.257   1.00 20.99 ? 13   ALA B C   1 
ATOM   864  O O   . ALA B 2 13 ? -0.036  10.881  2.652   1.00 19.44 ? 13   ALA B O   1 
ATOM   865  C CB  . ALA B 2 13 ? -1.440  13.749  3.081   1.00 16.79 ? 13   ALA B CB  1 
ATOM   866  N N   . CYS B 2 14 ? 1.401   12.556  2.148   1.00 18.76 ? 14   CYS B N   1 
ATOM   867  C CA  . CYS B 2 14 ? 2.601   11.831  2.556   1.00 15.53 ? 14   CYS B CA  1 
ATOM   868  C C   . CYS B 2 14 ? 2.416   11.541  4.046   1.00 18.59 ? 14   CYS B C   1 
ATOM   869  O O   . CYS B 2 14 ? 2.124   12.449  4.822   1.00 18.45 ? 14   CYS B O   1 
ATOM   870  C CB  . CYS B 2 14 ? 3.841   12.710  2.351   1.00 18.99 ? 14   CYS B CB  1 
ATOM   871  S SG  . CYS B 2 14 ? 5.436   12.083  2.985   1.00 20.91 ? 14   CYS B SG  1 
ATOM   872  N N   . GLN B 2 15 ? 2.584   10.283  4.437   1.00 15.96 ? 15   GLN B N   1 
ATOM   873  C CA  . GLN B 2 15 ? 2.404   9.876   5.827   1.00 14.01 ? 15   GLN B CA  1 
ATOM   874  C C   . GLN B 2 15 ? 2.789   8.405   5.934   1.00 15.34 ? 15   GLN B C   1 
ATOM   875  O O   . GLN B 2 15 ? 3.059   7.755   4.920   1.00 12.62 ? 15   GLN B O   1 
ATOM   876  C CB  . GLN B 2 15 ? 0.928   10.027  6.221   1.00 14.30 ? 15   GLN B CB  1 
ATOM   877  C CG  . GLN B 2 15 ? 0.005   9.105   5.377   1.00 14.33 ? 15   GLN B CG  1 
ATOM   878  C CD  . GLN B 2 15 ? -1.481  9.301   5.617   1.00 21.45 ? 15   GLN B CD  1 
ATOM   879  O OE1 . GLN B 2 15 ? -2.039  8.812   6.606   1.00 14.19 ? 15   GLN B OE1 1 
ATOM   880  N NE2 . GLN B 2 15 ? -2.141  10.020  4.697   1.00 14.80 ? 15   GLN B NE2 1 
ATOM   881  N N   . THR B 2 16 ? 2.833   7.876   7.155   1.00 16.93 ? 16   THR B N   1 
ATOM   882  C CA  . THR B 2 16 ? 3.144   6.453   7.326   1.00 13.73 ? 16   THR B CA  1 
ATOM   883  C C   . THR B 2 16 ? 1.855   5.672   7.052   1.00 14.30 ? 16   THR B C   1 
ATOM   884  O O   . THR B 2 16 ? 0.774   6.077   7.481   1.00 13.05 ? 16   THR B O   1 
ATOM   885  C CB  . THR B 2 16 ? 3.630   6.101   8.781   1.00 11.18 ? 16   THR B CB  1 
ATOM   886  O OG1 . THR B 2 16 ? 2.699   6.598   9.750   1.00 12.60 ? 16   THR B OG1 1 
ATOM   887  C CG2 . THR B 2 16 ? 5.009   6.701   9.053   1.00 13.88 ? 16   THR B CG2 1 
ATOM   888  N N   . ARG B 2 17 ? 1.954   4.572   6.318   1.00 14.75 ? 17   ARG B N   1 
ATOM   889  C CA  . ARG B 2 17 ? 0.769   3.774   6.071   1.00 14.82 ? 17   ARG B CA  1 
ATOM   890  C C   . ARG B 2 17 ? 1.147   2.315   5.942   1.00 12.30 ? 17   ARG B C   1 
ATOM   891  O O   . ARG B 2 17 ? 2.300   1.979   5.670   1.00 14.25 ? 17   ARG B O   1 
ATOM   892  C CB  . ARG B 2 17 ? 0.021   4.266   4.827   1.00 17.04 ? 17   ARG B CB  1 
ATOM   893  C CG  . ARG B 2 17 ? 0.562   3.777   3.504   1.00 19.86 ? 17   ARG B CG  1 
ATOM   894  C CD  . ARG B 2 17 ? -0.258  4.378   2.351   1.00 20.22 ? 17   ARG B CD  1 
ATOM   895  N NE  . ARG B 2 17 ? -0.003  5.808   2.166   1.00 16.66 ? 17   ARG B NE  1 
ATOM   896  C CZ  . ARG B 2 17 ? -0.950  6.741   2.118   1.00 15.45 ? 17   ARG B CZ  1 
ATOM   897  N NH1 . ARG B 2 17 ? -2.224  6.403   2.248   1.00 20.18 ? 17   ARG B NH1 1 
ATOM   898  N NH2 . ARG B 2 17 ? -0.625  8.016   1.924   1.00 11.80 ? 17   ARG B NH2 1 
ATOM   899  N N   . GLU B 2 18 ? 0.165   1.457   6.184   1.00 14.77 ? 18   GLU B N   1 
ATOM   900  C CA  . GLU B 2 18 ? 0.347   0.019   6.120   1.00 17.60 ? 18   GLU B CA  1 
ATOM   901  C C   . GLU B 2 18 ? 0.948   -0.351  4.775   1.00 16.23 ? 18   GLU B C   1 
ATOM   902  O O   . GLU B 2 18 ? 0.392   -0.017  3.730   1.00 17.21 ? 18   GLU B O   1 
ATOM   903  C CB  . GLU B 2 18 ? -1.000  -0.682  6.292   1.00 19.69 ? 18   GLU B CB  1 
ATOM   904  C CG  . GLU B 2 18 ? -0.913  -2.194  6.281   1.00 24.94 ? 18   GLU B CG  1 
ATOM   905  C CD  . GLU B 2 18 ? -2.260  -2.854  6.500   1.00 26.54 ? 18   GLU B CD  1 
ATOM   906  O OE1 . GLU B 2 18 ? -3.028  -2.997  5.518   1.00 27.12 ? 18   GLU B OE1 1 
ATOM   907  O OE2 . GLU B 2 18 ? -2.549  -3.216  7.659   1.00 24.16 ? 18   GLU B OE2 1 
ATOM   908  N N   . THR B 2 19 ? 2.071   -1.053  4.817   1.00 15.48 ? 19   THR B N   1 
ATOM   909  C CA  . THR B 2 19 ? 2.786   -1.460  3.614   1.00 16.78 ? 19   THR B CA  1 
ATOM   910  C C   . THR B 2 19 ? 3.276   -2.913  3.702   1.00 16.86 ? 19   THR B C   1 
ATOM   911  O O   . THR B 2 19 ? 3.896   -3.319  4.691   1.00 13.96 ? 19   THR B O   1 
ATOM   912  C CB  . THR B 2 19 ? 3.985   -0.533  3.405   1.00 11.96 ? 19   THR B CB  1 
ATOM   913  O OG1 . THR B 2 19 ? 3.523   0.822   3.389   1.00 12.37 ? 19   THR B OG1 1 
ATOM   914  C CG2 . THR B 2 19 ? 4.706   -0.861  2.103   1.00 20.18 ? 19   THR B CG2 1 
ATOM   915  N N   . LEU B 2 20 ? 3.001   -3.697  2.669   1.00 12.57 ? 20   LEU B N   1 
ATOM   916  C CA  . LEU B 2 20 ? 3.430   -5.094  2.673   1.00 14.83 ? 20   LEU B CA  1 
ATOM   917  C C   . LEU B 2 20 ? 4.885   -5.201  2.261   1.00 14.65 ? 20   LEU B C   1 
ATOM   918  O O   . LEU B 2 20 ? 5.306   -4.543  1.309   1.00 16.13 ? 20   LEU B O   1 
ATOM   919  C CB  . LEU B 2 20 ? 2.585   -5.920  1.691   1.00 15.55 ? 20   LEU B CB  1 
ATOM   920  C CG  . LEU B 2 20 ? 1.103   -6.062  2.019   1.00 19.73 ? 20   LEU B CG  1 
ATOM   921  C CD1 . LEU B 2 20 ? 0.388   -6.892  0.949   1.00 20.94 ? 20   LEU B CD1 1 
ATOM   922  C CD2 . LEU B 2 20 ? 0.966   -6.714  3.376   1.00 17.50 ? 20   LEU B CD2 1 
ATOM   923  N N   . VAL B 2 21 ? 5.655   -6.011  2.983   1.00 15.27 ? 21   VAL B N   1 
ATOM   924  C CA  . VAL B 2 21 ? 7.051   -6.240  2.646   1.00 19.82 ? 21   VAL B CA  1 
ATOM   925  C C   . VAL B 2 21 ? 7.290   -7.744  2.711   1.00 20.75 ? 21   VAL B C   1 
ATOM   926  O O   . VAL B 2 21 ? 6.705   -8.425  3.545   1.00 15.67 ? 21   VAL B O   1 
ATOM   927  C CB  . VAL B 2 21 ? 8.026   -5.517  3.621   1.00 17.18 ? 21   VAL B CB  1 
ATOM   928  C CG1 . VAL B 2 21 ? 7.723   -4.007  3.653   1.00 15.55 ? 21   VAL B CG1 1 
ATOM   929  C CG2 . VAL B 2 21 ? 7.935   -6.120  4.999   1.00 20.20 ? 21   VAL B CG2 1 
ATOM   930  N N   . SER B 2 22 ? 8.139   -8.259  1.825   1.00 18.17 ? 22   SER B N   1 
ATOM   931  C CA  . SER B 2 22 ? 8.449   -9.693  1.809   1.00 21.50 ? 22   SER B CA  1 
ATOM   932  C C   . SER B 2 22 ? 9.492   -10.007 2.877   1.00 18.07 ? 22   SER B C   1 
ATOM   933  O O   . SER B 2 22 ? 10.482  -9.291  3.008   1.00 23.20 ? 22   SER B O   1 
ATOM   934  C CB  . SER B 2 22 ? 8.981   -10.096 0.427   1.00 21.83 ? 22   SER B CB  1 
ATOM   935  O OG  . SER B 2 22 ? 9.482   -11.419 0.441   1.00 35.31 ? 22   SER B OG  1 
ATOM   936  N N   . ILE B 2 23 ? 9.285   -11.081 3.629   1.00 16.36 ? 23   ILE B N   1 
ATOM   937  C CA  . ILE B 2 23 ? 10.230  -11.441 4.680   1.00 17.75 ? 23   ILE B CA  1 
ATOM   938  C C   . ILE B 2 23 ? 11.610  -11.751 4.113   1.00 28.16 ? 23   ILE B C   1 
ATOM   939  O O   . ILE B 2 23 ? 12.620  -11.227 4.595   1.00 25.01 ? 23   ILE B O   1 
ATOM   940  C CB  . ILE B 2 23 ? 9.714   -12.637 5.509   1.00 27.14 ? 23   ILE B CB  1 
ATOM   941  C CG1 . ILE B 2 23 ? 8.413   -12.232 6.230   1.00 18.04 ? 23   ILE B CG1 1 
ATOM   942  C CG2 . ILE B 2 23 ? 10.770  -13.057 6.517   1.00 20.42 ? 23   ILE B CG2 1 
ATOM   943  C CD1 . ILE B 2 23 ? 7.730   -13.350 6.981   1.00 21.75 ? 23   ILE B CD1 1 
ATOM   944  N N   . LEU B 2 24 ? 11.656  -12.576 3.072   1.00 28.84 ? 24   LEU B N   1 
ATOM   945  C CA  . LEU B 2 24 ? 12.935  -12.922 2.458   1.00 34.94 ? 24   LEU B CA  1 
ATOM   946  C C   . LEU B 2 24 ? 13.615  -11.689 1.862   1.00 32.89 ? 24   LEU B C   1 
ATOM   947  O O   . LEU B 2 24 ? 14.840  -11.628 1.778   1.00 32.58 ? 24   LEU B O   1 
ATOM   948  C CB  . LEU B 2 24 ? 12.736  -13.996 1.382   1.00 37.60 ? 24   LEU B CB  1 
ATOM   949  C CG  . LEU B 2 24 ? 12.186  -15.334 1.900   1.00 38.88 ? 24   LEU B CG  1 
ATOM   950  C CD1 . LEU B 2 24 ? 12.157  -16.343 0.759   1.00 40.52 ? 24   LEU B CD1 1 
ATOM   951  C CD2 . LEU B 2 24 ? 13.048  -15.850 3.049   1.00 37.48 ? 24   LEU B CD2 1 
ATOM   952  N N   . GLN B 2 25 ? 12.812  -10.710 1.459   1.00 32.71 ? 25   GLN B N   1 
ATOM   953  C CA  . GLN B 2 25 ? 13.332  -9.467  0.893   1.00 34.79 ? 25   GLN B CA  1 
ATOM   954  C C   . GLN B 2 25 ? 13.931  -8.572  1.985   1.00 32.70 ? 25   GLN B C   1 
ATOM   955  O O   . GLN B 2 25 ? 15.005  -7.990  1.808   1.00 31.86 ? 25   GLN B O   1 
ATOM   956  C CB  . GLN B 2 25 ? 12.217  -8.704  0.174   1.00 41.90 ? 25   GLN B CB  1 
ATOM   957  C CG  . GLN B 2 25 ? 12.112  -8.945  -1.333  1.00 55.39 ? 25   GLN B CG  1 
ATOM   958  C CD  . GLN B 2 25 ? 11.708  -10.369 -1.710  1.00 62.26 ? 25   GLN B CD  1 
ATOM   959  O OE1 . GLN B 2 25 ? 11.251  -10.614 -2.830  1.00 62.92 ? 25   GLN B OE1 1 
ATOM   960  N NE2 . GLN B 2 25 ? 11.884  -11.311 -0.787  1.00 65.63 ? 25   GLN B NE2 1 
ATOM   961  N N   . GLU B 2 26 ? 13.233  -8.458  3.110   1.00 22.80 ? 26   GLU B N   1 
ATOM   962  C CA  . GLU B 2 26 ? 13.709  -7.640  4.222   1.00 22.33 ? 26   GLU B CA  1 
ATOM   963  C C   . GLU B 2 26 ? 14.902  -8.291  4.924   1.00 22.55 ? 26   GLU B C   1 
ATOM   964  O O   . GLU B 2 26 ? 15.774  -7.607  5.464   1.00 23.73 ? 26   GLU B O   1 
ATOM   965  C CB  . GLU B 2 26 ? 12.569  -7.416  5.216   1.00 25.93 ? 26   GLU B CB  1 
ATOM   966  C CG  . GLU B 2 26 ? 11.410  -6.630  4.623   1.00 28.70 ? 26   GLU B CG  1 
ATOM   967  C CD  . GLU B 2 26 ? 11.803  -5.203  4.246   1.00 33.77 ? 26   GLU B CD  1 
ATOM   968  O OE1 . GLU B 2 26 ? 12.113  -4.415  5.163   1.00 27.91 ? 26   GLU B OE1 1 
ATOM   969  O OE2 . GLU B 2 26 ? 11.806  -4.868  3.038   1.00 27.85 ? 26   GLU B OE2 1 
ATOM   970  N N   . HIS B 2 27 ? 14.931  -9.619  4.915   1.00 19.60 ? 27   HIS B N   1 
ATOM   971  C CA  . HIS B 2 27 ? 16.010  -10.368 5.541   1.00 26.98 ? 27   HIS B CA  1 
ATOM   972  C C   . HIS B 2 27 ? 16.688  -11.279 4.528   1.00 31.37 ? 27   HIS B C   1 
ATOM   973  O O   . HIS B 2 27 ? 16.522  -12.498 4.575   1.00 25.52 ? 27   HIS B O   1 
ATOM   974  C CB  . HIS B 2 27 ? 15.475  -11.224 6.682   1.00 28.65 ? 27   HIS B CB  1 
ATOM   975  C CG  . HIS B 2 27 ? 14.939  -10.435 7.828   1.00 29.28 ? 27   HIS B CG  1 
ATOM   976  N ND1 . HIS B 2 27 ? 13.815  -9.646  7.726   1.00 35.56 ? 27   HIS B ND1 1 
ATOM   977  C CD2 . HIS B 2 27 ? 15.373  -10.311 9.104   1.00 35.75 ? 27   HIS B CD2 1 
ATOM   978  C CE1 . HIS B 2 27 ? 13.578  -9.069  8.890   1.00 32.39 ? 27   HIS B CE1 1 
ATOM   979  N NE2 . HIS B 2 27 ? 14.509  -9.456  9.743   1.00 35.99 ? 27   HIS B NE2 1 
ATOM   980  N N   . PRO B 2 28 ? 17.467  -10.701 3.601   1.00 35.21 ? 28   PRO B N   1 
ATOM   981  C CA  . PRO B 2 28 ? 18.124  -11.518 2.577   1.00 39.31 ? 28   PRO B CA  1 
ATOM   982  C C   . PRO B 2 28 ? 19.021  -12.586 3.210   1.00 40.49 ? 28   PRO B C   1 
ATOM   983  O O   . PRO B 2 28 ? 19.353  -13.590 2.572   1.00 43.35 ? 28   PRO B O   1 
ATOM   984  C CB  . PRO B 2 28 ? 18.905  -10.487 1.766   1.00 39.24 ? 28   PRO B CB  1 
ATOM   985  C CG  . PRO B 2 28 ? 19.274  -9.465  2.803   1.00 38.49 ? 28   PRO B CG  1 
ATOM   986  C CD  . PRO B 2 28 ? 17.993  -9.323  3.599   1.00 37.54 ? 28   PRO B CD  1 
ATOM   987  N N   . ASP B 2 29 ? 19.393  -12.363 4.472   1.00 42.81 ? 29   ASP B N   1 
ATOM   988  C CA  . ASP B 2 29 ? 20.244  -13.290 5.218   1.00 44.02 ? 29   ASP B CA  1 
ATOM   989  C C   . ASP B 2 29 ? 19.496  -14.566 5.589   1.00 47.69 ? 29   ASP B C   1 
ATOM   990  O O   . ASP B 2 29 ? 20.108  -15.549 6.011   1.00 43.27 ? 29   ASP B O   1 
ATOM   991  C CB  . ASP B 2 29 ? 20.777  -12.627 6.495   1.00 50.69 ? 29   ASP B CB  1 
ATOM   992  C CG  . ASP B 2 29 ? 19.664  -12.207 7.452   1.00 53.84 ? 29   ASP B CG  1 
ATOM   993  O OD1 . ASP B 2 29 ? 18.810  -11.383 7.051   1.00 54.29 ? 29   ASP B OD1 1 
ATOM   994  O OD2 . ASP B 2 29 ? 19.649  -12.694 8.607   1.00 53.02 ? 29   ASP B OD2 1 
ATOM   995  N N   . GLU B 2 30 ? 18.170  -14.537 5.452   1.00 45.89 ? 30   GLU B N   1 
ATOM   996  C CA  . GLU B 2 30 ? 17.340  -15.701 5.742   1.00 45.22 ? 30   GLU B CA  1 
ATOM   997  C C   . GLU B 2 30 ? 17.189  -16.470 4.441   1.00 49.06 ? 30   GLU B C   1 
ATOM   998  O O   . GLU B 2 30 ? 16.259  -16.230 3.666   1.00 49.05 ? 30   GLU B O   1 
ATOM   999  C CB  . GLU B 2 30 ? 15.959  -15.282 6.252   1.00 33.56 ? 30   GLU B CB  1 
ATOM   1000 C CG  . GLU B 2 30 ? 15.950  -14.801 7.689   1.00 36.42 ? 30   GLU B CG  1 
ATOM   1001 C CD  . GLU B 2 30 ? 16.337  -15.892 8.669   1.00 37.93 ? 30   GLU B CD  1 
ATOM   1002 O OE1 . GLU B 2 30 ? 16.364  -15.615 9.883   1.00 28.31 ? 30   GLU B OE1 1 
ATOM   1003 O OE2 . GLU B 2 30 ? 16.613  -17.027 8.225   1.00 34.68 ? 30   GLU B OE2 1 
ATOM   1004 N N   . ILE B 2 31 ? 18.111  -17.395 4.202   1.00 50.95 ? 31   ILE B N   1 
ATOM   1005 C CA  . ILE B 2 31 ? 18.077  -18.179 2.976   1.00 57.25 ? 31   ILE B CA  1 
ATOM   1006 C C   . ILE B 2 31 ? 18.162  -19.691 3.192   1.00 58.12 ? 31   ILE B C   1 
ATOM   1007 O O   . ILE B 2 31 ? 18.976  -20.369 2.565   1.00 59.93 ? 31   ILE B O   1 
ATOM   1008 C CB  . ILE B 2 31 ? 19.203  -17.719 2.017   1.00 59.45 ? 31   ILE B CB  1 
ATOM   1009 C CG1 . ILE B 2 31 ? 20.471  -17.371 2.811   1.00 58.10 ? 31   ILE B CG1 1 
ATOM   1010 C CG2 . ILE B 2 31 ? 18.737  -16.500 1.227   1.00 55.70 ? 31   ILE B CG2 1 
ATOM   1011 C CD1 . ILE B 2 31 ? 21.032  -18.506 3.625   1.00 56.20 ? 31   ILE B CD1 1 
ATOM   1012 N N   . SER B 2 32 ? 17.301  -20.211 4.067   1.00 57.15 ? 32   SER B N   1 
ATOM   1013 C CA  . SER B 2 32 ? 17.263  -21.641 4.371   1.00 54.78 ? 32   SER B CA  1 
ATOM   1014 C C   . SER B 2 32 ? 15.855  -22.131 4.704   1.00 52.42 ? 32   SER B C   1 
ATOM   1015 O O   . SER B 2 32 ? 15.579  -23.326 4.616   1.00 51.69 ? 32   SER B O   1 
ATOM   1016 C CB  . SER B 2 32 ? 18.183  -21.972 5.555   1.00 52.74 ? 32   SER B CB  1 
ATOM   1017 O OG  . SER B 2 32 ? 19.553  -21.916 5.199   1.00 49.54 ? 32   SER B OG  1 
ATOM   1018 N N   . ASP B 2 33 ? 14.968  -21.213 5.080   1.00 50.36 ? 33   ASP B N   1 
ATOM   1019 C CA  . ASP B 2 33 ? 13.609  -21.594 5.455   1.00 45.98 ? 33   ASP B CA  1 
ATOM   1020 C C   . ASP B 2 33 ? 12.479  -20.820 4.775   1.00 45.86 ? 33   ASP B C   1 
ATOM   1021 O O   . ASP B 2 33 ? 12.706  -19.816 4.100   1.00 44.68 ? 33   ASP B O   1 
ATOM   1022 C CB  . ASP B 2 33 ? 13.455  -21.470 6.973   1.00 44.20 ? 33   ASP B CB  1 
ATOM   1023 C CG  . ASP B 2 33 ? 14.466  -22.310 7.732   1.00 41.56 ? 33   ASP B CG  1 
ATOM   1024 O OD1 . ASP B 2 33 ? 14.493  -23.542 7.528   1.00 39.82 ? 33   ASP B OD1 1 
ATOM   1025 O OD2 . ASP B 2 33 ? 15.235  -21.742 8.535   1.00 50.26 ? 33   ASP B OD2 1 
ATOM   1026 N N   . ILE B 2 34 ? 11.259  -21.322 4.961   1.00 44.24 ? 34   ILE B N   1 
ATOM   1027 C CA  . ILE B 2 34 ? 10.036  -20.719 4.424   1.00 41.25 ? 34   ILE B CA  1 
ATOM   1028 C C   . ILE B 2 34 ? 9.391   -19.986 5.599   1.00 36.44 ? 34   ILE B C   1 
ATOM   1029 O O   . ILE B 2 34 ? 9.596   -20.363 6.754   1.00 30.83 ? 34   ILE B O   1 
ATOM   1030 C CB  . ILE B 2 34 ? 9.027   -21.795 3.944   1.00 42.62 ? 34   ILE B CB  1 
ATOM   1031 C CG1 . ILE B 2 34 ? 9.627   -22.623 2.811   1.00 50.32 ? 34   ILE B CG1 1 
ATOM   1032 C CG2 . ILE B 2 34 ? 7.741   -21.139 3.477   1.00 46.44 ? 34   ILE B CG2 1 
ATOM   1033 C CD1 . ILE B 2 34 ? 8.727   -23.761 2.348   1.00 51.89 ? 34   ILE B CD1 1 
ATOM   1034 N N   . PHE B 2 35 ? 8.621   -18.944 5.320   1.00 31.16 ? 35   PHE B N   1 
ATOM   1035 C CA  . PHE B 2 35 ? 7.968   -18.217 6.396   1.00 27.62 ? 35   PHE B CA  1 
ATOM   1036 C C   . PHE B 2 35 ? 6.485   -18.049 6.120   1.00 21.97 ? 35   PHE B C   1 
ATOM   1037 O O   . PHE B 2 35 ? 6.077   -17.844 4.983   1.00 21.07 ? 35   PHE B O   1 
ATOM   1038 C CB  . PHE B 2 35 ? 8.612   -16.845 6.580   1.00 27.67 ? 35   PHE B CB  1 
ATOM   1039 C CG  . PHE B 2 35 ? 10.033  -16.906 7.051   1.00 25.05 ? 35   PHE B CG  1 
ATOM   1040 C CD1 . PHE B 2 35 ? 10.328  -17.084 8.396   1.00 21.23 ? 35   PHE B CD1 1 
ATOM   1041 C CD2 . PHE B 2 35 ? 11.079  -16.812 6.143   1.00 29.61 ? 35   PHE B CD2 1 
ATOM   1042 C CE1 . PHE B 2 35 ? 11.652  -17.167 8.833   1.00 26.83 ? 35   PHE B CE1 1 
ATOM   1043 C CE2 . PHE B 2 35 ? 12.404  -16.896 6.564   1.00 31.86 ? 35   PHE B CE2 1 
ATOM   1044 C CZ  . PHE B 2 35 ? 12.691  -17.072 7.910   1.00 30.88 ? 35   PHE B CZ  1 
ATOM   1045 N N   . ARG B 2 36 ? 5.683   -18.154 7.173   1.00 23.50 ? 36   ARG B N   1 
ATOM   1046 C CA  . ARG B 2 36 ? 4.244   -17.977 7.047   1.00 25.09 ? 36   ARG B CA  1 
ATOM   1047 C C   . ARG B 2 36 ? 3.761   -16.944 8.065   1.00 20.97 ? 36   ARG B C   1 
ATOM   1048 O O   . ARG B 2 36 ? 4.004   -17.081 9.260   1.00 22.05 ? 36   ARG B O   1 
ATOM   1049 C CB  . ARG B 2 36 ? 3.519   -19.305 7.256   1.00 27.23 ? 36   ARG B CB  1 
ATOM   1050 C CG  . ARG B 2 36 ? 3.755   -20.305 6.133   1.00 39.00 ? 36   ARG B CG  1 
ATOM   1051 C CD  . ARG B 2 36 ? 3.355   -19.723 4.777   1.00 49.39 ? 36   ARG B CD  1 
ATOM   1052 N NE  . ARG B 2 36 ? 4.481   -19.668 3.843   1.00 57.51 ? 36   ARG B NE  1 
ATOM   1053 C CZ  . ARG B 2 36 ? 4.415   -19.177 2.606   1.00 58.30 ? 36   ARG B CZ  1 
ATOM   1054 N NH1 . ARG B 2 36 ? 3.269   -18.690 2.141   1.00 55.14 ? 36   ARG B NH1 1 
ATOM   1055 N NH2 . ARG B 2 36 ? 5.496   -19.173 1.830   1.00 57.22 ? 36   ARG B NH2 1 
ATOM   1056 N N   . PRO B 2 37 ? 3.120   -15.863 7.585   1.00 23.89 ? 37   PRO B N   1 
ATOM   1057 C CA  . PRO B 2 37 ? 2.935   -15.579 6.156   1.00 21.02 ? 37   PRO B CA  1 
ATOM   1058 C C   . PRO B 2 37 ? 4.304   -15.235 5.551   1.00 20.97 ? 37   PRO B C   1 
ATOM   1059 O O   . PRO B 2 37 ? 5.277   -15.071 6.301   1.00 19.54 ? 37   PRO B O   1 
ATOM   1060 C CB  . PRO B 2 37 ? 1.976   -14.391 6.172   1.00 23.69 ? 37   PRO B CB  1 
ATOM   1061 C CG  . PRO B 2 37 ? 2.360   -13.684 7.416   1.00 26.46 ? 37   PRO B CG  1 
ATOM   1062 C CD  . PRO B 2 37 ? 2.555   -14.785 8.415   1.00 20.73 ? 37   PRO B CD  1 
ATOM   1063 N N   . SER B 2 38 ? 4.400   -15.128 4.223   1.00 15.75 ? 38   SER B N   1 
ATOM   1064 C CA  . SER B 2 38 ? 5.688   -14.807 3.595   1.00 16.60 ? 38   SER B CA  1 
ATOM   1065 C C   . SER B 2 38 ? 5.925   -13.298 3.525   1.00 17.94 ? 38   SER B C   1 
ATOM   1066 O O   . SER B 2 38 ? 6.999   -12.843 3.119   1.00 18.95 ? 38   SER B O   1 
ATOM   1067 C CB  . SER B 2 38 ? 5.757   -15.398 2.191   1.00 23.00 ? 38   SER B CB  1 
ATOM   1068 O OG  . SER B 2 38 ? 4.732   -14.872 1.363   1.00 23.62 ? 38   SER B OG  1 
ATOM   1069 N N   . CYS B 2 39 ? 4.912   -12.524 3.906   1.00 13.76 ? 39   CYS B N   1 
ATOM   1070 C CA  . CYS B 2 39 ? 5.021   -11.067 3.908   1.00 16.13 ? 39   CYS B CA  1 
ATOM   1071 C C   . CYS B 2 39 ? 4.355   -10.542 5.175   1.00 18.28 ? 39   CYS B C   1 
ATOM   1072 O O   . CYS B 2 39 ? 3.536   -11.235 5.785   1.00 15.18 ? 39   CYS B O   1 
ATOM   1073 C CB  . CYS B 2 39 ? 4.344   -10.456 2.670   1.00 14.59 ? 39   CYS B CB  1 
ATOM   1074 S SG  . CYS B 2 39 ? 2.506   -10.490 2.612   1.00 21.15 ? 39   CYS B SG  1 
ATOM   1075 N N   . VAL B 2 40 ? 4.725   -9.331  5.578   1.00 15.97 ? 40   VAL B N   1 
ATOM   1076 C CA  . VAL B 2 40 ? 4.147   -8.710  6.763   1.00 17.50 ? 40   VAL B CA  1 
ATOM   1077 C C   . VAL B 2 40 ? 3.808   -7.267  6.448   1.00 17.47 ? 40   VAL B C   1 
ATOM   1078 O O   . VAL B 2 40 ? 4.375   -6.660  5.539   1.00 17.77 ? 40   VAL B O   1 
ATOM   1079 C CB  . VAL B 2 40 ? 5.112   -8.740  7.991   1.00 18.77 ? 40   VAL B CB  1 
ATOM   1080 C CG1 . VAL B 2 40 ? 5.446   -10.183 8.359   1.00 17.30 ? 40   VAL B CG1 1 
ATOM   1081 C CG2 . VAL B 2 40 ? 6.384   -7.972  7.687   1.00 18.53 ? 40   VAL B CG2 1 
ATOM   1082 N N   . ALA B 2 41 ? 2.872   -6.723  7.209   1.00 19.48 ? 41   ALA B N   1 
ATOM   1083 C CA  . ALA B 2 41 ? 2.448   -5.354  7.010   1.00 17.74 ? 41   ALA B CA  1 
ATOM   1084 C C   . ALA B 2 41 ? 3.138   -4.503  8.052   1.00 20.09 ? 41   ALA B C   1 
ATOM   1085 O O   . ALA B 2 41 ? 3.104   -4.818  9.238   1.00 19.62 ? 41   ALA B O   1 
ATOM   1086 C CB  . ALA B 2 41 ? 0.944   -5.249  7.156   1.00 19.80 ? 41   ALA B CB  1 
ATOM   1087 N N   . VAL B 2 42 ? 3.777   -3.430  7.598   1.00 15.13 ? 42   VAL B N   1 
ATOM   1088 C CA  . VAL B 2 42 ? 4.477   -2.529  8.491   1.00 18.11 ? 42   VAL B CA  1 
ATOM   1089 C C   . VAL B 2 42 ? 4.287   -1.110  7.954   1.00 18.62 ? 42   VAL B C   1 
ATOM   1090 O O   . VAL B 2 42 ? 4.005   -0.926  6.767   1.00 15.09 ? 42   VAL B O   1 
ATOM   1091 C CB  . VAL B 2 42 ? 5.992   -2.882  8.537   1.00 16.51 ? 42   VAL B CB  1 
ATOM   1092 C CG1 . VAL B 2 42 ? 6.685   -2.435  7.263   1.00 14.29 ? 42   VAL B CG1 1 
ATOM   1093 C CG2 . VAL B 2 42 ? 6.632   -2.249  9.737   1.00 34.92 ? 42   VAL B CG2 1 
ATOM   1094 N N   . LEU B 2 43 ? 4.425   -0.114  8.825   1.00 17.17 ? 43   LEU B N   1 
ATOM   1095 C CA  . LEU B 2 43 ? 4.280   1.280   8.408   1.00 19.86 ? 43   LEU B CA  1 
ATOM   1096 C C   . LEU B 2 43 ? 5.475   1.747   7.571   1.00 21.37 ? 43   LEU B C   1 
ATOM   1097 O O   . LEU B 2 43 ? 6.633   1.572   7.954   1.00 21.24 ? 43   LEU B O   1 
ATOM   1098 C CB  . LEU B 2 43 ? 4.129   2.191   9.641   1.00 16.50 ? 43   LEU B CB  1 
ATOM   1099 C CG  . LEU B 2 43 ? 2.870   1.975   10.496  1.00 14.97 ? 43   LEU B CG  1 
ATOM   1100 C CD1 . LEU B 2 43 ? 2.932   2.789   11.790  1.00 20.98 ? 43   LEU B CD1 1 
ATOM   1101 C CD2 . LEU B 2 43 ? 1.648   2.367   9.674   1.00 16.60 ? 43   LEU B CD2 1 
ATOM   1102 N N   . ARG B 2 44 ? 5.181   2.321   6.414   1.00 15.69 ? 44   ARG B N   1 
ATOM   1103 C CA  . ARG B 2 44 ? 6.213   2.868   5.532   1.00 18.49 ? 44   ARG B CA  1 
ATOM   1104 C C   . ARG B 2 44 ? 5.641   4.170   4.968   1.00 14.38 ? 44   ARG B C   1 
ATOM   1105 O O   . ARG B 2 44 ? 4.421   4.305   4.805   1.00 13.23 ? 44   ARG B O   1 
ATOM   1106 C CB  . ARG B 2 44 ? 6.577   1.896   4.396   1.00 14.47 ? 44   ARG B CB  1 
ATOM   1107 C CG  . ARG B 2 44 ? 7.314   0.614   4.856   1.00 14.20 ? 44   ARG B CG  1 
ATOM   1108 C CD  . ARG B 2 44 ? 8.612   0.921   5.609   1.00 21.42 ? 44   ARG B CD  1 
ATOM   1109 N NE  . ARG B 2 44 ? 9.258   -0.272  6.169   1.00 20.37 ? 44   ARG B NE  1 
ATOM   1110 C CZ  . ARG B 2 44 ? 9.926   -1.176  5.456   1.00 16.16 ? 44   ARG B CZ  1 
ATOM   1111 N NH1 . ARG B 2 44 ? 10.040  -1.034  4.147   1.00 21.18 ? 44   ARG B NH1 1 
ATOM   1112 N NH2 . ARG B 2 44 ? 10.509  -2.206  6.050   1.00 12.19 ? 44   ARG B NH2 1 
ATOM   1113 N N   . CYS B 2 45 ? 6.518   5.129   4.706   1.00 14.36 ? 45   CYS B N   1 
ATOM   1114 C CA  . CYS B 2 45 ? 6.106   6.431   4.188   1.00 16.91 ? 45   CYS B CA  1 
ATOM   1115 C C   . CYS B 2 45 ? 5.736   6.407   2.713   1.00 19.17 ? 45   CYS B C   1 
ATOM   1116 O O   . CYS B 2 45 ? 6.497   5.925   1.886   1.00 16.32 ? 45   CYS B O   1 
ATOM   1117 C CB  . CYS B 2 45 ? 7.229   7.446   4.357   1.00 15.04 ? 45   CYS B CB  1 
ATOM   1118 S SG  . CYS B 2 45 ? 7.643   7.862   6.066   1.00 16.62 ? 45   CYS B SG  1 
ATOM   1119 N N   . SER B 2 46 ? 4.567   6.947   2.395   1.00 20.72 ? 46   SER B N   1 
ATOM   1120 C CA  . SER B 2 46 ? 4.103   7.031   1.015   1.00 17.99 ? 46   SER B CA  1 
ATOM   1121 C C   . SER B 2 46 ? 2.949   8.020   0.951   1.00 15.81 ? 46   SER B C   1 
ATOM   1122 O O   . SER B 2 46 ? 2.203   8.199   1.928   1.00 13.80 ? 46   SER B O   1 
ATOM   1123 C CB  . SER B 2 46 ? 3.648   5.660   0.509   1.00 13.76 ? 46   SER B CB  1 
ATOM   1124 O OG  . SER B 2 46 ? 2.508   5.215   1.219   1.00 15.18 ? 46   SER B OG  1 
ATOM   1125 N N   . GLY B 2 47 ? 2.822   8.662   -0.204  1.00 15.73 ? 47   GLY B N   1 
ATOM   1126 C CA  . GLY B 2 47 ? 1.782   9.646   -0.433  1.00 19.08 ? 47   GLY B CA  1 
ATOM   1127 C C   . GLY B 2 47 ? 2.306   10.641  -1.456  1.00 18.91 ? 47   GLY B C   1 
ATOM   1128 O O   . GLY B 2 47 ? 3.520   10.782  -1.619  1.00 20.88 ? 47   GLY B O   1 
ATOM   1129 N N   . CYS B 2 48 ? 1.410   11.318  -2.162  1.00 21.02 ? 48   CYS B N   1 
ATOM   1130 C CA  . CYS B 2 48 ? 1.851   12.277  -3.167  1.00 23.86 ? 48   CYS B CA  1 
ATOM   1131 C C   . CYS B 2 48 ? 2.137   13.647  -2.582  1.00 17.80 ? 48   CYS B C   1 
ATOM   1132 O O   . CYS B 2 48 ? 1.395   14.153  -1.751  1.00 16.59 ? 48   CYS B O   1 
ATOM   1133 C CB  . CYS B 2 48 ? 0.825   12.398  -4.307  1.00 15.69 ? 48   CYS B CB  1 
ATOM   1134 S SG  . CYS B 2 48 ? -0.933  12.331  -3.837  1.00 16.36 ? 48   CYS B SG  1 
ATOM   1135 N N   . CYS B 2 49 ? 3.245   14.221  -3.024  1.00 20.55 ? 49   CYS B N   1 
ATOM   1136 C CA  . CYS B 2 49 ? 3.684   15.528  -2.582  1.00 25.72 ? 49   CYS B CA  1 
ATOM   1137 C C   . CYS B 2 49 ? 3.174   16.616  -3.526  1.00 25.31 ? 49   CYS B C   1 
ATOM   1138 O O   . CYS B 2 49 ? 2.533   16.318  -4.526  1.00 24.49 ? 49   CYS B O   1 
ATOM   1139 C CB  . CYS B 2 49 ? 5.210   15.528  -2.488  1.00 21.57 ? 49   CYS B CB  1 
ATOM   1140 S SG  . CYS B 2 49 ? 5.798   14.405  -1.175  1.00 23.81 ? 49   CYS B SG  1 
ATOM   1141 N N   . THR B 2 50 ? 3.453   17.873  -3.201  1.00 32.55 ? 50   THR B N   1 
ATOM   1142 C CA  . THR B 2 50 ? 2.988   19.002  -4.005  1.00 35.73 ? 50   THR B CA  1 
ATOM   1143 C C   . THR B 2 50 ? 3.338   18.917  -5.491  1.00 39.91 ? 50   THR B C   1 
ATOM   1144 O O   . THR B 2 50 ? 2.676   19.525  -6.326  1.00 40.56 ? 50   THR B O   1 
ATOM   1145 C CB  . THR B 2 50 ? 3.519   20.330  -3.439  1.00 41.82 ? 50   THR B CB  1 
ATOM   1146 O OG1 . THR B 2 50 ? 3.138   20.449  -2.060  1.00 45.31 ? 50   THR B OG1 1 
ATOM   1147 C CG2 . THR B 2 50 ? 2.945   21.502  -4.216  1.00 45.98 ? 50   THR B CG2 1 
ATOM   1148 N N   . ASP B 2 51 ? 4.383   18.169  -5.814  1.00 44.32 ? 51   ASP B N   1 
ATOM   1149 C CA  . ASP B 2 51 ? 4.806   17.992  -7.198  1.00 48.23 ? 51   ASP B CA  1 
ATOM   1150 C C   . ASP B 2 51 ? 5.819   16.861  -7.241  1.00 48.50 ? 51   ASP B C   1 
ATOM   1151 O O   . ASP B 2 51 ? 6.363   16.474  -6.206  1.00 41.88 ? 51   ASP B O   1 
ATOM   1152 C CB  . ASP B 2 51 ? 5.430   19.279  -7.749  1.00 53.93 ? 51   ASP B CB  1 
ATOM   1153 C CG  . ASP B 2 51 ? 6.504   19.845  -6.840  1.00 60.81 ? 51   ASP B CG  1 
ATOM   1154 O OD1 . ASP B 2 51 ? 7.212   20.776  -7.278  1.00 62.73 ? 51   ASP B OD1 1 
ATOM   1155 O OD2 . ASP B 2 51 ? 6.639   19.372  -5.687  1.00 64.73 ? 51   ASP B OD2 1 
ATOM   1156 N N   . GLU B 2 52 ? 6.075   16.334  -8.433  1.00 50.44 ? 52   GLU B N   1 
ATOM   1157 C CA  . GLU B 2 52 ? 7.008   15.223  -8.590  1.00 51.43 ? 52   GLU B CA  1 
ATOM   1158 C C   . GLU B 2 52 ? 8.455   15.542  -8.235  1.00 46.05 ? 52   GLU B C   1 
ATOM   1159 O O   . GLU B 2 52 ? 9.287   14.639  -8.146  1.00 50.03 ? 52   GLU B O   1 
ATOM   1160 C CB  . GLU B 2 52 ? 6.932   14.684  -10.019 1.00 59.47 ? 52   GLU B CB  1 
ATOM   1161 C CG  . GLU B 2 52 ? 5.553   14.164  -10.395 1.00 68.17 ? 52   GLU B CG  1 
ATOM   1162 C CD  . GLU B 2 52 ? 5.476   13.684  -11.837 1.00 75.60 ? 52   GLU B CD  1 
ATOM   1163 O OE1 . GLU B 2 52 ? 4.374   13.268  -12.261 1.00 81.66 ? 52   GLU B OE1 1 
ATOM   1164 O OE2 . GLU B 2 52 ? 6.511   13.722  -12.546 1.00 74.68 ? 52   GLU B OE2 1 
ATOM   1165 N N   . SER B 2 53 ? 8.763   16.820  -8.041  1.00 39.90 ? 53   SER B N   1 
ATOM   1166 C CA  . SER B 2 53 ? 10.118  17.213  -7.681  1.00 36.65 ? 53   SER B CA  1 
ATOM   1167 C C   . SER B 2 53 ? 10.394  16.813  -6.235  1.00 39.12 ? 53   SER B C   1 
ATOM   1168 O O   . SER B 2 53 ? 11.546  16.729  -5.814  1.00 37.13 ? 53   SER B O   1 
ATOM   1169 C CB  . SER B 2 53 ? 10.290  18.725  -7.823  1.00 36.60 ? 53   SER B CB  1 
ATOM   1170 O OG  . SER B 2 53 ? 9.497   19.416  -6.875  1.00 39.30 ? 53   SER B OG  1 
ATOM   1171 N N   . MET B 2 54 ? 9.325   16.581  -5.477  1.00 34.40 ? 54   MET B N   1 
ATOM   1172 C CA  . MET B 2 54 ? 9.422   16.188  -4.071  1.00 33.92 ? 54   MET B CA  1 
ATOM   1173 C C   . MET B 2 54 ? 8.998   14.724  -3.913  1.00 32.77 ? 54   MET B C   1 
ATOM   1174 O O   . MET B 2 54 ? 8.209   14.215  -4.709  1.00 29.66 ? 54   MET B O   1 
ATOM   1175 C CB  . MET B 2 54 ? 8.498   17.067  -3.217  1.00 42.22 ? 54   MET B CB  1 
ATOM   1176 C CG  . MET B 2 54 ? 8.802   18.565  -3.234  1.00 44.58 ? 54   MET B CG  1 
ATOM   1177 S SD  . MET B 2 54 ? 10.201  19.010  -2.190  1.00 54.90 ? 54   MET B SD  1 
ATOM   1178 C CE  . MET B 2 54 ? 11.322  19.746  -3.415  1.00 58.79 ? 54   MET B CE  1 
ATOM   1179 N N   . LYS B 2 55 ? 9.513   14.053  -2.885  1.00 28.44 ? 55   LYS B N   1 
ATOM   1180 C CA  . LYS B 2 55 ? 9.164   12.650  -2.631  1.00 29.29 ? 55   LYS B CA  1 
ATOM   1181 C C   . LYS B 2 55 ? 8.839   12.432  -1.156  1.00 26.82 ? 55   LYS B C   1 
ATOM   1182 O O   . LYS B 2 55 ? 9.452   13.056  -0.288  1.00 27.51 ? 55   LYS B O   1 
ATOM   1183 C CB  . LYS B 2 55 ? 10.320  11.724  -3.025  1.00 36.48 ? 55   LYS B CB  1 
ATOM   1184 C CG  . LYS B 2 55 ? 10.033  10.265  -2.711  1.00 42.63 ? 55   LYS B CG  1 
ATOM   1185 C CD  . LYS B 2 55 ? 11.246  9.383   -2.874  1.00 49.69 ? 55   LYS B CD  1 
ATOM   1186 C CE  . LYS B 2 55 ? 10.912  7.952   -2.475  1.00 56.95 ? 55   LYS B CE  1 
ATOM   1187 N NZ  . LYS B 2 55 ? 12.113  7.069   -2.485  1.00 58.69 ? 55   LYS B NZ  1 
ATOM   1188 N N   . CYS B 2 56 ? 7.871   11.562  -0.870  1.00 22.07 ? 56   CYS B N   1 
ATOM   1189 C CA  . CYS B 2 56 ? 7.503   11.279  0.516   1.00 22.18 ? 56   CYS B CA  1 
ATOM   1190 C C   . CYS B 2 56 ? 8.685   10.522  1.123   1.00 19.93 ? 56   CYS B C   1 
ATOM   1191 O O   . CYS B 2 56 ? 8.970   9.395   0.726   1.00 21.51 ? 56   CYS B O   1 
ATOM   1192 C CB  . CYS B 2 56 ? 6.239   10.432  0.559   1.00 19.59 ? 56   CYS B CB  1 
ATOM   1193 S SG  . CYS B 2 56 ? 5.574   10.203  2.231   1.00 17.39 ? 56   CYS B SG  1 
ATOM   1194 N N   . THR B 2 57 ? 9.348   11.134  2.101   1.00 15.73 ? 57   THR B N   1 
ATOM   1195 C CA  . THR B 2 57 ? 10.554  10.560  2.691   1.00 21.55 ? 57   THR B CA  1 
ATOM   1196 C C   . THR B 2 57 ? 10.508  10.276  4.192   1.00 16.78 ? 57   THR B C   1 
ATOM   1197 O O   . THR B 2 57 ? 9.981   11.073  4.965   1.00 22.75 ? 57   THR B O   1 
ATOM   1198 C CB  . THR B 2 57 ? 11.722  11.512  2.413   1.00 15.63 ? 57   THR B CB  1 
ATOM   1199 O OG1 . THR B 2 57 ? 11.645  11.950  1.050   1.00 31.45 ? 57   THR B OG1 1 
ATOM   1200 C CG2 . THR B 2 57 ? 13.043  10.834  2.647   1.00 27.94 ? 57   THR B CG2 1 
ATOM   1201 N N   . PRO B 2 58 ? 11.065  9.134   4.625   1.00 16.52 ? 58   PRO B N   1 
ATOM   1202 C CA  . PRO B 2 58 ? 11.082  8.855   6.063   1.00 16.62 ? 58   PRO B CA  1 
ATOM   1203 C C   . PRO B 2 58 ? 12.114  9.723   6.763   1.00 17.48 ? 58   PRO B C   1 
ATOM   1204 O O   . PRO B 2 58 ? 13.215  9.921   6.248   1.00 16.39 ? 58   PRO B O   1 
ATOM   1205 C CB  . PRO B 2 58 ? 11.445  7.372   6.123   1.00 16.75 ? 58   PRO B CB  1 
ATOM   1206 C CG  . PRO B 2 58 ? 12.361  7.221   4.960   1.00 23.29 ? 58   PRO B CG  1 
ATOM   1207 C CD  . PRO B 2 58 ? 11.646  8.009   3.867   1.00 17.05 ? 58   PRO B CD  1 
ATOM   1208 N N   . VAL B 2 59 ? 11.758  10.257  7.924   1.00 20.81 ? 59   VAL B N   1 
ATOM   1209 C CA  . VAL B 2 59 ? 12.691  11.080  8.687   1.00 23.62 ? 59   VAL B CA  1 
ATOM   1210 C C   . VAL B 2 59 ? 12.867  10.474  10.056  1.00 24.08 ? 59   VAL B C   1 
ATOM   1211 O O   . VAL B 2 59 ? 13.531  11.042  10.919  1.00 24.74 ? 59   VAL B O   1 
ATOM   1212 C CB  . VAL B 2 59 ? 12.194  12.521  8.849   1.00 22.88 ? 59   VAL B CB  1 
ATOM   1213 C CG1 . VAL B 2 59 ? 12.338  13.263  7.532   1.00 22.62 ? 59   VAL B CG1 1 
ATOM   1214 C CG2 . VAL B 2 59 ? 10.748  12.519  9.323   1.00 25.73 ? 59   VAL B CG2 1 
ATOM   1215 N N   . GLY B 2 60 ? 12.246  9.318   10.249  1.00 20.48 ? 60   GLY B N   1 
ATOM   1216 C CA  . GLY B 2 60 ? 12.350  8.616   11.511  1.00 22.89 ? 60   GLY B CA  1 
ATOM   1217 C C   . GLY B 2 60 ? 11.911  7.178   11.321  1.00 23.98 ? 60   GLY B C   1 
ATOM   1218 O O   . GLY B 2 60 ? 11.059  6.887   10.471  1.00 21.47 ? 60   GLY B O   1 
ATOM   1219 N N   . LYS B 2 61 ? 12.490  6.272   12.098  1.00 19.79 ? 61   LYS B N   1 
ATOM   1220 C CA  . LYS B 2 61 ? 12.127  4.863   12.001  1.00 22.11 ? 61   LYS B CA  1 
ATOM   1221 C C   . LYS B 2 61 ? 12.348  4.160   13.322  1.00 20.39 ? 61   LYS B C   1 
ATOM   1222 O O   . LYS B 2 61 ? 12.850  4.756   14.283  1.00 15.50 ? 61   LYS B O   1 
ATOM   1223 C CB  . LYS B 2 61 ? 12.956  4.172   10.919  1.00 23.03 ? 61   LYS B CB  1 
ATOM   1224 C CG  . LYS B 2 61 ? 14.421  4.020   11.255  1.00 25.16 ? 61   LYS B CG  1 
ATOM   1225 C CD  . LYS B 2 61 ? 15.208  3.564   10.037  1.00 36.72 ? 61   LYS B CD  1 
ATOM   1226 C CE  . LYS B 2 61 ? 16.693  3.447   10.358  1.00 37.51 ? 61   LYS B CE  1 
ATOM   1227 N NZ  . LYS B 2 61 ? 17.517  3.164   9.137   1.00 43.94 ? 61   LYS B NZ  1 
ATOM   1228 N N   . HIS B 2 62 ? 11.947  2.894   13.374  1.00 18.38 ? 62   HIS B N   1 
ATOM   1229 C CA  . HIS B 2 62 ? 12.138  2.085   14.570  1.00 20.95 ? 62   HIS B CA  1 
ATOM   1230 C C   . HIS B 2 62 ? 12.029  0.629   14.164  1.00 17.61 ? 62   HIS B C   1 
ATOM   1231 O O   . HIS B 2 62 ? 11.755  0.316   13.011  1.00 18.83 ? 62   HIS B O   1 
ATOM   1232 C CB  . HIS B 2 62 ? 11.117  2.431   15.663  1.00 17.55 ? 62   HIS B CB  1 
ATOM   1233 C CG  . HIS B 2 62 ? 9.775   1.796   15.476  1.00 18.72 ? 62   HIS B CG  1 
ATOM   1234 N ND1 . HIS B 2 62 ? 9.266   0.867   16.359  1.00 22.55 ? 62   HIS B ND1 1 
ATOM   1235 C CD2 . HIS B 2 62 ? 8.853   1.925   14.492  1.00 14.44 ? 62   HIS B CD2 1 
ATOM   1236 C CE1 . HIS B 2 62 ? 8.093   0.445   15.923  1.00 19.99 ? 62   HIS B CE1 1 
ATOM   1237 N NE2 . HIS B 2 62 ? 7.820   1.071   14.792  1.00 23.99 ? 62   HIS B NE2 1 
ATOM   1238 N N   . THR B 2 63 ? 12.239  -0.259  15.119  1.00 19.13 ? 63   THR B N   1 
ATOM   1239 C CA  . THR B 2 63 ? 12.222  -1.680  14.840  1.00 19.52 ? 63   THR B CA  1 
ATOM   1240 C C   . THR B 2 63 ? 11.045  -2.349  15.506  1.00 18.75 ? 63   THR B C   1 
ATOM   1241 O O   . THR B 2 63 ? 10.915  -2.296  16.717  1.00 21.74 ? 63   THR B O   1 
ATOM   1242 C CB  . THR B 2 63 ? 13.524  -2.315  15.353  1.00 22.40 ? 63   THR B CB  1 
ATOM   1243 O OG1 . THR B 2 63 ? 14.634  -1.620  14.775  1.00 20.91 ? 63   THR B OG1 1 
ATOM   1244 C CG2 . THR B 2 63 ? 13.599  -3.804  14.993  1.00 21.58 ? 63   THR B CG2 1 
ATOM   1245 N N   . ALA B 2 64 ? 10.188  -2.985  14.717  1.00 15.81 ? 64   ALA B N   1 
ATOM   1246 C CA  . ALA B 2 64 ? 9.038   -3.671  15.276  1.00 19.96 ? 64   ALA B CA  1 
ATOM   1247 C C   . ALA B 2 64 ? 9.348   -5.165  15.438  1.00 20.64 ? 64   ALA B C   1 
ATOM   1248 O O   . ALA B 2 64 ? 10.102  -5.748  14.651  1.00 18.31 ? 64   ALA B O   1 
ATOM   1249 C CB  . ALA B 2 64 ? 7.812   -3.475  14.371  1.00 19.67 ? 64   ALA B CB  1 
ATOM   1250 N N   . ASP B 2 65 ? 8.785   -5.765  16.479  1.00 16.46 ? 65   ASP B N   1 
ATOM   1251 C CA  . ASP B 2 65 ? 8.955   -7.192  16.753  1.00 19.48 ? 65   ASP B CA  1 
ATOM   1252 C C   . ASP B 2 65 ? 7.645   -7.846  16.349  1.00 24.09 ? 65   ASP B C   1 
ATOM   1253 O O   . ASP B 2 65 ? 6.583   -7.540  16.903  1.00 21.27 ? 65   ASP B O   1 
ATOM   1254 C CB  . ASP B 2 65 ? 9.217   -7.424  18.238  1.00 27.58 ? 65   ASP B CB  1 
ATOM   1255 C CG  . ASP B 2 65 ? 10.552  -6.890  18.668  1.00 29.50 ? 65   ASP B CG  1 
ATOM   1256 O OD1 . ASP B 2 65 ? 11.566  -7.377  18.140  1.00 34.64 ? 65   ASP B OD1 1 
ATOM   1257 O OD2 . ASP B 2 65 ? 10.589  -5.980  19.521  1.00 38.58 ? 65   ASP B OD2 1 
ATOM   1258 N N   . ILE B 2 66 ? 7.736   -8.749  15.384  1.00 19.23 ? 66   ILE B N   1 
ATOM   1259 C CA  . ILE B 2 66 ? 6.570   -9.409  14.824  1.00 19.88 ? 66   ILE B CA  1 
ATOM   1260 C C   . ILE B 2 66 ? 6.689   -10.930 14.870  1.00 20.98 ? 66   ILE B C   1 
ATOM   1261 O O   . ILE B 2 66 ? 7.725   -11.498 14.504  1.00 18.39 ? 66   ILE B O   1 
ATOM   1262 C CB  . ILE B 2 66 ? 6.395   -8.949  13.367  1.00 18.93 ? 66   ILE B CB  1 
ATOM   1263 C CG1 . ILE B 2 66 ? 6.356   -7.409  13.327  1.00 18.21 ? 66   ILE B CG1 1 
ATOM   1264 C CG2 . ILE B 2 66 ? 5.157   -9.595  12.747  1.00 20.12 ? 66   ILE B CG2 1 
ATOM   1265 C CD1 . ILE B 2 66 ? 6.083   -6.818  11.950  1.00 20.10 ? 66   ILE B CD1 1 
ATOM   1266 N N   . GLN B 2 67 ? 5.614   -11.580 15.308  1.00 21.60 ? 67   GLN B N   1 
ATOM   1267 C CA  . GLN B 2 67 ? 5.574   -13.032 15.397  1.00 22.40 ? 67   GLN B CA  1 
ATOM   1268 C C   . GLN B 2 67 ? 5.209   -13.645 14.043  1.00 18.06 ? 67   GLN B C   1 
ATOM   1269 O O   . GLN B 2 67 ? 4.229   -13.252 13.417  1.00 23.75 ? 67   GLN B O   1 
ATOM   1270 C CB  . GLN B 2 67 ? 4.550   -13.451 16.464  1.00 26.39 ? 67   GLN B CB  1 
ATOM   1271 C CG  . GLN B 2 67 ? 4.407   -14.955 16.683  1.00 26.14 ? 67   GLN B CG  1 
ATOM   1272 C CD  . GLN B 2 67 ? 3.477   -15.273 17.856  1.00 31.00 ? 67   GLN B CD  1 
ATOM   1273 O OE1 . GLN B 2 67 ? 2.361   -14.761 17.939  1.00 26.52 ? 67   GLN B OE1 1 
ATOM   1274 N NE2 . GLN B 2 67 ? 3.940   -16.120 18.763  1.00 32.39 ? 67   GLN B NE2 1 
ATOM   1275 N N   . ILE B 2 68 ? 6.026   -14.582 13.575  1.00 19.80 ? 68   ILE B N   1 
ATOM   1276 C CA  . ILE B 2 68 ? 5.765   -15.268 12.316  1.00 21.88 ? 68   ILE B CA  1 
ATOM   1277 C C   . ILE B 2 68 ? 6.054   -16.756 12.496  1.00 24.03 ? 68   ILE B C   1 
ATOM   1278 O O   . ILE B 2 68 ? 6.536   -17.193 13.544  1.00 24.62 ? 68   ILE B O   1 
ATOM   1279 C CB  . ILE B 2 68 ? 6.642   -14.737 11.144  1.00 25.51 ? 68   ILE B CB  1 
ATOM   1280 C CG1 . ILE B 2 68 ? 8.122   -14.850 11.494  1.00 27.37 ? 68   ILE B CG1 1 
ATOM   1281 C CG2 . ILE B 2 68 ? 6.270   -13.302 10.816  1.00 31.96 ? 68   ILE B CG2 1 
ATOM   1282 C CD1 . ILE B 2 68 ? 9.041   -14.439 10.347  1.00 25.23 ? 68   ILE B CD1 1 
ATOM   1283 N N   . MET B 2 69 ? 5.766   -17.531 11.468  1.00 17.61 ? 69   MET B N   1 
ATOM   1284 C CA  . MET B 2 69 ? 6.000   -18.958 11.540  1.00 25.21 ? 69   MET B CA  1 
ATOM   1285 C C   . MET B 2 69 ? 7.150   -19.345 10.617  1.00 24.04 ? 69   MET B C   1 
ATOM   1286 O O   . MET B 2 69 ? 7.159   -19.004 9.433   1.00 25.40 ? 69   MET B O   1 
ATOM   1287 C CB  . MET B 2 69 ? 4.725   -19.697 11.153  1.00 28.06 ? 69   MET B CB  1 
ATOM   1288 C CG  . MET B 2 69 ? 4.613   -21.087 11.720  1.00 42.48 ? 69   MET B CG  1 
ATOM   1289 S SD  . MET B 2 69 ? 2.877   -21.553 11.803  1.00 62.17 ? 69   MET B SD  1 
ATOM   1290 C CE  . MET B 2 69 ? 2.540   -21.948 10.059  1.00 56.51 ? 69   MET B CE  1 
ATOM   1291 N N   . ARG B 2 70 ? 8.135   -20.035 11.180  1.00 25.97 ? 70   ARG B N   1 
ATOM   1292 C CA  . ARG B 2 70 ? 9.286   -20.485 10.410  1.00 27.02 ? 70   ARG B CA  1 
ATOM   1293 C C   . ARG B 2 70 ? 9.067   -21.939 10.008  1.00 28.27 ? 70   ARG B C   1 
ATOM   1294 O O   . ARG B 2 70 ? 8.980   -22.820 10.859  1.00 36.33 ? 70   ARG B O   1 
ATOM   1295 C CB  . ARG B 2 70 ? 10.551  -20.360 11.250  1.00 33.39 ? 70   ARG B CB  1 
ATOM   1296 C CG  . ARG B 2 70 ? 11.834  -20.524 10.467  1.00 34.89 ? 70   ARG B CG  1 
ATOM   1297 C CD  . ARG B 2 70 ? 12.997  -20.156 11.354  1.00 37.74 ? 70   ARG B CD  1 
ATOM   1298 N NE  . ARG B 2 70 ? 14.212  -19.950 10.587  1.00 45.35 ? 70   ARG B NE  1 
ATOM   1299 C CZ  . ARG B 2 70 ? 14.836  -18.787 10.471  1.00 38.49 ? 70   ARG B CZ  1 
ATOM   1300 N NH1 . ARG B 2 70 ? 14.365  -17.700 11.073  1.00 29.69 ? 70   ARG B NH1 1 
ATOM   1301 N NH2 . ARG B 2 70 ? 15.943  -18.717 9.754   1.00 50.90 ? 70   ARG B NH2 1 
ATOM   1302 N N   . MET B 2 71 ? 8.991   -22.181 8.705   1.00 25.15 ? 71   MET B N   1 
ATOM   1303 C CA  . MET B 2 71 ? 8.751   -23.508 8.173   1.00 33.14 ? 71   MET B CA  1 
ATOM   1304 C C   . MET B 2 71 ? 10.026  -24.103 7.562   1.00 31.52 ? 71   MET B C   1 
ATOM   1305 O O   . MET B 2 71 ? 10.548  -23.571 6.585   1.00 31.56 ? 71   MET B O   1 
ATOM   1306 C CB  . MET B 2 71 ? 7.653   -23.410 7.106   1.00 39.28 ? 71   MET B CB  1 
ATOM   1307 C CG  . MET B 2 71 ? 6.666   -24.566 7.064   1.00 54.81 ? 71   MET B CG  1 
ATOM   1308 S SD  . MET B 2 71 ? 7.300   -26.037 6.250   1.00 66.77 ? 71   MET B SD  1 
ATOM   1309 C CE  . MET B 2 71 ? 6.907   -25.654 4.521   1.00 63.05 ? 71   MET B CE  1 
ATOM   1310 N N   . ASN B 2 72 ? 10.531  -25.189 8.147   1.00 30.68 ? 72   ASN B N   1 
ATOM   1311 C CA  . ASN B 2 72 ? 11.727  -25.854 7.616   1.00 30.01 ? 72   ASN B CA  1 
ATOM   1312 C C   . ASN B 2 72 ? 11.288  -26.643 6.383   1.00 29.89 ? 72   ASN B C   1 
ATOM   1313 O O   . ASN B 2 72 ? 10.602  -27.648 6.503   1.00 31.19 ? 72   ASN B O   1 
ATOM   1314 C CB  . ASN B 2 72 ? 12.316  -26.822 8.648   1.00 29.68 ? 72   ASN B CB  1 
ATOM   1315 C CG  . ASN B 2 72 ? 13.637  -27.437 8.190   1.00 24.68 ? 72   ASN B CG  1 
ATOM   1316 O OD1 . ASN B 2 72 ? 13.767  -27.893 7.046   1.00 20.11 ? 72   ASN B OD1 1 
ATOM   1317 N ND2 . ASN B 2 72 ? 14.623  -27.459 9.088   1.00 24.39 ? 72   ASN B ND2 1 
ATOM   1318 N N   . PRO B 2 73 ? 11.682  -26.199 5.180   1.00 32.06 ? 73   PRO B N   1 
ATOM   1319 C CA  . PRO B 2 73 ? 11.235  -26.873 3.957   1.00 32.32 ? 73   PRO B CA  1 
ATOM   1320 C C   . PRO B 2 73 ? 11.689  -28.327 3.833   1.00 36.32 ? 73   PRO B C   1 
ATOM   1321 O O   . PRO B 2 73 ? 11.084  -29.117 3.099   1.00 33.68 ? 73   PRO B O   1 
ATOM   1322 C CB  . PRO B 2 73 ? 11.810  -25.987 2.852   1.00 36.50 ? 73   PRO B CB  1 
ATOM   1323 C CG  . PRO B 2 73 ? 13.084  -25.496 3.460   1.00 35.50 ? 73   PRO B CG  1 
ATOM   1324 C CD  . PRO B 2 73 ? 12.660  -25.142 4.871   1.00 30.39 ? 73   PRO B CD  1 
ATOM   1325 N N   . ARG B 2 74 ? 12.746  -28.678 4.560   1.00 34.44 ? 74   ARG B N   1 
ATOM   1326 C CA  . ARG B 2 74 ? 13.298  -30.026 4.510   1.00 33.52 ? 74   ARG B CA  1 
ATOM   1327 C C   . ARG B 2 74 ? 12.634  -31.021 5.450   1.00 33.39 ? 74   ARG B C   1 
ATOM   1328 O O   . ARG B 2 74 ? 12.549  -32.212 5.139   1.00 36.93 ? 74   ARG B O   1 
ATOM   1329 C CB  . ARG B 2 74 ? 14.803  -29.965 4.772   1.00 29.85 ? 74   ARG B CB  1 
ATOM   1330 C CG  . ARG B 2 74 ? 15.554  -29.222 3.663   1.00 29.30 ? 74   ARG B CG  1 
ATOM   1331 C CD  . ARG B 2 74 ? 16.957  -28.846 4.089   1.00 34.38 ? 74   ARG B CD  1 
ATOM   1332 N NE  . ARG B 2 74 ? 16.970  -28.003 5.281   1.00 40.57 ? 74   ARG B NE  1 
ATOM   1333 C CZ  . ARG B 2 74 ? 16.612  -26.721 5.301   1.00 45.95 ? 74   ARG B CZ  1 
ATOM   1334 N NH1 . ARG B 2 74 ? 16.211  -26.116 4.185   1.00 44.32 ? 74   ARG B NH1 1 
ATOM   1335 N NH2 . ARG B 2 74 ? 16.652  -26.042 6.442   1.00 42.97 ? 74   ARG B NH2 1 
ATOM   1336 N N   . THR B 2 75 ? 12.150  -30.536 6.584   1.00 29.61 ? 75   THR B N   1 
ATOM   1337 C CA  . THR B 2 75 ? 11.497  -31.401 7.560   1.00 35.65 ? 75   THR B CA  1 
ATOM   1338 C C   . THR B 2 75 ? 10.017  -31.060 7.708   1.00 36.81 ? 75   THR B C   1 
ATOM   1339 O O   . THR B 2 75 ? 9.273   -31.776 8.382   1.00 33.14 ? 75   THR B O   1 
ATOM   1340 C CB  . THR B 2 75 ? 12.142  -31.262 8.953   1.00 34.15 ? 75   THR B CB  1 
ATOM   1341 O OG1 . THR B 2 75 ? 11.921  -29.932 9.445   1.00 31.54 ? 75   THR B OG1 1 
ATOM   1342 C CG2 . THR B 2 75 ? 13.633  -31.546 8.887   1.00 25.04 ? 75   THR B CG2 1 
ATOM   1343 N N   . HIS B 2 76 ? 9.605   -29.959 7.082   1.00 39.42 ? 76   HIS B N   1 
ATOM   1344 C CA  . HIS B 2 76 ? 8.222   -29.483 7.144   1.00 48.19 ? 76   HIS B CA  1 
ATOM   1345 C C   . HIS B 2 76 ? 7.811   -29.123 8.566   1.00 48.32 ? 76   HIS B C   1 
ATOM   1346 O O   . HIS B 2 76 ? 6.626   -29.071 8.900   1.00 50.73 ? 76   HIS B O   1 
ATOM   1347 C CB  . HIS B 2 76 ? 7.260   -30.521 6.562   1.00 51.98 ? 76   HIS B CB  1 
ATOM   1348 C CG  . HIS B 2 76 ? 7.349   -30.650 5.077   1.00 58.18 ? 76   HIS B CG  1 
ATOM   1349 N ND1 . HIS B 2 76 ? 8.475   -31.123 4.438   1.00 63.00 ? 76   HIS B ND1 1 
ATOM   1350 C CD2 . HIS B 2 76 ? 6.463   -30.343 4.099   1.00 64.32 ? 76   HIS B CD2 1 
ATOM   1351 C CE1 . HIS B 2 76 ? 8.279   -31.105 3.132   1.00 66.67 ? 76   HIS B CE1 1 
ATOM   1352 N NE2 . HIS B 2 76 ? 7.066   -30.635 2.899   1.00 65.86 ? 76   HIS B NE2 1 
ATOM   1353 N N   . SER B 2 77 ? 8.813   -28.879 9.398   1.00 45.79 ? 77   SER B N   1 
ATOM   1354 C CA  . SER B 2 77 ? 8.597   -28.489 10.778  1.00 47.57 ? 77   SER B CA  1 
ATOM   1355 C C   . SER B 2 77 ? 8.424   -26.972 10.811  1.00 48.49 ? 77   SER B C   1 
ATOM   1356 O O   . SER B 2 77 ? 9.248   -26.234 10.271  1.00 51.91 ? 77   SER B O   1 
ATOM   1357 C CB  . SER B 2 77 ? 9.808   -28.884 11.619  1.00 48.22 ? 77   SER B CB  1 
ATOM   1358 O OG  . SER B 2 77 ? 9.832   -28.172 12.841  1.00 53.39 ? 77   SER B OG  1 
ATOM   1359 N N   . SER B 2 78 ? 7.349   -26.502 11.432  1.00 47.09 ? 78   SER B N   1 
ATOM   1360 C CA  . SER B 2 78 ? 7.115   -25.067 11.526  1.00 46.36 ? 78   SER B CA  1 
ATOM   1361 C C   . SER B 2 78 ? 6.835   -24.669 12.970  1.00 44.78 ? 78   SER B C   1 
ATOM   1362 O O   . SER B 2 78 ? 6.136   -25.380 13.696  1.00 40.69 ? 78   SER B O   1 
ATOM   1363 C CB  . SER B 2 78 ? 5.948   -24.658 10.627  1.00 47.93 ? 78   SER B CB  1 
ATOM   1364 O OG  . SER B 2 78 ? 4.793   -25.422 10.914  1.00 56.07 ? 78   SER B OG  1 
ATOM   1365 N N   . LYS B 2 79 ? 7.399   -23.540 13.391  1.00 40.02 ? 79   LYS B N   1 
ATOM   1366 C CA  . LYS B 2 79 ? 7.209   -23.051 14.752  1.00 38.48 ? 79   LYS B CA  1 
ATOM   1367 C C   . LYS B 2 79 ? 7.229   -21.529 14.829  1.00 38.21 ? 79   LYS B C   1 
ATOM   1368 O O   . LYS B 2 79 ? 8.000   -20.869 14.128  1.00 31.28 ? 79   LYS B O   1 
ATOM   1369 C CB  . LYS B 2 79 ? 8.290   -23.616 15.682  1.00 41.25 ? 79   LYS B CB  1 
ATOM   1370 C CG  . LYS B 2 79 ? 8.135   -23.171 17.136  1.00 46.14 ? 79   LYS B CG  1 
ATOM   1371 C CD  . LYS B 2 79 ? 9.026   -23.968 18.077  1.00 54.17 ? 79   LYS B CD  1 
ATOM   1372 C CE  . LYS B 2 79 ? 8.696   -23.654 19.538  1.00 60.38 ? 79   LYS B CE  1 
ATOM   1373 N NZ  . LYS B 2 79 ? 9.373   -24.569 20.511  1.00 62.30 ? 79   LYS B NZ  1 
ATOM   1374 N N   . MET B 2 80 ? 6.371   -20.986 15.689  1.00 35.70 ? 80   MET B N   1 
ATOM   1375 C CA  . MET B 2 80 ? 6.275   -19.547 15.897  1.00 35.65 ? 80   MET B CA  1 
ATOM   1376 C C   . MET B 2 80 ? 7.618   -19.008 16.331  1.00 35.18 ? 80   MET B C   1 
ATOM   1377 O O   . MET B 2 80 ? 8.366   -19.680 17.035  1.00 31.10 ? 80   MET B O   1 
ATOM   1378 C CB  . MET B 2 80 ? 5.258   -19.222 16.990  1.00 40.74 ? 80   MET B CB  1 
ATOM   1379 C CG  . MET B 2 80 ? 3.817   -19.499 16.630  1.00 47.28 ? 80   MET B CG  1 
ATOM   1380 S SD  . MET B 2 80 ? 3.285   -18.515 15.229  1.00 57.07 ? 80   MET B SD  1 
ATOM   1381 C CE  . MET B 2 80 ? 2.211   -19.673 14.388  1.00 61.31 ? 80   MET B CE  1 
ATOM   1382 N N   . GLU B 2 81 ? 7.910   -17.782 15.916  1.00 30.92 ? 81   GLU B N   1 
ATOM   1383 C CA  . GLU B 2 81 ? 9.153   -17.120 16.268  1.00 32.31 ? 81   GLU B CA  1 
ATOM   1384 C C   . GLU B 2 81 ? 8.937   -15.611 16.097  1.00 34.24 ? 81   GLU B C   1 
ATOM   1385 O O   . GLU B 2 81 ? 8.036   -15.185 15.375  1.00 32.86 ? 81   GLU B O   1 
ATOM   1386 C CB  . GLU B 2 81 ? 10.282  -17.650 15.373  1.00 31.81 ? 81   GLU B CB  1 
ATOM   1387 C CG  . GLU B 2 81 ? 11.017  -16.627 14.535  1.00 35.54 ? 81   GLU B CG  1 
ATOM   1388 C CD  . GLU B 2 81 ? 11.987  -17.271 13.551  1.00 35.93 ? 81   GLU B CD  1 
ATOM   1389 O OE1 . GLU B 2 81 ? 12.679  -16.535 12.816  1.00 29.13 ? 81   GLU B OE1 1 
ATOM   1390 O OE2 . GLU B 2 81 ? 12.054  -18.517 13.507  1.00 40.10 ? 81   GLU B OE2 1 
ATOM   1391 N N   . VAL B 2 82 ? 9.734   -14.808 16.790  1.00 33.09 ? 82   VAL B N   1 
ATOM   1392 C CA  . VAL B 2 82 ? 9.627   -13.359 16.704  1.00 27.67 ? 82   VAL B CA  1 
ATOM   1393 C C   . VAL B 2 82 ? 10.744  -12.846 15.801  1.00 30.05 ? 82   VAL B C   1 
ATOM   1394 O O   . VAL B 2 82 ? 11.909  -13.202 15.978  1.00 27.89 ? 82   VAL B O   1 
ATOM   1395 C CB  . VAL B 2 82 ? 9.768   -12.708 18.107  1.00 27.42 ? 82   VAL B CB  1 
ATOM   1396 C CG1 . VAL B 2 82 ? 9.742   -11.197 17.989  1.00 27.47 ? 82   VAL B CG1 1 
ATOM   1397 C CG2 . VAL B 2 82 ? 8.647   -13.187 19.013  1.00 30.52 ? 82   VAL B CG2 1 
ATOM   1398 N N   . MET B 2 83 ? 10.383  -12.032 14.815  1.00 28.57 ? 83   MET B N   1 
ATOM   1399 C CA  . MET B 2 83 ? 11.372  -11.472 13.906  1.00 25.18 ? 83   MET B CA  1 
ATOM   1400 C C   . MET B 2 83 ? 11.265  -9.945  13.881  1.00 24.89 ? 83   MET B C   1 
ATOM   1401 O O   . MET B 2 83 ? 10.176  -9.381  14.019  1.00 23.12 ? 83   MET B O   1 
ATOM   1402 C CB  . MET B 2 83 ? 11.187  -12.046 12.506  1.00 22.57 ? 83   MET B CB  1 
ATOM   1403 C CG  . MET B 2 83 ? 12.244  -11.582 11.526  1.00 23.82 ? 83   MET B CG  1 
ATOM   1404 S SD  . MET B 2 83 ? 12.161  -12.471 9.989   1.00 33.54 ? 83   MET B SD  1 
ATOM   1405 C CE  . MET B 2 83 ? 12.979  -14.030 10.484  1.00 29.92 ? 83   MET B CE  1 
ATOM   1406 N N   . LYS B 2 84 ? 12.404  -9.282  13.718  1.00 22.87 ? 84   LYS B N   1 
ATOM   1407 C CA  . LYS B 2 84 ? 12.441  -7.822  13.702  1.00 22.37 ? 84   LYS B CA  1 
ATOM   1408 C C   . LYS B 2 84 ? 12.271  -7.240  12.314  1.00 18.29 ? 84   LYS B C   1 
ATOM   1409 O O   . LYS B 2 84 ? 12.809  -7.759  11.345  1.00 20.79 ? 84   LYS B O   1 
ATOM   1410 C CB  . LYS B 2 84 ? 13.761  -7.322  14.303  1.00 20.52 ? 84   LYS B CB  1 
ATOM   1411 C CG  . LYS B 2 84 ? 13.916  -7.631  15.791  1.00 22.19 ? 84   LYS B CG  1 
ATOM   1412 C CD  . LYS B 2 84 ? 15.210  -7.036  16.353  1.00 27.03 ? 84   LYS B CD  1 
ATOM   1413 C CE  . LYS B 2 84 ? 15.323  -7.274  17.861  1.00 31.28 ? 84   LYS B CE  1 
ATOM   1414 N NZ  . LYS B 2 84 ? 14.204  -6.649  18.634  1.00 27.98 ? 84   LYS B NZ  1 
ATOM   1415 N N   . PHE B 2 85 ? 11.506  -6.159  12.216  1.00 17.49 ? 85   PHE B N   1 
ATOM   1416 C CA  . PHE B 2 85 ? 11.299  -5.504  10.930  1.00 18.20 ? 85   PHE B CA  1 
ATOM   1417 C C   . PHE B 2 85 ? 11.435  -3.991  11.078  1.00 17.46 ? 85   PHE B C   1 
ATOM   1418 O O   . PHE B 2 85 ? 11.101  -3.418  12.120  1.00 17.90 ? 85   PHE B O   1 
ATOM   1419 C CB  . PHE B 2 85 ? 9.917   -5.838  10.355  1.00 15.50 ? 85   PHE B CB  1 
ATOM   1420 C CG  . PHE B 2 85 ? 9.768   -7.271  9.920   1.00 22.19 ? 85   PHE B CG  1 
ATOM   1421 C CD1 . PHE B 2 85 ? 9.332   -8.243  10.811  1.00 19.36 ? 85   PHE B CD1 1 
ATOM   1422 C CD2 . PHE B 2 85 ? 10.075  -7.648  8.617   1.00 21.42 ? 85   PHE B CD2 1 
ATOM   1423 C CE1 . PHE B 2 85 ? 9.201   -9.572  10.407  1.00 21.90 ? 85   PHE B CE1 1 
ATOM   1424 C CE2 . PHE B 2 85 ? 9.949   -8.970  8.204   1.00 21.61 ? 85   PHE B CE2 1 
ATOM   1425 C CZ  . PHE B 2 85 ? 9.510   -9.936  9.099   1.00 20.49 ? 85   PHE B CZ  1 
ATOM   1426 N N   . MET B 2 86 ? 11.928  -3.345  10.034  1.00 15.79 ? 86   MET B N   1 
ATOM   1427 C CA  . MET B 2 86 ? 12.093  -1.904  10.067  1.00 15.17 ? 86   MET B CA  1 
ATOM   1428 C C   . MET B 2 86 ? 10.756  -1.247  9.752   1.00 15.43 ? 86   MET B C   1 
ATOM   1429 O O   . MET B 2 86 ? 10.036  -1.669  8.845   1.00 14.19 ? 86   MET B O   1 
ATOM   1430 C CB  . MET B 2 86 ? 13.157  -1.481  9.047   1.00 14.50 ? 86   MET B CB  1 
ATOM   1431 C CG  . MET B 2 86 ? 13.485  0.007   9.055   1.00 15.65 ? 86   MET B CG  1 
ATOM   1432 S SD  . MET B 2 86 ? 12.322  1.015   8.116   1.00 19.11 ? 86   MET B SD  1 
ATOM   1433 C CE  . MET B 2 86 ? 12.844  0.579   6.403   1.00 19.39 ? 86   MET B CE  1 
ATOM   1434 N N   . GLU B 2 87 ? 10.412  -0.220  10.518  1.00 11.23 ? 87   GLU B N   1 
ATOM   1435 C CA  . GLU B 2 87 ? 9.164   0.491   10.303  1.00 13.05 ? 87   GLU B CA  1 
ATOM   1436 C C   . GLU B 2 87 ? 9.402   2.015   10.345  1.00 15.28 ? 87   GLU B C   1 
ATOM   1437 O O   . GLU B 2 87 ? 10.124  2.515   11.208  1.00 15.99 ? 87   GLU B O   1 
ATOM   1438 C CB  . GLU B 2 87 ? 8.165   0.044   11.381  1.00 16.75 ? 87   GLU B CB  1 
ATOM   1439 C CG  . GLU B 2 87 ? 6.761   0.623   11.335  1.00 20.99 ? 87   GLU B CG  1 
ATOM   1440 C CD  . GLU B 2 87 ? 5.783   -0.165  12.233  1.00 27.23 ? 87   GLU B CD  1 
ATOM   1441 O OE1 . GLU B 2 87 ? 4.929   -0.913  11.703  1.00 20.68 ? 87   GLU B OE1 1 
ATOM   1442 O OE2 . GLU B 2 87 ? 5.879   -0.054  13.473  1.00 23.23 ? 87   GLU B OE2 1 
ATOM   1443 N N   . HIS B 2 88 ? 8.822   2.739   9.391   1.00 12.22 ? 88   HIS B N   1 
ATOM   1444 C CA  . HIS B 2 88 ? 8.948   4.197   9.348   1.00 16.33 ? 88   HIS B CA  1 
ATOM   1445 C C   . HIS B 2 88 ? 8.041   4.815   10.407  1.00 16.40 ? 88   HIS B C   1 
ATOM   1446 O O   . HIS B 2 88 ? 6.942   4.318   10.660  1.00 14.92 ? 88   HIS B O   1 
ATOM   1447 C CB  . HIS B 2 88 ? 8.560   4.727   7.970   1.00 10.98 ? 88   HIS B CB  1 
ATOM   1448 C CG  . HIS B 2 88 ? 9.574   4.426   6.905   1.00 12.31 ? 88   HIS B CG  1 
ATOM   1449 N ND1 . HIS B 2 88 ? 9.332   4.633   5.563   1.00 15.59 ? 88   HIS B ND1 1 
ATOM   1450 C CD2 . HIS B 2 88 ? 10.829  3.923   6.991   1.00 13.64 ? 88   HIS B CD2 1 
ATOM   1451 C CE1 . HIS B 2 88 ? 10.397  4.267   4.868   1.00 16.73 ? 88   HIS B CE1 1 
ATOM   1452 N NE2 . HIS B 2 88 ? 11.318  3.832   5.712   1.00 13.49 ? 88   HIS B NE2 1 
ATOM   1453 N N   . THR B 2 89 ? 8.488   5.902   11.024  1.00 13.59 ? 89   THR B N   1 
ATOM   1454 C CA  . THR B 2 89 ? 7.675   6.529   12.057  1.00 13.00 ? 89   THR B CA  1 
ATOM   1455 C C   . THR B 2 89 ? 7.220   7.936   11.711  1.00 17.72 ? 89   THR B C   1 
ATOM   1456 O O   . THR B 2 89 ? 6.121   8.326   12.058  1.00 22.54 ? 89   THR B O   1 
ATOM   1457 C CB  . THR B 2 89 ? 8.420   6.524   13.407  1.00 16.55 ? 89   THR B CB  1 
ATOM   1458 O OG1 . THR B 2 89 ? 9.723   7.083   13.236  1.00 16.87 ? 89   THR B OG1 1 
ATOM   1459 C CG2 . THR B 2 89 ? 8.570   5.094   13.908  1.00 14.77 ? 89   THR B CG2 1 
ATOM   1460 N N   . ALA B 2 90 ? 8.049   8.694   11.007  1.00 16.62 ? 90   ALA B N   1 
ATOM   1461 C CA  . ALA B 2 90 ? 7.684   10.059  10.638  1.00 21.26 ? 90   ALA B CA  1 
ATOM   1462 C C   . ALA B 2 90 ? 8.059   10.276  9.180   1.00 18.89 ? 90   ALA B C   1 
ATOM   1463 O O   . ALA B 2 90 ? 9.056   9.726   8.714   1.00 19.95 ? 90   ALA B O   1 
ATOM   1464 C CB  . ALA B 2 90 ? 8.407   11.051  11.531  1.00 22.97 ? 90   ALA B CB  1 
ATOM   1465 N N   . CYS B 2 91 ? 7.262   11.077  8.472   1.00 19.58 ? 91   CYS B N   1 
ATOM   1466 C CA  . CYS B 2 91 ? 7.480   11.341  7.051   1.00 18.30 ? 91   CYS B CA  1 
ATOM   1467 C C   . CYS B 2 91 ? 7.396   12.816  6.692   1.00 18.92 ? 91   CYS B C   1 
ATOM   1468 O O   . CYS B 2 91 ? 6.764   13.606  7.386   1.00 19.77 ? 91   CYS B O   1 
ATOM   1469 C CB  . CYS B 2 91 ? 6.434   10.619  6.207   1.00 18.76 ? 91   CYS B CB  1 
ATOM   1470 S SG  . CYS B 2 91 ? 6.048   8.918   6.715   1.00 18.40 ? 91   CYS B SG  1 
ATOM   1471 N N   . GLU B 2 92 ? 7.985   13.148  5.554   1.00 22.25 ? 92   GLU B N   1 
ATOM   1472 C CA  . GLU B 2 92 ? 8.001   14.513  5.058   1.00 28.02 ? 92   GLU B CA  1 
ATOM   1473 C C   . GLU B 2 92 ? 8.346   14.552  3.572   1.00 25.14 ? 92   GLU B C   1 
ATOM   1474 O O   . GLU B 2 92 ? 9.154   13.765  3.080   1.00 23.54 ? 92   GLU B O   1 
ATOM   1475 C CB  . GLU B 2 92 ? 9.021   15.313  5.862   1.00 33.82 ? 92   GLU B CB  1 
ATOM   1476 C CG  . GLU B 2 92 ? 9.240   16.729  5.402   1.00 47.06 ? 92   GLU B CG  1 
ATOM   1477 C CD  . GLU B 2 92 ? 9.989   17.537  6.438   1.00 47.15 ? 92   GLU B CD  1 
ATOM   1478 O OE1 . GLU B 2 92 ? 11.053  17.064  6.904   1.00 39.32 ? 92   GLU B OE1 1 
ATOM   1479 O OE2 . GLU B 2 92 ? 9.509   18.638  6.782   1.00 51.73 ? 92   GLU B OE2 1 
ATOM   1480 N N   . CYS B 2 93 ? 7.716   15.464  2.849   1.00 26.33 ? 93   CYS B N   1 
ATOM   1481 C CA  . CYS B 2 93 ? 8.006   15.593  1.435   1.00 30.55 ? 93   CYS B CA  1 
ATOM   1482 C C   . CYS B 2 93 ? 9.347   16.297  1.308   1.00 34.46 ? 93   CYS B C   1 
ATOM   1483 O O   . CYS B 2 93 ? 9.531   17.397  1.823   1.00 41.07 ? 93   CYS B O   1 
ATOM   1484 C CB  . CYS B 2 93 ? 6.905   16.396  0.748   1.00 24.60 ? 93   CYS B CB  1 
ATOM   1485 S SG  . CYS B 2 93 ? 5.379   15.439  0.519   1.00 25.14 ? 93   CYS B SG  1 
ATOM   1486 N N   . ARG B 2 94 ? 10.300  15.653  0.647   1.00 39.94 ? 94   ARG B N   1 
ATOM   1487 C CA  . ARG B 2 94 ? 11.615  16.249  0.478   1.00 44.36 ? 94   ARG B CA  1 
ATOM   1488 C C   . ARG B 2 94 ? 12.064  16.249  -0.968  1.00 48.53 ? 94   ARG B C   1 
ATOM   1489 O O   . ARG B 2 94 ? 11.674  15.386  -1.754  1.00 47.26 ? 94   ARG B O   1 
ATOM   1490 C CB  . ARG B 2 94 ? 12.652  15.527  1.334   1.00 43.29 ? 94   ARG B CB  1 
ATOM   1491 C CG  . ARG B 2 94 ? 12.533  15.815  2.813   1.00 53.23 ? 94   ARG B CG  1 
ATOM   1492 C CD  . ARG B 2 94 ? 13.686  15.191  3.567   1.00 60.30 ? 94   ARG B CD  1 
ATOM   1493 N NE  . ARG B 2 94 ? 13.604  15.441  5.001   1.00 66.85 ? 94   ARG B NE  1 
ATOM   1494 C CZ  . ARG B 2 94 ? 13.818  16.621  5.573   1.00 68.75 ? 94   ARG B CZ  1 
ATOM   1495 N NH1 . ARG B 2 94 ? 14.131  17.680  4.832   1.00 66.09 ? 94   ARG B NH1 1 
ATOM   1496 N NH2 . ARG B 2 94 ? 13.720  16.738  6.892   1.00 68.14 ? 94   ARG B NH2 1 
ATOM   1497 N N   . PRO B 2 95 ? 12.901  17.227  -1.336  1.00 54.59 ? 95   PRO B N   1 
ATOM   1498 C CA  . PRO B 2 95 ? 13.421  17.379  -2.694  1.00 57.34 ? 95   PRO B CA  1 
ATOM   1499 C C   . PRO B 2 95 ? 13.875  16.066  -3.323  1.00 60.26 ? 95   PRO B C   1 
ATOM   1500 O O   . PRO B 2 95 ? 13.509  15.748  -4.455  1.00 63.04 ? 95   PRO B O   1 
ATOM   1501 C CB  . PRO B 2 95 ? 14.562  18.370  -2.505  1.00 58.45 ? 95   PRO B CB  1 
ATOM   1502 C CG  . PRO B 2 95 ? 14.021  19.273  -1.441  1.00 57.09 ? 95   PRO B CG  1 
ATOM   1503 C CD  . PRO B 2 95 ? 13.430  18.286  -0.453  1.00 56.20 ? 95   PRO B CD  1 
ATOM   1504 N N   . ALA B 2 96 ? 14.669  15.302  -2.584  1.00 62.41 ? 96   ALA B N   1 
ATOM   1505 C CA  . ALA B 2 96 ? 15.171  14.028  -3.085  1.00 67.82 ? 96   ALA B CA  1 
ATOM   1506 C C   . ALA B 2 96 ? 15.901  14.213  -4.420  1.00 68.90 ? 96   ALA B C   1 
ATOM   1507 O O   . ALA B 2 96 ? 15.499  13.571  -5.417  1.00 68.21 ? 96   ALA B O   1 
ATOM   1508 C CB  . ALA B 2 96 ? 14.014  13.040  -3.245  1.00 68.42 ? 96   ALA B CB  1 
ATOM   1509 O OXT . ALA B 2 96 ? 16.872  15.001  -4.453  1.00 71.26 ? 96   ALA B OXT 1 
HETATM 1510 O O   . HOH C 3 .  ? -9.765  -5.860  3.420   1.00 21.42 ? 1001 HOH A O   1 
HETATM 1511 O O   . HOH C 3 .  ? -9.569  -11.340 2.207   1.00 21.25 ? 1005 HOH A O   1 
HETATM 1512 O O   . HOH C 3 .  ? -0.021  -11.742 -4.735  1.00 23.60 ? 1006 HOH A O   1 
HETATM 1513 O O   . HOH C 3 .  ? -3.926  -14.998 1.555   1.00 21.78 ? 1008 HOH A O   1 
HETATM 1514 O O   . HOH C 3 .  ? 4.653   0.452   18.018  1.00 20.39 ? 1010 HOH A O   1 
HETATM 1515 O O   . HOH C 3 .  ? -1.257  12.237  -11.359 1.00 12.81 ? 1012 HOH A O   1 
HETATM 1516 O O   . HOH C 3 .  ? -5.836  0.837   -12.951 1.00 23.68 ? 1014 HOH A O   1 
HETATM 1517 O O   . HOH C 3 .  ? -3.899  -1.456  -8.680  1.00 26.52 ? 1015 HOH A O   1 
HETATM 1518 O O   . HOH C 3 .  ? -9.850  5.385   -14.137 1.00 19.10 ? 1016 HOH A O   1 
HETATM 1519 O O   . HOH C 3 .  ? -6.184  -13.571 11.402  1.00 23.09 ? 1017 HOH A O   1 
HETATM 1520 O O   . HOH C 3 .  ? -10.974 -8.390  0.577   1.00 20.95 ? 1020 HOH A O   1 
HETATM 1521 O O   . HOH C 3 .  ? -9.808  -8.527  5.522   1.00 17.13 ? 1021 HOH A O   1 
HETATM 1522 O O   . HOH C 3 .  ? 0.645   -14.181 -3.252  1.00 20.90 ? 1022 HOH A O   1 
HETATM 1523 O O   . HOH C 3 .  ? -1.960  2.806   -11.026 1.00 27.67 ? 1023 HOH A O   1 
HETATM 1524 O O   . HOH C 3 .  ? -10.083 9.691   -18.369 1.00 17.38 ? 1025 HOH A O   1 
HETATM 1525 O O   . HOH C 3 .  ? -4.436  -5.761  -7.552  1.00 26.76 ? 1026 HOH A O   1 
HETATM 1526 O O   . HOH C 3 .  ? -7.398  -3.576  4.022   1.00 19.50 ? 1031 HOH A O   1 
HETATM 1527 O O   . HOH C 3 .  ? -5.848  17.216  -18.296 1.00 21.73 ? 1033 HOH A O   1 
HETATM 1528 O O   . HOH C 3 .  ? -3.156  -3.311  -3.004  1.00 18.51 ? 1034 HOH A O   1 
HETATM 1529 O O   . HOH C 3 .  ? -14.810 24.342  -7.085  1.00 32.60 ? 1035 HOH A O   1 
HETATM 1530 O O   . HOH C 3 .  ? -14.288 10.423  -13.988 1.00 18.64 ? 1036 HOH A O   1 
HETATM 1531 O O   . HOH C 3 .  ? -9.425  4.042   -11.805 1.00 15.79 ? 1037 HOH A O   1 
HETATM 1532 O O   . HOH C 3 .  ? -0.443  9.892   -19.526 1.00 14.67 ? 1038 HOH A O   1 
HETATM 1533 O O   . HOH C 3 .  ? -3.195  -19.457 -1.412  1.00 33.29 ? 1040 HOH A O   1 
HETATM 1534 O O   . HOH C 3 .  ? -11.132 -10.728 -0.938  1.00 20.70 ? 1041 HOH A O   1 
HETATM 1535 O O   . HOH C 3 .  ? -0.097  2.198   -2.198  1.00 18.31 ? 1048 HOH A O   1 
HETATM 1536 O O   . HOH C 3 .  ? -6.697  -0.998  3.663   1.00 18.97 ? 1051 HOH A O   1 
HETATM 1537 O O   . HOH C 3 .  ? -15.999 21.175  -12.736 1.00 27.23 ? 1052 HOH A O   1 
HETATM 1538 O O   . HOH C 3 .  ? -17.103 18.623  -7.352  1.00 37.11 ? 1053 HOH A O   1 
HETATM 1539 O O   . HOH C 3 .  ? -0.433  7.956   -17.731 1.00 25.11 ? 1054 HOH A O   1 
HETATM 1540 O O   . HOH C 3 .  ? -8.252  1.296   6.528   1.00 32.21 ? 1056 HOH A O   1 
HETATM 1541 O O   . HOH C 3 .  ? -7.375  -15.482 4.708   1.00 19.47 ? 1057 HOH A O   1 
HETATM 1542 O O   . HOH C 3 .  ? -1.735  -3.282  -5.196  1.00 28.31 ? 1060 HOH A O   1 
HETATM 1543 O O   . HOH C 3 .  ? -0.331  -9.103  -3.743  1.00 23.65 ? 1061 HOH A O   1 
HETATM 1544 O O   . HOH C 3 .  ? -0.739  -14.587 3.912   1.00 20.27 ? 1063 HOH A O   1 
HETATM 1545 O O   . HOH C 3 .  ? -9.957  23.962  -13.635 1.00 25.87 ? 1066 HOH A O   1 
HETATM 1546 O O   . HOH C 3 .  ? -1.929  15.654  -15.239 1.00 23.83 ? 1068 HOH A O   1 
HETATM 1547 O O   . HOH C 3 .  ? -5.718  16.365  -21.564 1.00 24.35 ? 1069 HOH A O   1 
HETATM 1548 O O   . HOH C 3 .  ? -1.206  16.732  -11.270 1.00 28.50 ? 1070 HOH A O   1 
HETATM 1549 O O   . HOH C 3 .  ? -1.682  3.847   -16.735 1.00 32.08 ? 1071 HOH A O   1 
HETATM 1550 O O   . HOH C 3 .  ? -18.919 3.231   -4.462  1.00 30.14 ? 1073 HOH A O   1 
HETATM 1551 O O   . HOH C 3 .  ? -14.859 3.396   -1.909  1.00 26.22 ? 1074 HOH A O   1 
HETATM 1552 O O   . HOH C 3 .  ? -11.565 3.381   -0.892  1.00 21.00 ? 1075 HOH A O   1 
HETATM 1553 O O   . HOH C 3 .  ? 0.286   -4.288  -1.380  1.00 31.18 ? 1077 HOH A O   1 
HETATM 1554 O O   . HOH C 3 .  ? -3.639  -17.778 0.743   1.00 40.74 ? 1081 HOH A O   1 
HETATM 1555 O O   . HOH C 3 .  ? -6.240  3.206   5.493   1.00 26.74 ? 1082 HOH A O   1 
HETATM 1556 O O   . HOH C 3 .  ? -0.773  18.136  -7.541  1.00 32.50 ? 1090 HOH A O   1 
HETATM 1557 O O   . HOH C 3 .  ? -7.492  -4.784  -11.892 1.00 29.23 ? 1092 HOH A O   1 
HETATM 1558 O O   . HOH C 3 .  ? -13.580 14.331  -13.671 1.00 24.69 ? 1097 HOH A O   1 
HETATM 1559 O O   . HOH C 3 .  ? -0.162  -6.878  10.676  1.00 29.17 ? 1098 HOH A O   1 
HETATM 1560 O O   . HOH C 3 .  ? 0.898   -2.951  13.362  1.00 26.62 ? 1099 HOH A O   1 
HETATM 1561 O O   . HOH C 3 .  ? 5.158   -8.347  23.916  1.00 30.20 ? 1100 HOH A O   1 
HETATM 1562 O O   . HOH C 3 .  ? 0.162   -16.914 4.581   1.00 35.48 ? 1101 HOH A O   1 
HETATM 1563 O O   . HOH C 3 .  ? -0.738  1.759   -7.680  1.00 33.65 ? 1102 HOH A O   1 
HETATM 1564 O O   . HOH C 3 .  ? -9.991  -14.647 -0.331  1.00 36.52 ? 1103 HOH A O   1 
HETATM 1565 O O   . HOH C 3 .  ? -11.477 15.832  -18.918 1.00 29.06 ? 1105 HOH A O   1 
HETATM 1566 O O   . HOH C 3 .  ? 2.545   -0.004  21.104  1.00 34.19 ? 1108 HOH A O   1 
HETATM 1567 O O   . HOH C 3 .  ? -1.318  14.652  -12.876 1.00 28.40 ? 1109 HOH A O   1 
HETATM 1568 O O   . HOH C 3 .  ? -4.220  2.007   -14.511 1.00 36.17 ? 1110 HOH A O   1 
HETATM 1569 O O   . HOH C 3 .  ? -11.366 11.590  -20.981 1.00 29.85 ? 1111 HOH A O   1 
HETATM 1570 O O   . HOH C 3 .  ? 0.891   11.494  -7.961  1.00 29.48 ? 1112 HOH A O   1 
HETATM 1571 O O   . HOH C 3 .  ? -19.237 2.259   -12.305 1.00 37.99 ? 1113 HOH A O   1 
HETATM 1572 O O   . HOH C 3 .  ? 1.027   17.365  -9.751  1.00 35.91 ? 1114 HOH A O   1 
HETATM 1573 O O   . HOH C 3 .  ? -19.746 0.487   -9.042  1.00 34.32 ? 1115 HOH A O   1 
HETATM 1574 O O   . HOH C 3 .  ? -13.728 -13.348 -2.268  1.00 49.14 ? 1117 HOH A O   1 
HETATM 1575 O O   . HOH C 3 .  ? -9.400  4.407   3.105   1.00 49.24 ? 1120 HOH A O   1 
HETATM 1576 O O   . HOH C 3 .  ? -3.113  23.864  -8.338  1.00 41.82 ? 1122 HOH A O   1 
HETATM 1577 O O   . HOH C 3 .  ? 1.663   9.288   -7.304  1.00 34.22 ? 1133 HOH A O   1 
HETATM 1578 O O   . HOH C 3 .  ? -4.095  1.968   5.298   1.00 33.93 ? 1135 HOH A O   1 
HETATM 1579 O O   . HOH C 3 .  ? -4.400  -21.482 -2.323  1.00 39.13 ? 1136 HOH A O   1 
HETATM 1580 O O   . HOH C 3 .  ? 2.871   -16.453 -8.248  1.00 40.28 ? 1137 HOH A O   1 
HETATM 1581 O O   . HOH C 3 .  ? -5.174  -6.090  -11.120 1.00 44.36 ? 1138 HOH A O   1 
HETATM 1582 O O   . HOH C 3 .  ? -17.139 -9.380  -5.627  1.00 39.25 ? 1139 HOH A O   1 
HETATM 1583 O O   . HOH C 3 .  ? 0.115   -19.428 -13.364 1.00 43.77 ? 1140 HOH A O   1 
HETATM 1584 O O   . HOH D 3 .  ? 3.808   7.097   12.187  1.00 12.31 ? 1002 HOH B O   1 
HETATM 1585 O O   . HOH D 3 .  ? -2.109  2.727   7.194   1.00 18.30 ? 1003 HOH B O   1 
HETATM 1586 O O   . HOH D 3 .  ? 2.356   10.124  9.372   1.00 14.68 ? 1004 HOH B O   1 
HETATM 1587 O O   . HOH D 3 .  ? -1.272  8.496   9.139   1.00 15.99 ? 1007 HOH B O   1 
HETATM 1588 O O   . HOH D 3 .  ? -1.122  12.544  7.518   1.00 27.35 ? 1009 HOH B O   1 
HETATM 1589 O O   . HOH D 3 .  ? 14.797  7.276   13.609  1.00 25.22 ? 1011 HOH B O   1 
HETATM 1590 O O   . HOH D 3 .  ? 5.739   -12.849 0.026   1.00 22.54 ? 1013 HOH B O   1 
HETATM 1591 O O   . HOH D 3 .  ? -7.230  9.723   -1.398  1.00 13.01 ? 1018 HOH B O   1 
HETATM 1592 O O   . HOH D 3 .  ? -1.992  5.378   7.455   1.00 16.28 ? 1019 HOH B O   1 
HETATM 1593 O O   . HOH D 3 .  ? 12.240  -4.104  18.593  1.00 38.91 ? 1024 HOH B O   1 
HETATM 1594 O O   . HOH D 3 .  ? -19.305 10.039  0.653   1.00 41.07 ? 1027 HOH B O   1 
HETATM 1595 O O   . HOH D 3 .  ? -14.644 6.093   -1.701  1.00 34.96 ? 1028 HOH B O   1 
HETATM 1596 O O   . HOH D 3 .  ? 4.989   12.579  -4.384  1.00 36.46 ? 1029 HOH B O   1 
HETATM 1597 O O   . HOH D 3 .  ? 14.782  -2.188  12.055  1.00 27.61 ? 1030 HOH B O   1 
HETATM 1598 O O   . HOH D 3 .  ? 6.203   10.657  -2.905  1.00 26.28 ? 1032 HOH B O   1 
HETATM 1599 O O   . HOH D 3 .  ? -0.368  15.929  -4.391  1.00 27.00 ? 1039 HOH B O   1 
HETATM 1600 O O   . HOH D 3 .  ? -0.038  6.385   10.463  1.00 16.03 ? 1042 HOH B O   1 
HETATM 1601 O O   . HOH D 3 .  ? -9.228  9.187   0.428   1.00 22.58 ? 1043 HOH B O   1 
HETATM 1602 O O   . HOH D 3 .  ? 1.764   15.131  1.109   1.00 22.00 ? 1044 HOH B O   1 
HETATM 1603 O O   . HOH D 3 .  ? 12.572  -4.884  7.751   1.00 20.77 ? 1045 HOH B O   1 
HETATM 1604 O O   . HOH D 3 .  ? 7.872   14.423  9.442   1.00 17.81 ? 1046 HOH B O   1 
HETATM 1605 O O   . HOH D 3 .  ? 1.216   -8.358  8.791   1.00 13.74 ? 1047 HOH B O   1 
HETATM 1606 O O   . HOH D 3 .  ? 8.703   -14.285 -0.438  1.00 35.77 ? 1049 HOH B O   1 
HETATM 1607 O O   . HOH D 3 .  ? 11.442  6.882   15.369  1.00 19.80 ? 1050 HOH B O   1 
HETATM 1608 O O   . HOH D 3 .  ? 9.159   0.805   1.994   1.00 36.06 ? 1055 HOH B O   1 
HETATM 1609 O O   . HOH D 3 .  ? 4.621   -22.700 17.426  1.00 30.54 ? 1058 HOH B O   1 
HETATM 1610 O O   . HOH D 3 .  ? 1.239   0.909   1.059   1.00 28.04 ? 1059 HOH B O   1 
HETATM 1611 O O   . HOH D 3 .  ? 16.419  -0.202  11.089  1.00 27.65 ? 1062 HOH B O   1 
HETATM 1612 O O   . HOH D 3 .  ? -1.089  -3.098  9.685   1.00 28.34 ? 1064 HOH B O   1 
HETATM 1613 O O   . HOH D 3 .  ? 5.603   18.570  -1.427  1.00 28.96 ? 1065 HOH B O   1 
HETATM 1614 O O   . HOH D 3 .  ? 14.039  -2.506  5.050   1.00 28.15 ? 1067 HOH B O   1 
HETATM 1615 O O   . HOH D 3 .  ? 1.448   12.107  -11.028 1.00 27.39 ? 1072 HOH B O   1 
HETATM 1616 O O   . HOH D 3 .  ? 0.838   14.261  6.570   1.00 27.39 ? 1076 HOH B O   1 
HETATM 1617 O O   . HOH D 3 .  ? 1.694   -2.655  0.280   1.00 20.60 ? 1078 HOH B O   1 
HETATM 1618 O O   . HOH D 3 .  ? 16.672  -18.915 6.674   1.00 35.42 ? 1079 HOH B O   1 
HETATM 1619 O O   . HOH D 3 .  ? 9.335   -13.854 2.058   1.00 29.42 ? 1080 HOH B O   1 
HETATM 1620 O O   . HOH D 3 .  ? -0.959  15.063  -1.476  1.00 31.49 ? 1083 HOH B O   1 
HETATM 1621 O O   . HOH D 3 .  ? 14.903  -10.545 13.876  1.00 25.18 ? 1084 HOH B O   1 
HETATM 1622 O O   . HOH D 3 .  ? 13.629  -14.093 14.284  1.00 35.01 ? 1085 HOH B O   1 
HETATM 1623 O O   . HOH D 3 .  ? 11.379  -15.782 18.580  1.00 37.94 ? 1086 HOH B O   1 
HETATM 1624 O O   . HOH D 3 .  ? 16.432  -7.303  8.139   1.00 34.95 ? 1087 HOH B O   1 
HETATM 1625 O O   . HOH D 3 .  ? 4.960   7.894   -2.214  1.00 31.73 ? 1088 HOH B O   1 
HETATM 1626 O O   . HOH D 3 .  ? 7.119   -3.186  0.043   1.00 33.92 ? 1089 HOH B O   1 
HETATM 1627 O O   . HOH D 3 .  ? 2.001   -16.376 2.758   1.00 33.85 ? 1091 HOH B O   1 
HETATM 1628 O O   . HOH D 3 .  ? 13.141  -9.525  19.236  1.00 39.08 ? 1093 HOH B O   1 
HETATM 1629 O O   . HOH D 3 .  ? 7.087   -16.717 19.232  1.00 31.37 ? 1094 HOH B O   1 
HETATM 1630 O O   . HOH D 3 .  ? 9.630   -33.545 4.801   1.00 46.16 ? 1095 HOH B O   1 
HETATM 1631 O O   . HOH D 3 .  ? 14.854  -4.955  8.911   1.00 27.61 ? 1096 HOH B O   1 
HETATM 1632 O O   . HOH D 3 .  ? -3.813  5.733   9.417   1.00 28.54 ? 1104 HOH B O   1 
HETATM 1633 O O   . HOH D 3 .  ? 11.035  12.321  -6.524  1.00 48.92 ? 1106 HOH B O   1 
HETATM 1634 O O   . HOH D 3 .  ? 13.831  -34.110 6.266   1.00 26.38 ? 1107 HOH B O   1 
HETATM 1635 O O   . HOH D 3 .  ? -16.881 6.938   -3.433  1.00 38.40 ? 1116 HOH B O   1 
HETATM 1636 O O   . HOH D 3 .  ? -10.898 9.240   4.280   1.00 37.08 ? 1119 HOH B O   1 
HETATM 1637 O O   . HOH D 3 .  ? -4.832  -0.697  5.398   1.00 32.36 ? 1121 HOH B O   1 
HETATM 1638 O O   . HOH D 3 .  ? -1.710  17.714  -3.644  1.00 37.80 ? 1123 HOH B O   1 
HETATM 1639 O O   . HOH D 3 .  ? 0.777   -0.953  9.656   1.00 23.34 ? 1124 HOH B O   1 
HETATM 1640 O O   . HOH D 3 .  ? 2.201   -0.900  12.280  1.00 26.73 ? 1125 HOH B O   1 
HETATM 1641 O O   . HOH D 3 .  ? 22.896  -13.216 3.807   1.00 39.60 ? 1126 HOH B O   1 
HETATM 1642 O O   . HOH D 3 .  ? 9.289   -17.039 3.212   1.00 33.20 ? 1127 HOH B O   1 
HETATM 1643 O O   . HOH D 3 .  ? 14.943  7.828   8.755   1.00 41.83 ? 1128 HOH B O   1 
HETATM 1644 O O   . HOH D 3 .  ? 15.148  1.246   15.525  1.00 40.59 ? 1129 HOH B O   1 
HETATM 1645 O O   . HOH D 3 .  ? 10.631  -20.914 14.309  1.00 27.31 ? 1130 HOH B O   1 
HETATM 1646 O O   . HOH D 3 .  ? 11.577  -23.813 12.576  1.00 46.78 ? 1131 HOH B O   1 
HETATM 1647 O O   . HOH D 3 .  ? 13.549  -11.214 17.196  1.00 38.17 ? 1132 HOH B O   1 
HETATM 1648 O O   . HOH D 3 .  ? -2.318  1.444   3.382   1.00 25.33 ? 1134 HOH B O   1 
HETATM 1649 O O   . HOH D 3 .  ? -2.073  2.000   9.905   1.00 40.85 ? 1141 HOH B O   1 
HETATM 1650 O O   . HOH D 3 .  ? 15.761  -18.605 1.558   1.00 43.96 ? 1142 HOH B O   1 
HETATM 1651 O O   . HOH D 3 .  ? 15.923  -3.225  7.295   1.00 37.45 ? 1143 HOH B O   1 
HETATM 1652 O O   . HOH D 3 .  ? 17.226  -28.794 7.758   1.00 27.76 ? 1144 HOH B O   1 
# 
